data_3SZ5
# 
_entry.id   3SZ5 
# 
_audit_conform.dict_name       mmcif_pdbx.dic 
_audit_conform.dict_version    5.380 
_audit_conform.dict_location   http://mmcif.pdb.org/dictionaries/ascii/mmcif_pdbx.dic 
# 
loop_
_database_2.database_id 
_database_2.database_code 
_database_2.pdbx_database_accession 
_database_2.pdbx_DOI 
PDB   3SZ5         pdb_00003sz5 10.2210/pdb3sz5/pdb 
NDB   NA1248       ?            ?                   
RCSB  RCSB066833   ?            ?                   
WWPDB D_1000066833 ?            ?                   
# 
loop_
_pdbx_database_related.db_name 
_pdbx_database_related.db_id 
_pdbx_database_related.details 
_pdbx_database_related.content_type 
PDB 3SYY 'Crystal Structure of an alkaline exonuclease (LHK-Exo) from Laribacter hongkongensis' unspecified 
PDB 3SZ4 'Crystal Structure of LHK-Exo in complex with dAMP'                                    unspecified 
# 
_pdbx_database_status.status_code                     REL 
_pdbx_database_status.entry_id                        3SZ5 
_pdbx_database_status.recvd_initial_deposition_date   2011-07-18 
_pdbx_database_status.deposit_site                    RCSB 
_pdbx_database_status.process_site                    PDBJ 
_pdbx_database_status.status_code_sf                  REL 
_pdbx_database_status.status_code_mr                  ? 
_pdbx_database_status.SG_entry                        ? 
_pdbx_database_status.status_code_cs                  ? 
_pdbx_database_status.pdb_format_compatible           Y 
_pdbx_database_status.status_code_nmr_data            ? 
_pdbx_database_status.methods_development_category    ? 
# 
loop_
_audit_author.name 
_audit_author.pdbx_ordinal 
'Yang, W.'    1 
'Chen, W.Y.'  2 
'Wang, H.'    3 
'Zhang, Q.'   4 
'Zhou, W.'    5 
'Bartlam, M.' 6 
'Watt, R.M.'  7 
'Rao, Z.'     8 
# 
_citation.id                        primary 
_citation.title                     
'Structural and functional insight into the mechanism of an alkaline exonuclease from Laribacter hongkongensis.' 
_citation.journal_abbrev            'Nucleic Acids Res.' 
_citation.journal_volume            39 
_citation.page_first                9803 
_citation.page_last                 9819 
_citation.year                      2011 
_citation.journal_id_ASTM           NARHAD 
_citation.country                   UK 
_citation.journal_id_ISSN           0305-1048 
_citation.journal_id_CSD            0389 
_citation.book_publisher            ? 
_citation.pdbx_database_id_PubMed   21893587 
_citation.pdbx_database_id_DOI      10.1093/nar/gkr660 
# 
loop_
_citation_author.citation_id 
_citation_author.name 
_citation_author.ordinal 
_citation_author.identifier_ORCID 
primary 'Yang, W.'    1  ? 
primary 'Chen, W.Y.'  2  ? 
primary 'Wang, H.'    3  ? 
primary 'Ho, J.W.'    4  ? 
primary 'Huang, J.D.' 5  ? 
primary 'Woo, P.C.'   6  ? 
primary 'Lau, S.K.'   7  ? 
primary 'Yuen, K.Y.'  8  ? 
primary 'Zhang, Q.'   9  ? 
primary 'Zhou, W.'    10 ? 
primary 'Bartlam, M.' 11 ? 
primary 'Watt, R.M.'  12 ? 
primary 'Rao, Z.'     13 ? 
# 
_cell.entry_id           3SZ5 
_cell.length_a           108.697 
_cell.length_b           108.697 
_cell.length_c           48.219 
_cell.angle_alpha        90.00 
_cell.angle_beta         90.00 
_cell.angle_gamma        120.00 
_cell.Z_PDB              6 
_cell.pdbx_unique_axis   ? 
_cell.length_a_esd       ? 
_cell.length_b_esd       ? 
_cell.length_c_esd       ? 
_cell.angle_alpha_esd    ? 
_cell.angle_beta_esd     ? 
_cell.angle_gamma_esd    ? 
# 
_symmetry.entry_id                         3SZ5 
_symmetry.space_group_name_H-M             'P 63' 
_symmetry.pdbx_full_space_group_name_H-M   ? 
_symmetry.cell_setting                     ? 
_symmetry.Int_Tables_number                173 
_symmetry.space_group_name_Hall            ? 
# 
loop_
_entity.id 
_entity.type 
_entity.src_method 
_entity.pdbx_description 
_entity.formula_weight 
_entity.pdbx_number_of_molecules 
_entity.pdbx_ec 
_entity.pdbx_mutation 
_entity.pdbx_fragment 
_entity.details 
1 polymer     man Exonuclease             24476.742 1 ? ? ? ? 
2 polymer     syn "5'-D(P*TP*TP*TP*T)-3'" 1171.814  1 ? ? ? ? 
3 non-polymer syn 'MAGNESIUM ION'         24.305    2 ? ? ? ? 
# 
_entity_name_com.entity_id   1 
_entity_name_com.name        'alkaline exonuclease, LHK-Exo' 
# 
loop_
_entity_poly.entity_id 
_entity_poly.type 
_entity_poly.nstd_linkage 
_entity_poly.nstd_monomer 
_entity_poly.pdbx_seq_one_letter_code 
_entity_poly.pdbx_seq_one_letter_code_can 
_entity_poly.pdbx_strand_id 
_entity_poly.pdbx_target_identifier 
1 'polypeptide(L)'        no no 
;MEQRTEEWFAARLGKVTASRVADVMTKTKSGYAASRQNYMAELICQRLTGTQEIRFSNAAMQRGTELEPHARARYIIETG
EIVTEVGLIDHPTIAGFGASPDGLVGDTGLIEIKCPNTWTHIETIKTGKPKPEYIKQMQTQMACTGRQWCDFVSYDDRLP
DDMQYFCTRIERDDALIAEIETEVSAFLAELEAEIEYLKRKAAKLAAALEHHHHHH
;
;MEQRTEEWFAARLGKVTASRVADVMTKTKSGYAASRQNYMAELICQRLTGTQEIRFSNAAMQRGTELEPHARARYIIETG
EIVTEVGLIDHPTIAGFGASPDGLVGDTGLIEIKCPNTWTHIETIKTGKPKPEYIKQMQTQMACTGRQWCDFVSYDDRLP
DDMQYFCTRIERDDALIAEIETEVSAFLAELEAEIEYLKRKAAKLAAALEHHHHHH
;
A ? 
2 polydeoxyribonucleotide no no '(DT)(DT)(DT)(DT)' TTTT B ? 
# 
loop_
_entity_poly_seq.entity_id 
_entity_poly_seq.num 
_entity_poly_seq.mon_id 
_entity_poly_seq.hetero 
1 1   MET n 
1 2   GLU n 
1 3   GLN n 
1 4   ARG n 
1 5   THR n 
1 6   GLU n 
1 7   GLU n 
1 8   TRP n 
1 9   PHE n 
1 10  ALA n 
1 11  ALA n 
1 12  ARG n 
1 13  LEU n 
1 14  GLY n 
1 15  LYS n 
1 16  VAL n 
1 17  THR n 
1 18  ALA n 
1 19  SER n 
1 20  ARG n 
1 21  VAL n 
1 22  ALA n 
1 23  ASP n 
1 24  VAL n 
1 25  MET n 
1 26  THR n 
1 27  LYS n 
1 28  THR n 
1 29  LYS n 
1 30  SER n 
1 31  GLY n 
1 32  TYR n 
1 33  ALA n 
1 34  ALA n 
1 35  SER n 
1 36  ARG n 
1 37  GLN n 
1 38  ASN n 
1 39  TYR n 
1 40  MET n 
1 41  ALA n 
1 42  GLU n 
1 43  LEU n 
1 44  ILE n 
1 45  CYS n 
1 46  GLN n 
1 47  ARG n 
1 48  LEU n 
1 49  THR n 
1 50  GLY n 
1 51  THR n 
1 52  GLN n 
1 53  GLU n 
1 54  ILE n 
1 55  ARG n 
1 56  PHE n 
1 57  SER n 
1 58  ASN n 
1 59  ALA n 
1 60  ALA n 
1 61  MET n 
1 62  GLN n 
1 63  ARG n 
1 64  GLY n 
1 65  THR n 
1 66  GLU n 
1 67  LEU n 
1 68  GLU n 
1 69  PRO n 
1 70  HIS n 
1 71  ALA n 
1 72  ARG n 
1 73  ALA n 
1 74  ARG n 
1 75  TYR n 
1 76  ILE n 
1 77  ILE n 
1 78  GLU n 
1 79  THR n 
1 80  GLY n 
1 81  GLU n 
1 82  ILE n 
1 83  VAL n 
1 84  THR n 
1 85  GLU n 
1 86  VAL n 
1 87  GLY n 
1 88  LEU n 
1 89  ILE n 
1 90  ASP n 
1 91  HIS n 
1 92  PRO n 
1 93  THR n 
1 94  ILE n 
1 95  ALA n 
1 96  GLY n 
1 97  PHE n 
1 98  GLY n 
1 99  ALA n 
1 100 SER n 
1 101 PRO n 
1 102 ASP n 
1 103 GLY n 
1 104 LEU n 
1 105 VAL n 
1 106 GLY n 
1 107 ASP n 
1 108 THR n 
1 109 GLY n 
1 110 LEU n 
1 111 ILE n 
1 112 GLU n 
1 113 ILE n 
1 114 LYS n 
1 115 CYS n 
1 116 PRO n 
1 117 ASN n 
1 118 THR n 
1 119 TRP n 
1 120 THR n 
1 121 HIS n 
1 122 ILE n 
1 123 GLU n 
1 124 THR n 
1 125 ILE n 
1 126 LYS n 
1 127 THR n 
1 128 GLY n 
1 129 LYS n 
1 130 PRO n 
1 131 LYS n 
1 132 PRO n 
1 133 GLU n 
1 134 TYR n 
1 135 ILE n 
1 136 LYS n 
1 137 GLN n 
1 138 MET n 
1 139 GLN n 
1 140 THR n 
1 141 GLN n 
1 142 MET n 
1 143 ALA n 
1 144 CYS n 
1 145 THR n 
1 146 GLY n 
1 147 ARG n 
1 148 GLN n 
1 149 TRP n 
1 150 CYS n 
1 151 ASP n 
1 152 PHE n 
1 153 VAL n 
1 154 SER n 
1 155 TYR n 
1 156 ASP n 
1 157 ASP n 
1 158 ARG n 
1 159 LEU n 
1 160 PRO n 
1 161 ASP n 
1 162 ASP n 
1 163 MET n 
1 164 GLN n 
1 165 TYR n 
1 166 PHE n 
1 167 CYS n 
1 168 THR n 
1 169 ARG n 
1 170 ILE n 
1 171 GLU n 
1 172 ARG n 
1 173 ASP n 
1 174 ASP n 
1 175 ALA n 
1 176 LEU n 
1 177 ILE n 
1 178 ALA n 
1 179 GLU n 
1 180 ILE n 
1 181 GLU n 
1 182 THR n 
1 183 GLU n 
1 184 VAL n 
1 185 SER n 
1 186 ALA n 
1 187 PHE n 
1 188 LEU n 
1 189 ALA n 
1 190 GLU n 
1 191 LEU n 
1 192 GLU n 
1 193 ALA n 
1 194 GLU n 
1 195 ILE n 
1 196 GLU n 
1 197 TYR n 
1 198 LEU n 
1 199 LYS n 
1 200 ARG n 
1 201 LYS n 
1 202 ALA n 
1 203 ALA n 
1 204 LYS n 
1 205 LEU n 
1 206 ALA n 
1 207 ALA n 
1 208 ALA n 
1 209 LEU n 
1 210 GLU n 
1 211 HIS n 
1 212 HIS n 
1 213 HIS n 
1 214 HIS n 
1 215 HIS n 
1 216 HIS n 
2 1   DT  n 
2 2   DT  n 
2 3   DT  n 
2 4   DT  n 
# 
_entity_src_gen.entity_id                          1 
_entity_src_gen.pdbx_src_id                        1 
_entity_src_gen.pdbx_alt_source_flag               sample 
_entity_src_gen.pdbx_seq_type                      ? 
_entity_src_gen.pdbx_beg_seq_num                   ? 
_entity_src_gen.pdbx_end_seq_num                   ? 
_entity_src_gen.gene_src_common_name               ? 
_entity_src_gen.gene_src_genus                     ? 
_entity_src_gen.pdbx_gene_src_gene                 LHK_01497 
_entity_src_gen.gene_src_species                   ? 
_entity_src_gen.gene_src_strain                    HLHK9 
_entity_src_gen.gene_src_tissue                    ? 
_entity_src_gen.gene_src_tissue_fraction           ? 
_entity_src_gen.gene_src_details                   ? 
_entity_src_gen.pdbx_gene_src_fragment             ? 
_entity_src_gen.pdbx_gene_src_scientific_name      'Laribacter hongkongensis' 
_entity_src_gen.pdbx_gene_src_ncbi_taxonomy_id     557598 
_entity_src_gen.pdbx_gene_src_variant              ? 
_entity_src_gen.pdbx_gene_src_cell_line            ? 
_entity_src_gen.pdbx_gene_src_atcc                 ? 
_entity_src_gen.pdbx_gene_src_organ                ? 
_entity_src_gen.pdbx_gene_src_organelle            ? 
_entity_src_gen.pdbx_gene_src_cell                 ? 
_entity_src_gen.pdbx_gene_src_cellular_location    ? 
_entity_src_gen.host_org_common_name               ? 
_entity_src_gen.pdbx_host_org_scientific_name      'Escherichia coli' 
_entity_src_gen.pdbx_host_org_ncbi_taxonomy_id     562 
_entity_src_gen.host_org_genus                     ? 
_entity_src_gen.pdbx_host_org_gene                 ? 
_entity_src_gen.pdbx_host_org_organ                ? 
_entity_src_gen.host_org_species                   ? 
_entity_src_gen.pdbx_host_org_tissue               ? 
_entity_src_gen.pdbx_host_org_tissue_fraction      ? 
_entity_src_gen.pdbx_host_org_strain               'BL21(DE3)' 
_entity_src_gen.pdbx_host_org_variant              ? 
_entity_src_gen.pdbx_host_org_cell_line            ? 
_entity_src_gen.pdbx_host_org_atcc                 ? 
_entity_src_gen.pdbx_host_org_culture_collection   ? 
_entity_src_gen.pdbx_host_org_cell                 ? 
_entity_src_gen.pdbx_host_org_organelle            ? 
_entity_src_gen.pdbx_host_org_cellular_location    ? 
_entity_src_gen.pdbx_host_org_vector_type          Plasmid 
_entity_src_gen.pdbx_host_org_vector               ? 
_entity_src_gen.host_org_details                   ? 
_entity_src_gen.expression_system_id               ? 
_entity_src_gen.plasmid_name                       pET28a 
_entity_src_gen.plasmid_details                    ? 
_entity_src_gen.pdbx_description                   ? 
# 
loop_
_struct_ref.id 
_struct_ref.db_name 
_struct_ref.db_code 
_struct_ref.pdbx_db_accession 
_struct_ref.entity_id 
_struct_ref.pdbx_seq_one_letter_code 
_struct_ref.pdbx_align_begin 
_struct_ref.pdbx_db_isoform 
1 UNP C1D7P6_LARHH C1D7P6 1 
;MEQRTEEWFAARLGKVTASRVADVMTKTKSGYAASRQNYMAELICQRLTGTQEIRFSNAAMQRGTELEPHARARYIIETG
EIVTEVGLIDHPTIAGFGASPDGLVGDTGLIEIKCPNTWTHIETIKTGKPKPEYIKQMQTQMACTGRQWCDFVSYDDRLP
DDMQYFCTRIERDDALIAEIETEVSAFLAELEAEIEYLKRKAA
;
1 ? 
2 PDB 3SZ5         3SZ5   2 ? ? ? 
# 
loop_
_struct_ref_seq.align_id 
_struct_ref_seq.ref_id 
_struct_ref_seq.pdbx_PDB_id_code 
_struct_ref_seq.pdbx_strand_id 
_struct_ref_seq.seq_align_beg 
_struct_ref_seq.pdbx_seq_align_beg_ins_code 
_struct_ref_seq.seq_align_end 
_struct_ref_seq.pdbx_seq_align_end_ins_code 
_struct_ref_seq.pdbx_db_accession 
_struct_ref_seq.db_align_beg 
_struct_ref_seq.pdbx_db_align_beg_ins_code 
_struct_ref_seq.db_align_end 
_struct_ref_seq.pdbx_db_align_end_ins_code 
_struct_ref_seq.pdbx_auth_seq_align_beg 
_struct_ref_seq.pdbx_auth_seq_align_end 
1 1 3SZ5 A 1 ? 203 ? C1D7P6 1   ? 203 ? 1   203 
2 2 3SZ5 B 1 ? 4   ? 3SZ5   210 ? 213 ? 210 213 
# 
loop_
_struct_ref_seq_dif.align_id 
_struct_ref_seq_dif.pdbx_pdb_id_code 
_struct_ref_seq_dif.mon_id 
_struct_ref_seq_dif.pdbx_pdb_strand_id 
_struct_ref_seq_dif.seq_num 
_struct_ref_seq_dif.pdbx_pdb_ins_code 
_struct_ref_seq_dif.pdbx_seq_db_name 
_struct_ref_seq_dif.pdbx_seq_db_accession_code 
_struct_ref_seq_dif.db_mon_id 
_struct_ref_seq_dif.pdbx_seq_db_seq_num 
_struct_ref_seq_dif.details 
_struct_ref_seq_dif.pdbx_auth_seq_num 
_struct_ref_seq_dif.pdbx_ordinal 
1 3SZ5 LYS A 204 ? UNP C1D7P6 ? ? 'expression tag' 204 1  
1 3SZ5 LEU A 205 ? UNP C1D7P6 ? ? 'expression tag' 205 2  
1 3SZ5 ALA A 206 ? UNP C1D7P6 ? ? 'expression tag' 206 3  
1 3SZ5 ALA A 207 ? UNP C1D7P6 ? ? 'expression tag' 207 4  
1 3SZ5 ALA A 208 ? UNP C1D7P6 ? ? 'expression tag' 208 5  
1 3SZ5 LEU A 209 ? UNP C1D7P6 ? ? 'expression tag' 209 6  
1 3SZ5 GLU A 210 ? UNP C1D7P6 ? ? 'expression tag' 210 7  
1 3SZ5 HIS A 211 ? UNP C1D7P6 ? ? 'expression tag' 211 8  
1 3SZ5 HIS A 212 ? UNP C1D7P6 ? ? 'expression tag' 212 9  
1 3SZ5 HIS A 213 ? UNP C1D7P6 ? ? 'expression tag' 213 10 
1 3SZ5 HIS A 214 ? UNP C1D7P6 ? ? 'expression tag' 214 11 
1 3SZ5 HIS A 215 ? UNP C1D7P6 ? ? 'expression tag' 215 12 
1 3SZ5 HIS A 216 ? UNP C1D7P6 ? ? 'expression tag' 216 13 
# 
loop_
_chem_comp.id 
_chem_comp.type 
_chem_comp.mon_nstd_flag 
_chem_comp.name 
_chem_comp.pdbx_synonyms 
_chem_comp.formula 
_chem_comp.formula_weight 
ALA 'L-peptide linking' y ALANINE                      ? 'C3 H7 N O2'      89.093  
ARG 'L-peptide linking' y ARGININE                     ? 'C6 H15 N4 O2 1'  175.209 
ASN 'L-peptide linking' y ASPARAGINE                   ? 'C4 H8 N2 O3'     132.118 
ASP 'L-peptide linking' y 'ASPARTIC ACID'              ? 'C4 H7 N O4'      133.103 
CYS 'L-peptide linking' y CYSTEINE                     ? 'C3 H7 N O2 S'    121.158 
DT  'DNA linking'       y "THYMIDINE-5'-MONOPHOSPHATE" ? 'C10 H15 N2 O8 P' 322.208 
GLN 'L-peptide linking' y GLUTAMINE                    ? 'C5 H10 N2 O3'    146.144 
GLU 'L-peptide linking' y 'GLUTAMIC ACID'              ? 'C5 H9 N O4'      147.129 
GLY 'peptide linking'   y GLYCINE                      ? 'C2 H5 N O2'      75.067  
HIS 'L-peptide linking' y HISTIDINE                    ? 'C6 H10 N3 O2 1'  156.162 
ILE 'L-peptide linking' y ISOLEUCINE                   ? 'C6 H13 N O2'     131.173 
LEU 'L-peptide linking' y LEUCINE                      ? 'C6 H13 N O2'     131.173 
LYS 'L-peptide linking' y LYSINE                       ? 'C6 H15 N2 O2 1'  147.195 
MET 'L-peptide linking' y METHIONINE                   ? 'C5 H11 N O2 S'   149.211 
MG  non-polymer         . 'MAGNESIUM ION'              ? 'Mg 2'            24.305  
PHE 'L-peptide linking' y PHENYLALANINE                ? 'C9 H11 N O2'     165.189 
PRO 'L-peptide linking' y PROLINE                      ? 'C5 H9 N O2'      115.130 
SER 'L-peptide linking' y SERINE                       ? 'C3 H7 N O3'      105.093 
THR 'L-peptide linking' y THREONINE                    ? 'C4 H9 N O3'      119.119 
TRP 'L-peptide linking' y TRYPTOPHAN                   ? 'C11 H12 N2 O2'   204.225 
TYR 'L-peptide linking' y TYROSINE                     ? 'C9 H11 N O3'     181.189 
VAL 'L-peptide linking' y VALINE                       ? 'C5 H11 N O2'     117.146 
# 
_exptl.entry_id          3SZ5 
_exptl.method            'X-RAY DIFFRACTION' 
_exptl.crystals_number   1 
# 
_exptl_crystal.id                    1 
_exptl_crystal.density_meas          ? 
_exptl_crystal.density_Matthews      3.21 
_exptl_crystal.density_percent_sol   61.63 
_exptl_crystal.description           ? 
_exptl_crystal.F_000                 ? 
_exptl_crystal.preparation           ? 
# 
_exptl_crystal_grow.crystal_id      1 
_exptl_crystal_grow.method          'VAPOR DIFFUSION, SITTING DROP' 
_exptl_crystal_grow.temp            293 
_exptl_crystal_grow.temp_details    ? 
_exptl_crystal_grow.pH              8.4 
_exptl_crystal_grow.pdbx_details    
'0.1M Tris pH 8.4, 1.0M potassium sodium tartrate tetrahydrate, VAPOR DIFFUSION, SITTING DROP, temperature 293K' 
_exptl_crystal_grow.pdbx_pH_range   . 
# 
_diffrn.id                     1 
_diffrn.ambient_temp           100 
_diffrn.ambient_temp_details   ? 
_diffrn.crystal_id             1 
# 
_diffrn_detector.diffrn_id              1 
_diffrn_detector.detector               'IMAGE PLATE' 
_diffrn_detector.type                   'RIGAKU RAXIS IV++' 
_diffrn_detector.pdbx_collection_date   2010-01-02 
_diffrn_detector.details                mirrors 
# 
_diffrn_radiation.diffrn_id                        1 
_diffrn_radiation.wavelength_id                    1 
_diffrn_radiation.pdbx_monochromatic_or_laue_m_l   M 
_diffrn_radiation.monochromator                    ? 
_diffrn_radiation.pdbx_diffrn_protocol             'SINGLE WAVELENGTH' 
_diffrn_radiation.pdbx_scattering_type             x-ray 
# 
_diffrn_radiation_wavelength.id           1 
_diffrn_radiation_wavelength.wavelength   1.5418 
_diffrn_radiation_wavelength.wt           1.0 
# 
_diffrn_source.diffrn_id                   1 
_diffrn_source.source                      'ROTATING ANODE' 
_diffrn_source.type                        'RIGAKU MICROMAX-007' 
_diffrn_source.pdbx_synchrotron_site       ? 
_diffrn_source.pdbx_synchrotron_beamline   ? 
_diffrn_source.pdbx_wavelength             ? 
_diffrn_source.pdbx_wavelength_list        1.5418 
# 
_reflns.entry_id                     3SZ5 
_reflns.observed_criterion_sigma_I   -3.0 
_reflns.observed_criterion_sigma_F   0.0 
_reflns.d_resolution_low             50 
_reflns.d_resolution_high            2.8 
_reflns.number_obs                   8198 
_reflns.number_all                   8207 
_reflns.percent_possible_obs         99.9 
_reflns.pdbx_Rmerge_I_obs            0.067 
_reflns.pdbx_Rsym_value              ? 
_reflns.pdbx_netI_over_sigmaI        35.5 
_reflns.B_iso_Wilson_estimate        ? 
_reflns.pdbx_redundancy              6.8 
_reflns.R_free_details               ? 
_reflns.limit_h_max                  ? 
_reflns.limit_h_min                  ? 
_reflns.limit_k_max                  ? 
_reflns.limit_k_min                  ? 
_reflns.limit_l_max                  ? 
_reflns.limit_l_min                  ? 
_reflns.observed_criterion_F_max     ? 
_reflns.observed_criterion_F_min     ? 
_reflns.pdbx_chi_squared             ? 
_reflns.pdbx_scaling_rejects         ? 
_reflns.pdbx_ordinal                 1 
_reflns.pdbx_diffrn_id               1 
# 
_reflns_shell.d_res_high                  2.80 
_reflns_shell.d_res_low                   2.85 
_reflns_shell.percent_possible_all        100.0 
_reflns_shell.Rmerge_I_obs                0.492 
_reflns_shell.pdbx_Rsym_value             ? 
_reflns_shell.meanI_over_sigI_obs         3.4 
_reflns_shell.pdbx_redundancy             6.5 
_reflns_shell.percent_possible_obs        ? 
_reflns_shell.number_unique_all           397 
_reflns_shell.number_measured_all         ? 
_reflns_shell.number_measured_obs         ? 
_reflns_shell.number_unique_obs           ? 
_reflns_shell.pdbx_chi_squared            ? 
_reflns_shell.pdbx_rejects                ? 
_reflns_shell.pdbx_netI_over_sigmaI_obs   ? 
_reflns_shell.number_possible             ? 
_reflns_shell.Rmerge_F_all                ? 
_reflns_shell.Rmerge_F_obs                ? 
_reflns_shell.Rmerge_I_all                ? 
_reflns_shell.meanI_over_sigI_all         ? 
_reflns_shell.pdbx_Rrim_I_all             ? 
_reflns_shell.pdbx_Rpim_I_all             ? 
_reflns_shell.pdbx_ordinal                1 
_reflns_shell.pdbx_diffrn_id              1 
# 
_refine.entry_id                                 3SZ5 
_refine.ls_number_reflns_obs                     7808 
_refine.ls_number_reflns_all                     7822 
_refine.pdbx_ls_sigma_I                          0 
_refine.pdbx_ls_sigma_F                          ? 
_refine.pdbx_data_cutoff_high_absF               ? 
_refine.pdbx_data_cutoff_low_absF                ? 
_refine.pdbx_data_cutoff_high_rms_absF           ? 
_refine.ls_d_res_low                             50.00 
_refine.ls_d_res_high                            2.80 
_refine.ls_percent_reflns_obs                    99.82 
_refine.ls_R_factor_obs                          0.19580 
_refine.ls_R_factor_all                          ? 
_refine.ls_R_factor_R_work                       0.19342 
_refine.ls_R_factor_R_free                       0.24772 
_refine.ls_R_factor_R_free_error                 ? 
_refine.ls_R_factor_R_free_error_details         ? 
_refine.ls_percent_reflns_R_free                 4.6 
_refine.ls_number_reflns_R_free                  379 
_refine.ls_number_parameters                     ? 
_refine.ls_number_restraints                     ? 
_refine.occupancy_min                            ? 
_refine.occupancy_max                            ? 
_refine.correlation_coeff_Fo_to_Fc               0.953 
_refine.correlation_coeff_Fo_to_Fc_free          0.923 
_refine.B_iso_mean                               69.9 
_refine.aniso_B[1][1]                            0.27 
_refine.aniso_B[2][2]                            0.27 
_refine.aniso_B[3][3]                            -0.41 
_refine.aniso_B[1][2]                            0.14 
_refine.aniso_B[1][3]                            0.00 
_refine.aniso_B[2][3]                            -0.00 
_refine.solvent_model_details                    MASK 
_refine.solvent_model_param_ksol                 ? 
_refine.solvent_model_param_bsol                 ? 
_refine.pdbx_solvent_vdw_probe_radii             1.40 
_refine.pdbx_solvent_ion_probe_radii             0.80 
_refine.pdbx_solvent_shrinkage_radii             0.80 
_refine.pdbx_ls_cross_valid_method               THROUGHOUT 
_refine.details                                  'HYDROGENS HAVE BEEN ADDED IN THE RIDING POSITIONS' 
_refine.pdbx_starting_model                      3SYY 
_refine.pdbx_method_to_determine_struct          'MOLECULAR REPLACEMENT' 
_refine.pdbx_isotropic_thermal_model             ? 
_refine.pdbx_stereochemistry_target_values       'MAXIMUM LIKELIHOOD' 
_refine.pdbx_stereochem_target_val_spec_case     ? 
_refine.pdbx_R_Free_selection_details            RANDOM 
_refine.pdbx_overall_ESU_R_Free                  0.320 
_refine.overall_SU_ML                            0.225 
_refine.pdbx_overall_phase_error                 ? 
_refine.overall_SU_B                             ? 
_refine.overall_SU_R_Cruickshank_DPI             ? 
_refine.ls_redundancy_reflns_obs                 ? 
_refine.B_iso_min                                ? 
_refine.B_iso_max                                ? 
_refine.overall_SU_R_free                        ? 
_refine.ls_wR_factor_R_free                      ? 
_refine.ls_wR_factor_R_work                      ? 
_refine.overall_FOM_free_R_set                   ? 
_refine.overall_FOM_work_R_set                   ? 
_refine.pdbx_diffrn_id                           1 
_refine.pdbx_refine_id                           'X-RAY DIFFRACTION' 
_refine.pdbx_overall_ESU_R                       ? 
_refine.pdbx_TLS_residual_ADP_flag               ? 
_refine.pdbx_overall_SU_R_free_Cruickshank_DPI   ? 
_refine.pdbx_overall_SU_R_Blow_DPI               ? 
_refine.pdbx_overall_SU_R_free_Blow_DPI          ? 
# 
_refine_hist.pdbx_refine_id                   'X-RAY DIFFRACTION' 
_refine_hist.cycle_id                         LAST 
_refine_hist.pdbx_number_atoms_protein        1523 
_refine_hist.pdbx_number_atoms_nucleic_acid   81 
_refine_hist.pdbx_number_atoms_ligand         2 
_refine_hist.number_atoms_solvent             0 
_refine_hist.number_atoms_total               1606 
_refine_hist.d_res_high                       2.80 
_refine_hist.d_res_low                        50.00 
# 
loop_
_refine_ls_restr.type 
_refine_ls_restr.dev_ideal 
_refine_ls_restr.dev_ideal_target 
_refine_ls_restr.weight 
_refine_ls_restr.number 
_refine_ls_restr.pdbx_restraint_function 
_refine_ls_restr.pdbx_refine_id 
r_bond_refined_d       0.014  0.022  ? 1635 ? 'X-RAY DIFFRACTION' 
r_angle_refined_deg    1.550  2.022  ? 2225 ? 'X-RAY DIFFRACTION' 
r_dihedral_angle_1_deg 6.205  5.000  ? 191  ? 'X-RAY DIFFRACTION' 
r_dihedral_angle_2_deg 37.005 24.306 ? 72   ? 'X-RAY DIFFRACTION' 
r_dihedral_angle_3_deg 19.772 15.000 ? 277  ? 'X-RAY DIFFRACTION' 
r_dihedral_angle_4_deg 17.049 15.000 ? 12   ? 'X-RAY DIFFRACTION' 
r_chiral_restr         0.089  0.200  ? 253  ? 'X-RAY DIFFRACTION' 
r_gen_planes_refined   0.005  0.021  ? 1195 ? 'X-RAY DIFFRACTION' 
r_mcbond_it            0.697  1.500  ? 962  ? 'X-RAY DIFFRACTION' 
r_mcangle_it           1.317  2.000  ? 1548 ? 'X-RAY DIFFRACTION' 
r_scbond_it            1.526  3.000  ? 673  ? 'X-RAY DIFFRACTION' 
r_scangle_it           2.617  4.500  ? 677  ? 'X-RAY DIFFRACTION' 
# 
_refine_ls_shell.pdbx_refine_id                   'X-RAY DIFFRACTION' 
_refine_ls_shell.pdbx_total_number_of_bins_used   20 
_refine_ls_shell.d_res_high                       2.799 
_refine_ls_shell.d_res_low                        2.871 
_refine_ls_shell.number_reflns_R_work             551 
_refine_ls_shell.R_factor_R_work                  0.291 
_refine_ls_shell.percent_reflns_obs               98.64 
_refine_ls_shell.R_factor_R_free                  0.411 
_refine_ls_shell.R_factor_R_free_error            ? 
_refine_ls_shell.percent_reflns_R_free            ? 
_refine_ls_shell.number_reflns_R_free             29 
_refine_ls_shell.number_reflns_all                ? 
_refine_ls_shell.R_factor_all                     ? 
_refine_ls_shell.number_reflns_obs                ? 
_refine_ls_shell.redundancy_reflns_obs            ? 
# 
_struct.entry_id                  3SZ5 
_struct.title                     'Crystal Structure of LHK-Exo in complex with 5-phosphorylated oligothymidine (dT)4' 
_struct.pdbx_model_details        ? 
_struct.pdbx_CASP_flag            ? 
_struct.pdbx_model_type_details   ? 
# 
_struct_keywords.entry_id        3SZ5 
_struct_keywords.pdbx_keywords   HYDROLASE/DNA 
_struct_keywords.text            'alkaline exonuclease, digest double stranded DNA, strict 5-3-polarity, HYDROLASE-DNA complex' 
# 
loop_
_struct_asym.id 
_struct_asym.pdbx_blank_PDB_chainid_flag 
_struct_asym.pdbx_modified 
_struct_asym.entity_id 
_struct_asym.details 
A N N 1 ? 
B N N 2 ? 
C N N 3 ? 
D N N 3 ? 
# 
_struct_biol.id        1 
_struct_biol.details   ? 
# 
loop_
_struct_conf.conf_type_id 
_struct_conf.id 
_struct_conf.pdbx_PDB_helix_id 
_struct_conf.beg_label_comp_id 
_struct_conf.beg_label_asym_id 
_struct_conf.beg_label_seq_id 
_struct_conf.pdbx_beg_PDB_ins_code 
_struct_conf.end_label_comp_id 
_struct_conf.end_label_asym_id 
_struct_conf.end_label_seq_id 
_struct_conf.pdbx_end_PDB_ins_code 
_struct_conf.beg_auth_comp_id 
_struct_conf.beg_auth_asym_id 
_struct_conf.beg_auth_seq_id 
_struct_conf.end_auth_comp_id 
_struct_conf.end_auth_asym_id 
_struct_conf.end_auth_seq_id 
_struct_conf.pdbx_PDB_helix_class 
_struct_conf.details 
_struct_conf.pdbx_PDB_helix_length 
HELX_P HELX_P1 1 GLU A 6   ? LEU A 13  ? GLU A 6   LEU A 13  1 ? 8  
HELX_P HELX_P2 2 ARG A 20  ? MET A 25  ? ARG A 20  MET A 25  1 ? 6  
HELX_P HELX_P3 3 ALA A 33  ? GLY A 50  ? ALA A 33  GLY A 50  1 ? 18 
HELX_P HELX_P4 4 ASN A 58  ? LEU A 67  ? ASN A 58  LEU A 67  1 ? 10 
HELX_P HELX_P5 5 LEU A 67  ? GLY A 80  ? LEU A 67  GLY A 80  1 ? 14 
HELX_P HELX_P6 6 ASN A 117 ? GLY A 128 ? ASN A 117 GLY A 128 1 ? 12 
HELX_P HELX_P7 7 LYS A 131 ? GLY A 146 ? LYS A 131 GLY A 146 1 ? 16 
HELX_P HELX_P8 8 PRO A 160 ? GLN A 164 ? PRO A 160 GLN A 164 1 ? 5  
HELX_P HELX_P9 9 ASP A 173 ? LEU A 205 ? ASP A 173 LEU A 205 1 ? 33 
# 
_struct_conf_type.id          HELX_P 
_struct_conf_type.criteria    ? 
_struct_conf_type.reference   ? 
# 
loop_
_struct_conn.id 
_struct_conn.conn_type_id 
_struct_conn.pdbx_leaving_atom_flag 
_struct_conn.pdbx_PDB_id 
_struct_conn.ptnr1_label_asym_id 
_struct_conn.ptnr1_label_comp_id 
_struct_conn.ptnr1_label_seq_id 
_struct_conn.ptnr1_label_atom_id 
_struct_conn.pdbx_ptnr1_label_alt_id 
_struct_conn.pdbx_ptnr1_PDB_ins_code 
_struct_conn.pdbx_ptnr1_standard_comp_id 
_struct_conn.ptnr1_symmetry 
_struct_conn.ptnr2_label_asym_id 
_struct_conn.ptnr2_label_comp_id 
_struct_conn.ptnr2_label_seq_id 
_struct_conn.ptnr2_label_atom_id 
_struct_conn.pdbx_ptnr2_label_alt_id 
_struct_conn.pdbx_ptnr2_PDB_ins_code 
_struct_conn.ptnr1_auth_asym_id 
_struct_conn.ptnr1_auth_comp_id 
_struct_conn.ptnr1_auth_seq_id 
_struct_conn.ptnr2_auth_asym_id 
_struct_conn.ptnr2_auth_comp_id 
_struct_conn.ptnr2_auth_seq_id 
_struct_conn.ptnr2_symmetry 
_struct_conn.pdbx_ptnr3_label_atom_id 
_struct_conn.pdbx_ptnr3_label_seq_id 
_struct_conn.pdbx_ptnr3_label_comp_id 
_struct_conn.pdbx_ptnr3_label_asym_id 
_struct_conn.pdbx_ptnr3_label_alt_id 
_struct_conn.pdbx_ptnr3_PDB_ins_code 
_struct_conn.details 
_struct_conn.pdbx_dist_value 
_struct_conn.pdbx_value_order 
_struct_conn.pdbx_role 
metalc1 metalc ? ? A SER 100 O   ? ? ? 1_555 D MG . MG  ? ? A SER 100 A MG 221 1_555 ? ? ? ? ? ? ? 2.650 ? ? 
metalc2 metalc ? ? A ASP 102 OD2 ? ? ? 1_555 C MG . MG  ? ? A ASP 102 A MG 220 1_555 ? ? ? ? ? ? ? 2.501 ? ? 
metalc3 metalc ? ? A ASP 102 OD1 ? ? ? 1_555 D MG . MG  ? ? A ASP 102 A MG 221 1_555 ? ? ? ? ? ? ? 2.635 ? ? 
metalc4 metalc ? ? A GLU 112 OE2 ? ? ? 1_555 C MG . MG  ? ? A GLU 112 A MG 220 1_555 ? ? ? ? ? ? ? 2.271 ? ? 
metalc5 metalc ? ? A ILE 113 O   ? ? ? 1_555 C MG . MG  ? ? A ILE 113 A MG 220 1_555 ? ? ? ? ? ? ? 2.207 ? ? 
metalc6 metalc ? ? C MG  .   MG  ? ? ? 1_555 B DT 2 OP1 ? ? A MG  220 B DT 211 1_555 ? ? ? ? ? ? ? 1.885 ? ? 
# 
_struct_conn_type.id          metalc 
_struct_conn_type.criteria    ? 
_struct_conn_type.reference   ? 
# 
loop_
_struct_sheet.id 
_struct_sheet.type 
_struct_sheet.number_strands 
_struct_sheet.details 
A ? 3 ? 
B ? 5 ? 
# 
loop_
_struct_sheet_order.sheet_id 
_struct_sheet_order.range_id_1 
_struct_sheet_order.range_id_2 
_struct_sheet_order.offset 
_struct_sheet_order.sense 
A 1 2 ? parallel      
A 2 3 ? anti-parallel 
B 1 2 ? anti-parallel 
B 2 3 ? anti-parallel 
B 3 4 ? parallel      
B 4 5 ? anti-parallel 
# 
loop_
_struct_sheet_range.sheet_id 
_struct_sheet_range.id 
_struct_sheet_range.beg_label_comp_id 
_struct_sheet_range.beg_label_asym_id 
_struct_sheet_range.beg_label_seq_id 
_struct_sheet_range.pdbx_beg_PDB_ins_code 
_struct_sheet_range.end_label_comp_id 
_struct_sheet_range.end_label_asym_id 
_struct_sheet_range.end_label_seq_id 
_struct_sheet_range.pdbx_end_PDB_ins_code 
_struct_sheet_range.beg_auth_comp_id 
_struct_sheet_range.beg_auth_asym_id 
_struct_sheet_range.beg_auth_seq_id 
_struct_sheet_range.end_auth_comp_id 
_struct_sheet_range.end_auth_asym_id 
_struct_sheet_range.end_auth_seq_id 
A 1 VAL A 16  ? THR A 17  ? VAL A 16  THR A 17  
A 2 PHE A 97  ? ALA A 99  ? PHE A 97  ALA A 99  
A 3 ILE A 89  ? ASP A 90  ? ILE A 89  ASP A 90  
B 1 VAL A 83  ? THR A 84  ? VAL A 83  THR A 84  
B 2 GLY A 103 ? VAL A 105 ? GLY A 103 VAL A 105 
B 3 GLY A 109 ? LYS A 114 ? GLY A 109 LYS A 114 
B 4 TRP A 149 ? TYR A 155 ? TRP A 149 TYR A 155 
B 5 TYR A 165 ? GLU A 171 ? TYR A 165 GLU A 171 
# 
loop_
_pdbx_struct_sheet_hbond.sheet_id 
_pdbx_struct_sheet_hbond.range_id_1 
_pdbx_struct_sheet_hbond.range_id_2 
_pdbx_struct_sheet_hbond.range_1_label_atom_id 
_pdbx_struct_sheet_hbond.range_1_label_comp_id 
_pdbx_struct_sheet_hbond.range_1_label_asym_id 
_pdbx_struct_sheet_hbond.range_1_label_seq_id 
_pdbx_struct_sheet_hbond.range_1_PDB_ins_code 
_pdbx_struct_sheet_hbond.range_1_auth_atom_id 
_pdbx_struct_sheet_hbond.range_1_auth_comp_id 
_pdbx_struct_sheet_hbond.range_1_auth_asym_id 
_pdbx_struct_sheet_hbond.range_1_auth_seq_id 
_pdbx_struct_sheet_hbond.range_2_label_atom_id 
_pdbx_struct_sheet_hbond.range_2_label_comp_id 
_pdbx_struct_sheet_hbond.range_2_label_asym_id 
_pdbx_struct_sheet_hbond.range_2_label_seq_id 
_pdbx_struct_sheet_hbond.range_2_PDB_ins_code 
_pdbx_struct_sheet_hbond.range_2_auth_atom_id 
_pdbx_struct_sheet_hbond.range_2_auth_comp_id 
_pdbx_struct_sheet_hbond.range_2_auth_asym_id 
_pdbx_struct_sheet_hbond.range_2_auth_seq_id 
A 1 2 N VAL A 16  ? N VAL A 16  O GLY A 98  ? O GLY A 98  
A 2 3 O ALA A 99  ? O ALA A 99  N ILE A 89  ? N ILE A 89  
B 1 2 N THR A 84  ? N THR A 84  O LEU A 104 ? O LEU A 104 
B 2 3 N VAL A 105 ? N VAL A 105 O GLY A 109 ? O GLY A 109 
B 3 4 N LEU A 110 ? N LEU A 110 O ASP A 151 ? O ASP A 151 
B 4 5 N PHE A 152 ? N PHE A 152 O THR A 168 ? O THR A 168 
# 
loop_
_struct_site.id 
_struct_site.pdbx_evidence_code 
_struct_site.pdbx_auth_asym_id 
_struct_site.pdbx_auth_comp_id 
_struct_site.pdbx_auth_seq_id 
_struct_site.pdbx_auth_ins_code 
_struct_site.pdbx_num_residues 
_struct_site.details 
AC1 Software A MG 220 ? 4 'BINDING SITE FOR RESIDUE MG A 220' 
AC2 Software A MG 221 ? 5 'BINDING SITE FOR RESIDUE MG A 221' 
# 
loop_
_struct_site_gen.id 
_struct_site_gen.site_id 
_struct_site_gen.pdbx_num_res 
_struct_site_gen.label_comp_id 
_struct_site_gen.label_asym_id 
_struct_site_gen.label_seq_id 
_struct_site_gen.pdbx_auth_ins_code 
_struct_site_gen.auth_comp_id 
_struct_site_gen.auth_asym_id 
_struct_site_gen.auth_seq_id 
_struct_site_gen.label_atom_id 
_struct_site_gen.label_alt_id 
_struct_site_gen.symmetry 
_struct_site_gen.details 
1 AC1 4 ASP A 102 ? ASP A 102 . ? 1_555 ? 
2 AC1 4 GLU A 112 ? GLU A 112 . ? 1_555 ? 
3 AC1 4 ILE A 113 ? ILE A 113 . ? 1_555 ? 
4 AC1 4 DT  B 2   ? DT  B 211 . ? 1_555 ? 
5 AC2 5 SER A 100 ? SER A 100 . ? 1_555 ? 
6 AC2 5 ASP A 102 ? ASP A 102 . ? 1_555 ? 
7 AC2 5 GLU A 112 ? GLU A 112 . ? 1_555 ? 
8 AC2 5 DT  B 1   ? DT  B 210 . ? 1_555 ? 
9 AC2 5 DT  B 2   ? DT  B 211 . ? 1_555 ? 
# 
_atom_sites.entry_id                    3SZ5 
_atom_sites.fract_transf_matrix[1][1]   0.00053450 
_atom_sites.fract_transf_matrix[1][2]   0.00512414 
_atom_sites.fract_transf_matrix[1][3]   -0.00929058 
_atom_sites.fract_transf_matrix[2][1]   0.00468815 
_atom_sites.fract_transf_matrix[2][2]   0.00951635 
_atom_sites.fract_transf_matrix[2][3]   -0.00055545 
_atom_sites.fract_transf_matrix[3][1]   0.01815744 
_atom_sites.fract_transf_matrix[3][2]   -0.00917966 
_atom_sites.fract_transf_matrix[3][3]   -0.00401835 
_atom_sites.fract_transf_vector[1]      -0.169910 
_atom_sites.fract_transf_vector[2]      0.241675 
_atom_sites.fract_transf_vector[3]      -0.182896 
# 
loop_
_atom_type.symbol 
C  
MG 
N  
O  
P  
S  
# 
loop_
_atom_site.group_PDB 
_atom_site.id 
_atom_site.type_symbol 
_atom_site.label_atom_id 
_atom_site.label_alt_id 
_atom_site.label_comp_id 
_atom_site.label_asym_id 
_atom_site.label_entity_id 
_atom_site.label_seq_id 
_atom_site.pdbx_PDB_ins_code 
_atom_site.Cartn_x 
_atom_site.Cartn_y 
_atom_site.Cartn_z 
_atom_site.occupancy 
_atom_site.B_iso_or_equiv 
_atom_site.pdbx_formal_charge 
_atom_site.auth_seq_id 
_atom_site.auth_comp_id 
_atom_site.auth_asym_id 
_atom_site.auth_atom_id 
_atom_site.pdbx_PDB_model_num 
ATOM   1    N  N     . THR A 1 5   ? -14.099 3.931   7.940   1.00 108.84 ? 5   THR A N     1 
ATOM   2    C  CA    . THR A 1 5   ? -14.862 3.710   6.665   1.00 109.19 ? 5   THR A CA    1 
ATOM   3    C  C     . THR A 1 5   ? -15.578 2.335   6.677   1.00 109.19 ? 5   THR A C     1 
ATOM   4    O  O     . THR A 1 5   ? -16.241 1.946   5.704   1.00 109.04 ? 5   THR A O     1 
ATOM   5    C  CB    . THR A 1 5   ? -13.957 3.886   5.395   1.00 109.30 ? 5   THR A CB    1 
ATOM   6    O  OG1   . THR A 1 5   ? -13.446 2.617   4.971   1.00 109.47 ? 5   THR A OG1   1 
ATOM   7    C  CG2   . THR A 1 5   ? -12.783 4.864   5.647   1.00 108.80 ? 5   THR A CG2   1 
ATOM   8    N  N     . GLU A 1 6   ? -15.393 1.626   7.795   1.00 109.21 ? 6   GLU A N     1 
ATOM   9    C  CA    . GLU A 1 6   ? -16.114 0.393   8.217   1.00 109.23 ? 6   GLU A CA    1 
ATOM   10   C  C     . GLU A 1 6   ? -16.191 -0.832  7.292   1.00 108.67 ? 6   GLU A C     1 
ATOM   11   O  O     . GLU A 1 6   ? -15.635 -1.891  7.612   1.00 108.80 ? 6   GLU A O     1 
ATOM   12   C  CB    . GLU A 1 6   ? -17.510 0.714   8.801   1.00 109.65 ? 6   GLU A CB    1 
ATOM   13   C  CG    . GLU A 1 6   ? -18.183 -0.494  9.519   1.00 110.62 ? 6   GLU A CG    1 
ATOM   14   C  CD    . GLU A 1 6   ? -18.622 -0.192  10.970  1.00 112.56 ? 6   GLU A CD    1 
ATOM   15   O  OE1   . GLU A 1 6   ? -19.575 -0.848  11.458  1.00 112.76 ? 6   GLU A OE1   1 
ATOM   16   O  OE2   . GLU A 1 6   ? -18.014 0.689   11.631  1.00 112.80 ? 6   GLU A OE2   1 
ATOM   17   N  N     . GLU A 1 7   ? -16.926 -0.705  6.191   1.00 107.82 ? 7   GLU A N     1 
ATOM   18   C  CA    . GLU A 1 7   ? -17.127 -1.815  5.263   1.00 106.78 ? 7   GLU A CA    1 
ATOM   19   C  C     . GLU A 1 7   ? -15.807 -2.198  4.581   1.00 105.37 ? 7   GLU A C     1 
ATOM   20   O  O     . GLU A 1 7   ? -15.634 -3.328  4.111   1.00 104.99 ? 7   GLU A O     1 
ATOM   21   C  CB    . GLU A 1 7   ? -18.164 -1.409  4.225   1.00 107.26 ? 7   GLU A CB    1 
ATOM   22   C  CG    . GLU A 1 7   ? -18.806 -2.568  3.491   1.00 109.15 ? 7   GLU A CG    1 
ATOM   23   C  CD    . GLU A 1 7   ? -19.814 -2.093  2.460   1.00 111.40 ? 7   GLU A CD    1 
ATOM   24   O  OE1   . GLU A 1 7   ? -19.412 -1.386  1.504   1.00 111.93 ? 7   GLU A OE1   1 
ATOM   25   O  OE2   . GLU A 1 7   ? -21.011 -2.427  2.615   1.00 111.91 ? 7   GLU A OE2   1 
ATOM   26   N  N     . TRP A 1 8   ? -14.886 -1.232  4.558   1.00 103.72 ? 8   TRP A N     1 
ATOM   27   C  CA    . TRP A 1 8   ? -13.552 -1.371  3.961   1.00 102.00 ? 8   TRP A CA    1 
ATOM   28   C  C     . TRP A 1 8   ? -12.543 -2.122  4.861   1.00 99.97  ? 8   TRP A C     1 
ATOM   29   O  O     . TRP A 1 8   ? -11.810 -2.979  4.360   1.00 100.05 ? 8   TRP A O     1 
ATOM   30   C  CB    . TRP A 1 8   ? -13.034 0.015   3.503   1.00 102.45 ? 8   TRP A CB    1 
ATOM   31   C  CG    . TRP A 1 8   ? -11.543 0.121   3.165   1.00 103.85 ? 8   TRP A CG    1 
ATOM   32   C  CD1   . TRP A 1 8   ? -10.910 -0.292  2.003   1.00 104.37 ? 8   TRP A CD1   1 
ATOM   33   C  CD2   . TRP A 1 8   ? -10.519 0.708   3.989   1.00 104.26 ? 8   TRP A CD2   1 
ATOM   34   N  NE1   . TRP A 1 8   ? -9.557  -0.010  2.077   1.00 104.06 ? 8   TRP A NE1   1 
ATOM   35   C  CE2   . TRP A 1 8   ? -9.293  0.604   3.278   1.00 104.30 ? 8   TRP A CE2   1 
ATOM   36   C  CE3   . TRP A 1 8   ? -10.514 1.295   5.266   1.00 103.50 ? 8   TRP A CE3   1 
ATOM   37   C  CZ2   . TRP A 1 8   ? -8.081  1.071   3.808   1.00 103.90 ? 8   TRP A CZ2   1 
ATOM   38   C  CZ3   . TRP A 1 8   ? -9.310  1.755   5.787   1.00 102.84 ? 8   TRP A CZ3   1 
ATOM   39   C  CH2   . TRP A 1 8   ? -8.112  1.638   5.061   1.00 102.94 ? 8   TRP A CH2   1 
ATOM   40   N  N     . PHE A 1 9   ? -12.509 -1.810  6.161   1.00 97.08  ? 9   PHE A N     1 
ATOM   41   C  CA    . PHE A 1 9   ? -11.741 -2.595  7.131   1.00 94.20  ? 9   PHE A CA    1 
ATOM   42   C  C     . PHE A 1 9   ? -12.082 -4.063  7.022   1.00 91.99  ? 9   PHE A C     1 
ATOM   43   O  O     . PHE A 1 9   ? -11.224 -4.936  7.220   1.00 91.60  ? 9   PHE A O     1 
ATOM   44   C  CB    . PHE A 1 9   ? -12.068 -2.170  8.557   1.00 94.54  ? 9   PHE A CB    1 
ATOM   45   C  CG    . PHE A 1 9   ? -11.523 -0.839  8.930   1.00 95.56  ? 9   PHE A CG    1 
ATOM   46   C  CD1   . PHE A 1 9   ? -10.151 -0.600  8.894   1.00 96.72  ? 9   PHE A CD1   1 
ATOM   47   C  CD2   . PHE A 1 9   ? -12.377 0.177   9.337   1.00 97.27  ? 9   PHE A CD2   1 
ATOM   48   C  CE1   . PHE A 1 9   ? -9.632  0.641   9.241   1.00 97.50  ? 9   PHE A CE1   1 
ATOM   49   C  CE2   . PHE A 1 9   ? -11.877 1.431   9.692   1.00 98.29  ? 9   PHE A CE2   1 
ATOM   50   C  CZ    . PHE A 1 9   ? -10.498 1.663   9.645   1.00 98.33  ? 9   PHE A CZ    1 
ATOM   51   N  N     . ALA A 1 10  ? -13.356 -4.317  6.737   1.00 89.19  ? 10  ALA A N     1 
ATOM   52   C  CA    . ALA A 1 10  ? -13.870 -5.662  6.613   1.00 86.75  ? 10  ALA A CA    1 
ATOM   53   C  C     . ALA A 1 10  ? -13.205 -6.350  5.434   1.00 85.11  ? 10  ALA A C     1 
ATOM   54   O  O     . ALA A 1 10  ? -12.783 -7.495  5.548   1.00 84.89  ? 10  ALA A O     1 
ATOM   55   C  CB    . ALA A 1 10  ? -15.374 -5.644  6.456   1.00 86.76  ? 10  ALA A CB    1 
ATOM   56   N  N     . ALA A 1 11  ? -13.086 -5.642  4.314   1.00 82.99  ? 11  ALA A N     1 
ATOM   57   C  CA    . ALA A 1 11  ? -12.379 -6.160  3.141   1.00 81.05  ? 11  ALA A CA    1 
ATOM   58   C  C     . ALA A 1 11  ? -10.846 -6.333  3.333   1.00 79.69  ? 11  ALA A C     1 
ATOM   59   O  O     . ALA A 1 11  ? -10.183 -7.009  2.544   1.00 78.97  ? 11  ALA A O     1 
ATOM   60   C  CB    . ALA A 1 11  ? -12.679 -5.296  1.934   1.00 81.32  ? 11  ALA A CB    1 
ATOM   61   N  N     . ARG A 1 12  ? -10.302 -5.742  4.397   1.00 78.03  ? 12  ARG A N     1 
ATOM   62   C  CA    . ARG A 1 12  ? -8.878  -5.845  4.718   1.00 76.49  ? 12  ARG A CA    1 
ATOM   63   C  C     . ARG A 1 12  ? -8.516  -6.797  5.857   1.00 75.23  ? 12  ARG A C     1 
ATOM   64   O  O     . ARG A 1 12  ? -7.324  -7.067  6.080   1.00 75.18  ? 12  ARG A O     1 
ATOM   65   C  CB    . ARG A 1 12  ? -8.347  -4.497  5.123   1.00 76.47  ? 12  ARG A CB    1 
ATOM   66   C  CG    . ARG A 1 12  ? -8.467  -3.464  4.102   1.00 77.94  ? 12  ARG A CG    1 
ATOM   67   C  CD    . ARG A 1 12  ? -8.214  -2.197  4.814   1.00 81.31  ? 12  ARG A CD    1 
ATOM   68   N  NE    . ARG A 1 12  ? -6.902  -2.222  5.445   1.00 83.84  ? 12  ARG A NE    1 
ATOM   69   C  CZ    . ARG A 1 12  ? -5.769  -1.945  4.802   1.00 86.20  ? 12  ARG A CZ    1 
ATOM   70   N  NH1   . ARG A 1 12  ? -5.804  -1.627  3.509   1.00 87.15  ? 12  ARG A NH1   1 
ATOM   71   N  NH2   . ARG A 1 12  ? -4.604  -1.978  5.444   1.00 86.23  ? 12  ARG A NH2   1 
ATOM   72   N  N     . LEU A 1 13  ? -9.508  -7.289  6.595   1.00 73.26  ? 13  LEU A N     1 
ATOM   73   C  CA    . LEU A 1 13  ? -9.186  -8.108  7.744   1.00 71.28  ? 13  LEU A CA    1 
ATOM   74   C  C     . LEU A 1 13  ? -8.305  -9.301  7.388   1.00 70.12  ? 13  LEU A C     1 
ATOM   75   O  O     . LEU A 1 13  ? -8.645  -10.122 6.544   1.00 70.02  ? 13  LEU A O     1 
ATOM   76   C  CB    . LEU A 1 13  ? -10.425 -8.558  8.500   1.00 70.94  ? 13  LEU A CB    1 
ATOM   77   C  CG    . LEU A 1 13  ? -10.036 -8.606  9.972   1.00 70.54  ? 13  LEU A CG    1 
ATOM   78   C  CD1   . LEU A 1 13  ? -10.283 -7.250  10.572  1.00 72.33  ? 13  LEU A CD1   1 
ATOM   79   C  CD2   . LEU A 1 13  ? -10.752 -9.687  10.751  1.00 69.84  ? 13  LEU A CD2   1 
ATOM   80   N  N     . GLY A 1 14  ? -7.146  -9.350  8.028   1.00 68.91  ? 14  GLY A N     1 
ATOM   81   C  CA    . GLY A 1 14  ? -6.256  -10.492 7.931   1.00 67.14  ? 14  GLY A CA    1 
ATOM   82   C  C     . GLY A 1 14  ? -5.651  -10.682 6.565   1.00 65.83  ? 14  GLY A C     1 
ATOM   83   O  O     . GLY A 1 14  ? -5.233  -11.775 6.238   1.00 65.65  ? 14  GLY A O     1 
ATOM   84   N  N     . LYS A 1 15  ? -5.597  -9.615  5.776   1.00 64.74  ? 15  LYS A N     1 
ATOM   85   C  CA    . LYS A 1 15  ? -5.055  -9.665  4.419   1.00 63.87  ? 15  LYS A CA    1 
ATOM   86   C  C     . LYS A 1 15  ? -3.686  -8.981  4.300   1.00 63.17  ? 15  LYS A C     1 
ATOM   87   O  O     . LYS A 1 15  ? -3.458  -7.934  4.920   1.00 63.25  ? 15  LYS A O     1 
ATOM   88   C  CB    . LYS A 1 15  ? -6.021  -8.967  3.459   1.00 63.98  ? 15  LYS A CB    1 
ATOM   89   C  CG    . LYS A 1 15  ? -7.249  -9.767  3.092   1.00 64.50  ? 15  LYS A CG    1 
ATOM   90   C  CD    . LYS A 1 15  ? -7.921  -9.204  1.865   1.00 64.02  ? 15  LYS A CD    1 
ATOM   91   C  CE    . LYS A 1 15  ? -9.217  -9.930  1.603   1.00 64.54  ? 15  LYS A CE    1 
ATOM   92   N  NZ    . LYS A 1 15  ? -10.175 -9.085  0.827   1.00 65.68  ? 15  LYS A NZ    1 
ATOM   93   N  N     . VAL A 1 16  ? -2.782  -9.531  3.488   1.00 61.80  ? 16  VAL A N     1 
ATOM   94   C  CA    . VAL A 1 16  ? -1.607  -8.731  3.113   1.00 60.78  ? 16  VAL A CA    1 
ATOM   95   C  C     . VAL A 1 16  ? -2.032  -7.651  2.102   1.00 60.54  ? 16  VAL A C     1 
ATOM   96   O  O     . VAL A 1 16  ? -2.810  -7.931  1.177   1.00 60.70  ? 16  VAL A O     1 
ATOM   97   C  CB    . VAL A 1 16  ? -0.457  -9.559  2.534   1.00 60.37  ? 16  VAL A CB    1 
ATOM   98   C  CG1   . VAL A 1 16  ? 0.749   -8.669  2.265   1.00 58.90  ? 16  VAL A CG1   1 
ATOM   99   C  CG2   . VAL A 1 16  ? -0.080  -10.646 3.473   1.00 59.92  ? 16  VAL A CG2   1 
ATOM   100  N  N     . THR A 1 17  ? -1.538  -6.430  2.288   1.00 59.52  ? 17  THR A N     1 
ATOM   101  C  CA    . THR A 1 17  ? -1.940  -5.322  1.448   1.00 59.14  ? 17  THR A CA    1 
ATOM   102  C  C     . THR A 1 17  ? -0.719  -4.525  1.008   1.00 59.26  ? 17  THR A C     1 
ATOM   103  O  O     . THR A 1 17  ? 0.306   -4.531  1.689   1.00 59.68  ? 17  THR A O     1 
ATOM   104  C  CB    . THR A 1 17  ? -2.912  -4.374  2.177   1.00 59.34  ? 17  THR A CB    1 
ATOM   105  O  OG1   . THR A 1 17  ? -2.267  -3.830  3.342   1.00 60.02  ? 17  THR A OG1   1 
ATOM   106  C  CG2   . THR A 1 17  ? -4.233  -5.051  2.552   1.00 57.80  ? 17  THR A CG2   1 
ATOM   107  N  N     . ALA A 1 18  ? -0.853  -3.811  -0.109  1.00 59.08  ? 18  ALA A N     1 
ATOM   108  C  CA    . ALA A 1 18  ? 0.266   -3.153  -0.785  1.00 59.04  ? 18  ALA A CA    1 
ATOM   109  C  C     . ALA A 1 18  ? 1.146   -2.303  0.119   1.00 59.43  ? 18  ALA A C     1 
ATOM   110  O  O     . ALA A 1 18  ? 2.374   -2.297  -0.024  1.00 60.14  ? 18  ALA A O     1 
ATOM   111  C  CB    . ALA A 1 18  ? -0.224  -2.334  -2.006  1.00 58.52  ? 18  ALA A CB    1 
ATOM   112  N  N     . SER A 1 19  ? 0.541   -1.588  1.057   1.00 59.87  ? 19  SER A N     1 
ATOM   113  C  CA    . SER A 1 19  ? 1.324   -0.665  1.886   1.00 60.62  ? 19  SER A CA    1 
ATOM   114  C  C     . SER A 1 19  ? 2.138   -1.380  2.971   1.00 60.93  ? 19  SER A C     1 
ATOM   115  O  O     . SER A 1 19  ? 2.900   -0.751  3.695   1.00 61.18  ? 19  SER A O     1 
ATOM   116  C  CB    . SER A 1 19  ? 0.441   0.430   2.494   1.00 60.21  ? 19  SER A CB    1 
ATOM   117  O  OG    . SER A 1 19  ? -0.518  -0.117  3.359   1.00 60.02  ? 19  SER A OG    1 
ATOM   118  N  N     . ARG A 1 20  ? 1.979   -2.695  3.069   1.00 61.22  ? 20  ARG A N     1 
ATOM   119  C  CA    . ARG A 1 20  ? 2.656   -3.454  4.110   1.00 61.30  ? 20  ARG A CA    1 
ATOM   120  C  C     . ARG A 1 20  ? 3.656   -4.407  3.496   1.00 61.58  ? 20  ARG A C     1 
ATOM   121  O  O     . ARG A 1 20  ? 4.294   -5.193  4.201   1.00 61.66  ? 20  ARG A O     1 
ATOM   122  C  CB    . ARG A 1 20  ? 1.641   -4.199  4.992   1.00 61.02  ? 20  ARG A CB    1 
ATOM   123  C  CG    . ARG A 1 20  ? 0.685   -3.289  5.777   1.00 59.61  ? 20  ARG A CG    1 
ATOM   124  C  CD    . ARG A 1 20  ? 1.435   -2.183  6.540   1.00 55.51  ? 20  ARG A CD    1 
ATOM   125  N  NE    . ARG A 1 20  ? 2.389   -2.732  7.502   1.00 52.75  ? 20  ARG A NE    1 
ATOM   126  C  CZ    . ARG A 1 20  ? 2.063   -3.150  8.728   1.00 52.02  ? 20  ARG A CZ    1 
ATOM   127  N  NH1   . ARG A 1 20  ? 0.801   -3.079  9.138   1.00 51.83  ? 20  ARG A NH1   1 
ATOM   128  N  NH2   . ARG A 1 20  ? 2.985   -3.671  9.541   1.00 48.27  ? 20  ARG A NH2   1 
ATOM   129  N  N     . VAL A 1 21  ? 3.817   -4.298  2.179   1.00 61.85  ? 21  VAL A N     1 
ATOM   130  C  CA    . VAL A 1 21  ? 4.642   -5.232  1.428   1.00 61.92  ? 21  VAL A CA    1 
ATOM   131  C  C     . VAL A 1 21  ? 6.134   -5.161  1.765   1.00 62.25  ? 21  VAL A C     1 
ATOM   132  O  O     . VAL A 1 21  ? 6.803   -6.199  1.804   1.00 62.50  ? 21  VAL A O     1 
ATOM   133  C  CB    . VAL A 1 21  ? 4.316   -5.199  -0.092  1.00 62.05  ? 21  VAL A CB    1 
ATOM   134  C  CG1   . VAL A 1 21  ? 5.482   -5.736  -0.942  1.00 62.01  ? 21  VAL A CG1   1 
ATOM   135  C  CG2   . VAL A 1 21  ? 3.039   -6.006  -0.363  1.00 60.84  ? 21  VAL A CG2   1 
ATOM   136  N  N     . ALA A 1 22  ? 6.645   -3.961  2.048   1.00 62.68  ? 22  ALA A N     1 
ATOM   137  C  CA    . ALA A 1 22  ? 8.065   -3.786  2.414   1.00 63.34  ? 22  ALA A CA    1 
ATOM   138  C  C     . ALA A 1 22  ? 8.418   -4.518  3.706   1.00 64.07  ? 22  ALA A C     1 
ATOM   139  O  O     . ALA A 1 22  ? 9.561   -4.942  3.899   1.00 63.81  ? 22  ALA A O     1 
ATOM   140  C  CB    . ALA A 1 22  ? 8.413   -2.323  2.534   1.00 62.70  ? 22  ALA A CB    1 
ATOM   141  N  N     . ASP A 1 23  ? 7.415   -4.650  4.574   1.00 65.34  ? 23  ASP A N     1 
ATOM   142  C  CA    . ASP A 1 23  ? 7.545   -5.327  5.854   1.00 66.32  ? 23  ASP A CA    1 
ATOM   143  C  C     . ASP A 1 23  ? 7.643   -6.811  5.624   1.00 67.50  ? 23  ASP A C     1 
ATOM   144  O  O     . ASP A 1 23  ? 8.466   -7.480  6.263   1.00 67.96  ? 23  ASP A O     1 
ATOM   145  C  CB    . ASP A 1 23  ? 6.359   -5.020  6.765   1.00 65.69  ? 23  ASP A CB    1 
ATOM   146  C  CG    . ASP A 1 23  ? 6.369   -3.603  7.250   1.00 65.50  ? 23  ASP A CG    1 
ATOM   147  O  OD1   . ASP A 1 23  ? 7.472   -3.091  7.528   1.00 65.44  ? 23  ASP A OD1   1 
ATOM   148  O  OD2   . ASP A 1 23  ? 5.284   -2.992  7.347   1.00 64.44  ? 23  ASP A OD2   1 
ATOM   149  N  N     . VAL A 1 24  ? 6.819   -7.317  4.706   1.00 68.57  ? 24  VAL A N     1 
ATOM   150  C  CA    . VAL A 1 24  ? 6.860   -8.722  4.351   1.00 70.16  ? 24  VAL A CA    1 
ATOM   151  C  C     . VAL A 1 24  ? 8.245   -9.071  3.855   1.00 72.17  ? 24  VAL A C     1 
ATOM   152  O  O     . VAL A 1 24  ? 8.819   -10.072 4.267   1.00 72.88  ? 24  VAL A O     1 
ATOM   153  C  CB    . VAL A 1 24  ? 5.837   -9.082  3.268   1.00 69.72  ? 24  VAL A CB    1 
ATOM   154  C  CG1   . VAL A 1 24  ? 6.154   -10.442 2.650   1.00 68.84  ? 24  VAL A CG1   1 
ATOM   155  C  CG2   . VAL A 1 24  ? 4.436   -9.079  3.847   1.00 69.08  ? 24  VAL A CG2   1 
ATOM   156  N  N     . MET A 1 25  ? 8.791   -8.203  3.014   1.00 74.49  ? 25  MET A N     1 
ATOM   157  C  CA    . MET A 1 25  ? 9.944   -8.523  2.188   1.00 76.67  ? 25  MET A CA    1 
ATOM   158  C  C     . MET A 1 25  ? 11.288  -8.080  2.754   1.00 78.39  ? 25  MET A C     1 
ATOM   159  O  O     . MET A 1 25  ? 12.313  -8.128  2.078   1.00 78.36  ? 25  MET A O     1 
ATOM   160  C  CB    . MET A 1 25  ? 9.737   -7.896  0.818   1.00 76.86  ? 25  MET A CB    1 
ATOM   161  C  CG    . MET A 1 25  ? 8.753   -8.633  -0.045  1.00 76.81  ? 25  MET A CG    1 
ATOM   162  S  SD    . MET A 1 25  ? 8.872   -7.980  -1.706  1.00 79.76  ? 25  MET A SD    1 
ATOM   163  C  CE    . MET A 1 25  ? 10.414  -8.671  -2.334  1.00 79.04  ? 25  MET A CE    1 
ATOM   164  N  N     . THR A 1 26  ? 11.287  -7.663  4.007   1.00 80.92  ? 26  THR A N     1 
ATOM   165  C  CA    . THR A 1 26  ? 12.474  -7.074  4.608   1.00 83.22  ? 26  THR A CA    1 
ATOM   166  C  C     . THR A 1 26  ? 13.391  -8.147  5.244   1.00 84.26  ? 26  THR A C     1 
ATOM   167  O  O     . THR A 1 26  ? 12.889  -9.102  5.860   1.00 84.55  ? 26  THR A O     1 
ATOM   168  C  CB    . THR A 1 26  ? 12.038  -5.988  5.609   1.00 83.41  ? 26  THR A CB    1 
ATOM   169  O  OG1   . THR A 1 26  ? 13.060  -4.989  5.705   1.00 84.66  ? 26  THR A OG1   1 
ATOM   170  C  CG2   . THR A 1 26  ? 11.677  -6.586  6.988   1.00 83.47  ? 26  THR A CG2   1 
ATOM   171  N  N     . LYS A 1 27  ? 14.714  -7.994  5.089   1.00 85.43  ? 27  LYS A N     1 
ATOM   172  C  CA    . LYS A 1 27  ? 15.691  -9.039  5.515   1.00 86.28  ? 27  LYS A CA    1 
ATOM   173  C  C     . LYS A 1 27  ? 16.368  -8.807  6.892   1.00 86.32  ? 27  LYS A C     1 
ATOM   174  O  O     . LYS A 1 27  ? 16.908  -9.737  7.521   1.00 86.23  ? 27  LYS A O     1 
ATOM   175  C  CB    . LYS A 1 27  ? 16.755  -9.252  4.430   1.00 86.47  ? 27  LYS A CB    1 
ATOM   176  C  CG    . LYS A 1 27  ? 16.244  -9.821  3.101   1.00 87.40  ? 27  LYS A CG    1 
ATOM   177  C  CD    . LYS A 1 27  ? 17.086  -9.223  1.963   1.00 90.06  ? 27  LYS A CD    1 
ATOM   178  C  CE    . LYS A 1 27  ? 17.508  -10.250 0.897   1.00 91.04  ? 27  LYS A CE    1 
ATOM   179  N  NZ    . LYS A 1 27  ? 16.939  -9.952  -0.457  1.00 90.90  ? 27  LYS A NZ    1 
ATOM   180  N  N     . ALA A 1 33  ? 13.506  -9.909  8.881   1.00 78.16  ? 33  ALA A N     1 
ATOM   181  C  CA    . ALA A 1 33  ? 13.671  -8.924  9.938   1.00 78.46  ? 33  ALA A CA    1 
ATOM   182  C  C     . ALA A 1 33  ? 12.464  -8.873  10.874  1.00 78.54  ? 33  ALA A C     1 
ATOM   183  O  O     . ALA A 1 33  ? 11.458  -9.584  10.669  1.00 78.57  ? 33  ALA A O     1 
ATOM   184  C  CB    . ALA A 1 33  ? 13.966  -7.517  9.356   1.00 78.37  ? 33  ALA A CB    1 
ATOM   185  N  N     . ALA A 1 34  ? 12.580  -8.017  11.899  1.00 78.16  ? 34  ALA A N     1 
ATOM   186  C  CA    . ALA A 1 34  ? 11.569  -7.877  12.951  1.00 77.23  ? 34  ALA A CA    1 
ATOM   187  C  C     . ALA A 1 34  ? 10.204  -7.554  12.347  1.00 76.72  ? 34  ALA A C     1 
ATOM   188  O  O     . ALA A 1 34  ? 9.201   -8.188  12.696  1.00 76.66  ? 34  ALA A O     1 
ATOM   189  C  CB    . ALA A 1 34  ? 11.988  -6.802  13.969  1.00 77.04  ? 34  ALA A CB    1 
ATOM   190  N  N     . SER A 1 35  ? 10.184  -6.597  11.410  1.00 75.66  ? 35  SER A N     1 
ATOM   191  C  CA    . SER A 1 35  ? 8.940   -6.074  10.851  1.00 74.38  ? 35  SER A CA    1 
ATOM   192  C  C     . SER A 1 35  ? 8.086   -7.139  10.145  1.00 73.51  ? 35  SER A C     1 
ATOM   193  O  O     . SER A 1 35  ? 6.861   -7.098  10.270  1.00 73.77  ? 35  SER A O     1 
ATOM   194  C  CB    . SER A 1 35  ? 9.204   -4.868  9.953   1.00 74.06  ? 35  SER A CB    1 
ATOM   195  O  OG    . SER A 1 35  ? 9.852   -5.292  8.783   1.00 74.28  ? 35  SER A OG    1 
ATOM   196  N  N     . ARG A 1 36  ? 8.722   -8.085  9.441   1.00 72.04  ? 36  ARG A N     1 
ATOM   197  C  CA    . ARG A 1 36  ? 8.022   -9.250  8.872   1.00 70.61  ? 36  ARG A CA    1 
ATOM   198  C  C     . ARG A 1 36  ? 7.243   -10.089 9.900   1.00 70.75  ? 36  ARG A C     1 
ATOM   199  O  O     . ARG A 1 36  ? 6.058   -10.329 9.704   1.00 70.76  ? 36  ARG A O     1 
ATOM   200  C  CB    . ARG A 1 36  ? 8.985   -10.150 8.104   1.00 70.01  ? 36  ARG A CB    1 
ATOM   201  C  CG    . ARG A 1 36  ? 8.283   -11.183 7.240   1.00 67.60  ? 36  ARG A CG    1 
ATOM   202  C  CD    . ARG A 1 36  ? 9.274   -12.166 6.692   1.00 65.27  ? 36  ARG A CD    1 
ATOM   203  N  NE    . ARG A 1 36  ? 8.753   -12.975 5.593   1.00 63.52  ? 36  ARG A NE    1 
ATOM   204  C  CZ    . ARG A 1 36  ? 8.201   -14.190 5.720   1.00 64.23  ? 36  ARG A CZ    1 
ATOM   205  N  NH1   . ARG A 1 36  ? 7.778   -14.847 4.638   1.00 63.71  ? 36  ARG A NH1   1 
ATOM   206  N  NH2   . ARG A 1 36  ? 8.045   -14.758 6.919   1.00 62.70  ? 36  ARG A NH2   1 
ATOM   207  N  N     . GLN A 1 37  ? 7.897   -10.535 10.979  1.00 70.69  ? 37  GLN A N     1 
ATOM   208  C  CA    . GLN A 1 37  ? 7.204   -11.259 12.058  1.00 70.84  ? 37  GLN A CA    1 
ATOM   209  C  C     . GLN A 1 37  ? 6.169   -10.433 12.815  1.00 70.34  ? 37  GLN A C     1 
ATOM   210  O  O     . GLN A 1 37  ? 5.136   -10.978 13.218  1.00 70.67  ? 37  GLN A O     1 
ATOM   211  C  CB    . GLN A 1 37  ? 8.172   -11.881 13.071  1.00 71.30  ? 37  GLN A CB    1 
ATOM   212  C  CG    . GLN A 1 37  ? 9.003   -13.065 12.560  1.00 75.61  ? 37  GLN A CG    1 
ATOM   213  C  CD    . GLN A 1 37  ? 8.228   -14.028 11.590  1.00 80.80  ? 37  GLN A CD    1 
ATOM   214  O  OE1   . GLN A 1 37  ? 7.317   -14.785 12.008  1.00 80.05  ? 37  GLN A OE1   1 
ATOM   215  N  NE2   . GLN A 1 37  ? 8.611   -13.993 10.284  1.00 80.51  ? 37  GLN A NE2   1 
ATOM   216  N  N     . ASN A 1 38  ? 6.440   -9.143  13.037  1.00 69.37  ? 38  ASN A N     1 
ATOM   217  C  CA    . ASN A 1 38  ? 5.473   -8.291  13.736  1.00 68.54  ? 38  ASN A CA    1 
ATOM   218  C  C     . ASN A 1 38  ? 4.239   -8.095  12.879  1.00 67.42  ? 38  ASN A C     1 
ATOM   219  O  O     . ASN A 1 38  ? 3.124   -7.968  13.406  1.00 67.85  ? 38  ASN A O     1 
ATOM   220  C  CB    . ASN A 1 38  ? 6.036   -6.907  14.117  1.00 69.15  ? 38  ASN A CB    1 
ATOM   221  C  CG    . ASN A 1 38  ? 7.394   -6.977  14.796  1.00 70.36  ? 38  ASN A CG    1 
ATOM   222  O  OD1   . ASN A 1 38  ? 7.586   -7.710  15.755  1.00 71.50  ? 38  ASN A OD1   1 
ATOM   223  N  ND2   . ASN A 1 38  ? 8.351   -6.203  14.284  1.00 72.56  ? 38  ASN A ND2   1 
ATOM   224  N  N     . TYR A 1 39  ? 4.438   -8.055  11.562  1.00 65.33  ? 39  TYR A N     1 
ATOM   225  C  CA    . TYR A 1 39  ? 3.326   -7.921  10.653  1.00 63.66  ? 39  TYR A CA    1 
ATOM   226  C  C     . TYR A 1 39  ? 2.564   -9.232  10.645  1.00 63.44  ? 39  TYR A C     1 
ATOM   227  O  O     . TYR A 1 39  ? 1.346   -9.248  10.844  1.00 63.29  ? 39  TYR A O     1 
ATOM   228  C  CB    . TYR A 1 39  ? 3.792   -7.520  9.255   1.00 63.34  ? 39  TYR A CB    1 
ATOM   229  C  CG    . TYR A 1 39  ? 2.667   -7.288  8.278   1.00 62.42  ? 39  TYR A CG    1 
ATOM   230  C  CD1   . TYR A 1 39  ? 1.495   -6.630  8.676   1.00 63.34  ? 39  TYR A CD1   1 
ATOM   231  C  CD2   . TYR A 1 39  ? 2.762   -7.718  6.950   1.00 60.75  ? 39  TYR A CD2   1 
ATOM   232  C  CE1   . TYR A 1 39  ? 0.438   -6.410  7.776   1.00 63.03  ? 39  TYR A CE1   1 
ATOM   233  C  CE2   . TYR A 1 39  ? 1.714   -7.505  6.047   1.00 61.17  ? 39  TYR A CE2   1 
ATOM   234  C  CZ    . TYR A 1 39  ? 0.557   -6.848  6.469   1.00 63.14  ? 39  TYR A CZ    1 
ATOM   235  O  OH    . TYR A 1 39  ? -0.488  -6.614  5.603   1.00 64.43  ? 39  TYR A OH    1 
ATOM   236  N  N     . MET A 1 40  ? 3.283   -10.336 10.449  1.00 62.88  ? 40  MET A N     1 
ATOM   237  C  CA    . MET A 1 40  ? 2.694   -11.661 10.557  1.00 62.32  ? 40  MET A CA    1 
ATOM   238  C  C     . MET A 1 40  ? 1.841   -11.765 11.822  1.00 62.27  ? 40  MET A C     1 
ATOM   239  O  O     . MET A 1 40  ? 0.706   -12.259 11.778  1.00 62.45  ? 40  MET A O     1 
ATOM   240  C  CB    . MET A 1 40  ? 3.799   -12.686 10.596  1.00 62.53  ? 40  MET A CB    1 
ATOM   241  C  CG    . MET A 1 40  ? 3.387   -14.053 11.109  1.00 62.85  ? 40  MET A CG    1 
ATOM   242  S  SD    . MET A 1 40  ? 3.178   -15.226 9.786   1.00 63.52  ? 40  MET A SD    1 
ATOM   243  C  CE    . MET A 1 40  ? 4.680   -14.959 8.837   1.00 62.61  ? 40  MET A CE    1 
ATOM   244  N  N     . ALA A 1 41  ? 2.379   -11.278 12.944  1.00 61.61  ? 41  ALA A N     1 
ATOM   245  C  CA    . ALA A 1 41  ? 1.653   -11.315 14.204  1.00 60.96  ? 41  ALA A CA    1 
ATOM   246  C  C     . ALA A 1 41  ? 0.358   -10.475 14.151  1.00 60.92  ? 41  ALA A C     1 
ATOM   247  O  O     . ALA A 1 41  ? -0.689  -10.915 14.626  1.00 61.20  ? 41  ALA A O     1 
ATOM   248  C  CB    . ALA A 1 41  ? 2.539   -10.911 15.344  1.00 60.33  ? 41  ALA A CB    1 
ATOM   249  N  N     . GLU A 1 42  ? 0.406   -9.293  13.549  1.00 60.33  ? 42  GLU A N     1 
ATOM   250  C  CA    . GLU A 1 42  ? -0.817  -8.507  13.407  1.00 60.53  ? 42  GLU A CA    1 
ATOM   251  C  C     . GLU A 1 42  ? -1.926  -9.287  12.685  1.00 60.15  ? 42  GLU A C     1 
ATOM   252  O  O     . GLU A 1 42  ? -3.079  -9.311  13.141  1.00 60.27  ? 42  GLU A O     1 
ATOM   253  C  CB    . GLU A 1 42  ? -0.569  -7.224  12.610  1.00 60.72  ? 42  GLU A CB    1 
ATOM   254  C  CG    . GLU A 1 42  ? 0.001   -6.072  13.365  1.00 61.50  ? 42  GLU A CG    1 
ATOM   255  C  CD    . GLU A 1 42  ? 0.396   -4.953  12.422  1.00 63.23  ? 42  GLU A CD    1 
ATOM   256  O  OE1   . GLU A 1 42  ? 1.626   -4.667  12.341  1.00 61.67  ? 42  GLU A OE1   1 
ATOM   257  O  OE2   . GLU A 1 42  ? -0.528  -4.403  11.758  1.00 60.62  ? 42  GLU A OE2   1 
ATOM   258  N  N     . LEU A 1 43  ? -1.567  -9.890  11.551  1.00 59.13  ? 43  LEU A N     1 
ATOM   259  C  CA    . LEU A 1 43  ? -2.532  -10.528 10.694  1.00 58.74  ? 43  LEU A CA    1 
ATOM   260  C  C     . LEU A 1 43  ? -3.051  -11.820 11.322  1.00 58.61  ? 43  LEU A C     1 
ATOM   261  O  O     . LEU A 1 43  ? -4.235  -12.157 11.174  1.00 58.00  ? 43  LEU A O     1 
ATOM   262  C  CB    . LEU A 1 43  ? -1.942  -10.774 9.315   1.00 58.78  ? 43  LEU A CB    1 
ATOM   263  C  CG    . LEU A 1 43  ? -1.474  -9.553  8.509   1.00 59.55  ? 43  LEU A CG    1 
ATOM   264  C  CD1   . LEU A 1 43  ? -0.951  -10.011 7.173   1.00 58.83  ? 43  LEU A CD1   1 
ATOM   265  C  CD2   . LEU A 1 43  ? -2.561  -8.487  8.312   1.00 58.99  ? 43  LEU A CD2   1 
ATOM   266  N  N     . ILE A 1 44  ? -2.178  -12.515 12.053  1.00 58.38  ? 44  ILE A N     1 
ATOM   267  C  CA    . ILE A 1 44  ? -2.611  -13.684 12.807  1.00 58.40  ? 44  ILE A CA    1 
ATOM   268  C  C     . ILE A 1 44  ? -3.672  -13.273 13.815  1.00 59.13  ? 44  ILE A C     1 
ATOM   269  O  O     . ILE A 1 44  ? -4.694  -13.964 13.970  1.00 59.28  ? 44  ILE A O     1 
ATOM   270  C  CB    . ILE A 1 44  ? -1.456  -14.374 13.545  1.00 58.44  ? 44  ILE A CB    1 
ATOM   271  C  CG1   . ILE A 1 44  ? -0.581  -15.146 12.542  1.00 57.46  ? 44  ILE A CG1   1 
ATOM   272  C  CG2   . ILE A 1 44  ? -2.012  -15.320 14.651  1.00 57.27  ? 44  ILE A CG2   1 
ATOM   273  C  CD1   . ILE A 1 44  ? 0.761   -15.555 13.064  1.00 54.90  ? 44  ILE A CD1   1 
ATOM   274  N  N     . CYS A 1 45  ? -3.433  -12.145 14.485  1.00 59.16  ? 45  CYS A N     1 
ATOM   275  C  CA    . CYS A 1 45  ? -4.350  -11.671 15.494  1.00 59.50  ? 45  CYS A CA    1 
ATOM   276  C  C     . CYS A 1 45  ? -5.633  -11.181 14.862  1.00 60.17  ? 45  CYS A C     1 
ATOM   277  O  O     . CYS A 1 45  ? -6.720  -11.412 15.409  1.00 60.40  ? 45  CYS A O     1 
ATOM   278  C  CB    . CYS A 1 45  ? -3.700  -10.615 16.370  1.00 59.17  ? 45  CYS A CB    1 
ATOM   279  S  SG    . CYS A 1 45  ? -2.429  -11.367 17.422  1.00 60.04  ? 45  CYS A SG    1 
ATOM   280  N  N     . GLN A 1 46  ? -5.514  -10.542 13.698  1.00 60.47  ? 46  GLN A N     1 
ATOM   281  C  CA    . GLN A 1 46  ? -6.701  -10.081 12.994  1.00 61.18  ? 46  GLN A CA    1 
ATOM   282  C  C     . GLN A 1 46  ? -7.602  -11.252 12.659  1.00 61.79  ? 46  GLN A C     1 
ATOM   283  O  O     . GLN A 1 46  ? -8.791  -11.249 12.995  1.00 62.06  ? 46  GLN A O     1 
ATOM   284  C  CB    . GLN A 1 46  ? -6.341  -9.313  11.733  1.00 60.87  ? 46  GLN A CB    1 
ATOM   285  C  CG    . GLN A 1 46  ? -6.054  -7.870  12.034  1.00 61.09  ? 46  GLN A CG    1 
ATOM   286  C  CD    . GLN A 1 46  ? -5.534  -7.085  10.855  1.00 59.81  ? 46  GLN A CD    1 
ATOM   287  O  OE1   . GLN A 1 46  ? -5.773  -7.436  9.695   1.00 62.50  ? 46  GLN A OE1   1 
ATOM   288  N  NE2   . GLN A 1 46  ? -4.832  -6.006  11.142  1.00 56.60  ? 46  GLN A NE2   1 
ATOM   289  N  N     . ARG A 1 47  ? -7.028  -12.266 12.028  1.00 62.13  ? 47  ARG A N     1 
ATOM   290  C  CA    . ARG A 1 47  ? -7.804  -13.418 11.641  1.00 62.58  ? 47  ARG A CA    1 
ATOM   291  C  C     . ARG A 1 47  ? -8.435  -14.126 12.832  1.00 63.49  ? 47  ARG A C     1 
ATOM   292  O  O     . ARG A 1 47  ? -9.592  -14.541 12.748  1.00 63.77  ? 47  ARG A O     1 
ATOM   293  C  CB    . ARG A 1 47  ? -6.969  -14.370 10.820  1.00 62.21  ? 47  ARG A CB    1 
ATOM   294  C  CG    . ARG A 1 47  ? -6.706  -13.845 9.449   1.00 61.84  ? 47  ARG A CG    1 
ATOM   295  C  CD    . ARG A 1 47  ? -5.943  -14.835 8.676   1.00 62.00  ? 47  ARG A CD    1 
ATOM   296  N  NE    . ARG A 1 47  ? -5.489  -14.307 7.400   1.00 64.28  ? 47  ARG A NE    1 
ATOM   297  C  CZ    . ARG A 1 47  ? -5.392  -15.040 6.292   1.00 65.05  ? 47  ARG A CZ    1 
ATOM   298  N  NH1   . ARG A 1 47  ? -5.729  -16.335 6.320   1.00 65.78  ? 47  ARG A NH1   1 
ATOM   299  N  NH2   . ARG A 1 47  ? -4.974  -14.487 5.160   1.00 63.61  ? 47  ARG A NH2   1 
ATOM   300  N  N     . LEU A 1 48  ? -7.702  -14.236 13.940  1.00 64.30  ? 48  LEU A N     1 
ATOM   301  C  CA    . LEU A 1 48  ? -8.205  -14.946 15.114  1.00 64.92  ? 48  LEU A CA    1 
ATOM   302  C  C     . LEU A 1 48  ? -9.228  -14.160 15.903  1.00 65.94  ? 48  LEU A C     1 
ATOM   303  O  O     . LEU A 1 48  ? -10.242 -14.708 16.322  1.00 66.05  ? 48  LEU A O     1 
ATOM   304  C  CB    . LEU A 1 48  ? -7.064  -15.356 16.029  1.00 64.59  ? 48  LEU A CB    1 
ATOM   305  C  CG    . LEU A 1 48  ? -6.210  -16.547 15.589  1.00 64.03  ? 48  LEU A CG    1 
ATOM   306  C  CD1   . LEU A 1 48  ? -4.980  -16.657 16.475  1.00 62.39  ? 48  LEU A CD1   1 
ATOM   307  C  CD2   . LEU A 1 48  ? -6.995  -17.861 15.582  1.00 62.50  ? 48  LEU A CD2   1 
ATOM   308  N  N     . THR A 1 49  ? -8.968  -12.877 16.107  1.00 67.61  ? 49  THR A N     1 
ATOM   309  C  CA    . THR A 1 49  ? -9.843  -12.069 16.952  1.00 69.34  ? 49  THR A CA    1 
ATOM   310  C  C     . THR A 1 49  ? -11.027 -11.479 16.190  1.00 71.07  ? 49  THR A C     1 
ATOM   311  O  O     . THR A 1 49  ? -12.031 -11.129 16.796  1.00 71.75  ? 49  THR A O     1 
ATOM   312  C  CB    . THR A 1 49  ? -9.093  -10.919 17.644  1.00 68.99  ? 49  THR A CB    1 
ATOM   313  O  OG1   . THR A 1 49  ? -8.683  -9.973  16.651  1.00 69.38  ? 49  THR A OG1   1 
ATOM   314  C  CG2   . THR A 1 49  ? -7.881  -11.428 18.432  1.00 67.99  ? 49  THR A CG2   1 
ATOM   315  N  N     . GLY A 1 50  ? -10.907 -11.354 14.873  1.00 72.86  ? 50  GLY A N     1 
ATOM   316  C  CA    . GLY A 1 50  ? -11.960 -10.765 14.078  1.00 75.26  ? 50  GLY A CA    1 
ATOM   317  C  C     . GLY A 1 50  ? -12.032 -9.245  14.110  1.00 77.72  ? 50  GLY A C     1 
ATOM   318  O  O     . GLY A 1 50  ? -13.055 -8.685  13.718  1.00 77.94  ? 50  GLY A O     1 
ATOM   319  N  N     . THR A 1 51  ? -10.977 -8.575  14.595  1.00 80.02  ? 51  THR A N     1 
ATOM   320  C  CA    . THR A 1 51  ? -10.772 -7.121  14.384  1.00 82.45  ? 51  THR A CA    1 
ATOM   321  C  C     . THR A 1 51  ? -9.323  -6.672  14.509  1.00 84.35  ? 51  THR A C     1 
ATOM   322  O  O     . THR A 1 51  ? -8.430  -7.470  14.823  1.00 84.94  ? 51  THR A O     1 
ATOM   323  C  CB    . THR A 1 51  ? -11.542 -6.222  15.363  1.00 82.49  ? 51  THR A CB    1 
ATOM   324  O  OG1   . THR A 1 51  ? -11.679 -6.906  16.609  1.00 82.66  ? 51  THR A OG1   1 
ATOM   325  C  CG2   . THR A 1 51  ? -12.913 -5.743  14.770  1.00 82.43  ? 51  THR A CG2   1 
ATOM   326  N  N     . GLN A 1 52  ? -9.131  -5.363  14.304  1.00 86.45  ? 52  GLN A N     1 
ATOM   327  C  CA    . GLN A 1 52  ? -7.827  -4.707  14.222  1.00 88.36  ? 52  GLN A CA    1 
ATOM   328  C  C     . GLN A 1 52  ? -7.569  -3.751  15.392  1.00 89.28  ? 52  GLN A C     1 
ATOM   329  O  O     . GLN A 1 52  ? -8.491  -3.404  16.128  1.00 89.46  ? 52  GLN A O     1 
ATOM   330  C  CB    . GLN A 1 52  ? -7.694  -3.951  12.877  1.00 88.66  ? 52  GLN A CB    1 
ATOM   331  C  CG    . GLN A 1 52  ? -8.966  -3.199  12.378  1.00 90.49  ? 52  GLN A CG    1 
ATOM   332  C  CD    . GLN A 1 52  ? -9.736  -3.943  11.250  1.00 93.46  ? 52  GLN A CD    1 
ATOM   333  O  OE1   . GLN A 1 52  ? -10.901 -4.340  11.432  1.00 94.22  ? 52  GLN A OE1   1 
ATOM   334  N  NE2   . GLN A 1 52  ? -9.085  -4.126  10.084  1.00 92.63  ? 52  GLN A NE2   1 
ATOM   335  N  N     . GLU A 1 53  ? -6.303  -3.348  15.551  1.00 90.78  ? 53  GLU A N     1 
ATOM   336  C  CA    . GLU A 1 53  ? -5.877  -2.253  16.451  1.00 92.13  ? 53  GLU A CA    1 
ATOM   337  C  C     . GLU A 1 53  ? -5.998  -0.888  15.761  1.00 92.71  ? 53  GLU A C     1 
ATOM   338  O  O     . GLU A 1 53  ? -6.489  -0.814  14.629  1.00 92.96  ? 53  GLU A O     1 
ATOM   339  C  CB    . GLU A 1 53  ? -4.428  -2.467  16.908  1.00 92.20  ? 53  GLU A CB    1 
ATOM   340  C  CG    . GLU A 1 53  ? -4.210  -3.771  17.636  1.00 93.44  ? 53  GLU A CG    1 
ATOM   341  C  CD    . GLU A 1 53  ? -5.290  -4.031  18.667  1.00 95.56  ? 53  GLU A CD    1 
ATOM   342  O  OE1   . GLU A 1 53  ? -5.322  -3.300  19.687  1.00 96.07  ? 53  GLU A OE1   1 
ATOM   343  O  OE2   . GLU A 1 53  ? -6.107  -4.959  18.450  1.00 95.76  ? 53  GLU A OE2   1 
ATOM   344  N  N     . ILE A 1 54  ? -5.536  0.181   16.429  1.00 93.31  ? 54  ILE A N     1 
ATOM   345  C  CA    . ILE A 1 54  ? -5.719  1.571   15.940  1.00 93.40  ? 54  ILE A CA    1 
ATOM   346  C  C     . ILE A 1 54  ? -4.709  2.589   16.505  1.00 93.52  ? 54  ILE A C     1 
ATOM   347  O  O     . ILE A 1 54  ? -4.074  3.346   15.754  1.00 93.35  ? 54  ILE A O     1 
ATOM   348  C  CB    . ILE A 1 54  ? -7.206  2.094   16.135  1.00 93.52  ? 54  ILE A CB    1 
ATOM   349  C  CG1   . ILE A 1 54  ? -8.054  1.149   17.017  1.00 93.37  ? 54  ILE A CG1   1 
ATOM   350  C  CG2   . ILE A 1 54  ? -7.899  2.274   14.775  1.00 92.28  ? 54  ILE A CG2   1 
ATOM   351  C  CD1   . ILE A 1 54  ? -7.598  0.982   18.490  1.00 93.50  ? 54  ILE A CD1   1 
ATOM   352  N  N     . ASN A 1 58  ? -1.069  9.821   14.586  1.00 88.46  ? 58  ASN A N     1 
ATOM   353  C  CA    . ASN A 1 58  ? -0.293  11.012  14.944  1.00 88.80  ? 58  ASN A CA    1 
ATOM   354  C  C     . ASN A 1 58  ? -0.565  12.226  14.032  1.00 88.91  ? 58  ASN A C     1 
ATOM   355  O  O     . ASN A 1 58  ? -1.351  12.119  13.087  1.00 89.05  ? 58  ASN A O     1 
ATOM   356  C  CB    . ASN A 1 58  ? 1.211   10.689  15.060  1.00 88.77  ? 58  ASN A CB    1 
ATOM   357  C  CG    . ASN A 1 58  ? 1.959   10.812  13.738  1.00 89.16  ? 58  ASN A CG    1 
ATOM   358  O  OD1   . ASN A 1 58  ? 1.868   9.949   12.875  1.00 90.84  ? 58  ASN A OD1   1 
ATOM   359  N  ND2   . ASN A 1 58  ? 2.732   11.875  13.597  1.00 89.98  ? 58  ASN A ND2   1 
ATOM   360  N  N     . ALA A 1 59  ? 0.078   13.366  14.327  1.00 88.93  ? 59  ALA A N     1 
ATOM   361  C  CA    . ALA A 1 59  ? -0.212  14.682  13.679  1.00 88.71  ? 59  ALA A CA    1 
ATOM   362  C  C     . ALA A 1 59  ? 0.149   14.791  12.188  1.00 88.51  ? 59  ALA A C     1 
ATOM   363  O  O     . ALA A 1 59  ? -0.550  15.461  11.416  1.00 88.21  ? 59  ALA A O     1 
ATOM   364  C  CB    . ALA A 1 59  ? 0.432   15.837  14.474  1.00 88.35  ? 59  ALA A CB    1 
ATOM   365  N  N     . ALA A 1 60  ? 1.254   14.144  11.821  1.00 88.57  ? 60  ALA A N     1 
ATOM   366  C  CA    . ALA A 1 60  ? 1.717   14.018  10.444  1.00 88.79  ? 60  ALA A CA    1 
ATOM   367  C  C     . ALA A 1 60  ? 0.858   13.029  9.627   1.00 89.06  ? 60  ALA A C     1 
ATOM   368  O  O     . ALA A 1 60  ? 0.604   13.249  8.430   1.00 89.32  ? 60  ALA A O     1 
ATOM   369  C  CB    . ALA A 1 60  ? 3.188   13.596  10.436  1.00 88.61  ? 60  ALA A CB    1 
ATOM   370  N  N     . MET A 1 61  ? 0.445   11.940  10.280  1.00 89.08  ? 61  MET A N     1 
ATOM   371  C  CA    . MET A 1 61  ? -0.499  10.973  9.741   1.00 88.97  ? 61  MET A CA    1 
ATOM   372  C  C     . MET A 1 61  ? -1.837  11.633  9.510   1.00 88.84  ? 61  MET A C     1 
ATOM   373  O  O     . MET A 1 61  ? -2.505  11.343  8.530   1.00 88.97  ? 61  MET A O     1 
ATOM   374  C  CB    . MET A 1 61  ? -0.707  9.847   10.739  1.00 89.15  ? 61  MET A CB    1 
ATOM   375  C  CG    . MET A 1 61  ? 0.038   8.572   10.461  1.00 90.29  ? 61  MET A CG    1 
ATOM   376  S  SD    . MET A 1 61  ? -0.130  7.354   11.812  1.00 93.72  ? 61  MET A SD    1 
ATOM   377  C  CE    . MET A 1 61  ? -1.849  7.497   12.351  1.00 92.27  ? 61  MET A CE    1 
ATOM   378  N  N     . GLN A 1 62  ? -2.236  12.504  10.431  1.00 89.03  ? 62  GLN A N     1 
ATOM   379  C  CA    . GLN A 1 62  ? -3.518  13.205  10.325  1.00 89.50  ? 62  GLN A CA    1 
ATOM   380  C  C     . GLN A 1 62  ? -3.566  14.237  9.207   1.00 88.84  ? 62  GLN A C     1 
ATOM   381  O  O     . GLN A 1 62  ? -4.625  14.454  8.638   1.00 88.89  ? 62  GLN A O     1 
ATOM   382  C  CB    . GLN A 1 62  ? -3.964  13.810  11.671  1.00 90.23  ? 62  GLN A CB    1 
ATOM   383  C  CG    . GLN A 1 62  ? -5.128  13.025  12.363  1.00 92.53  ? 62  GLN A CG    1 
ATOM   384  C  CD    . GLN A 1 62  ? -5.055  13.047  13.902  1.00 95.87  ? 62  GLN A CD    1 
ATOM   385  O  OE1   . GLN A 1 62  ? -3.971  12.911  14.504  1.00 96.67  ? 62  GLN A OE1   1 
ATOM   386  N  NE2   . GLN A 1 62  ? -6.213  13.200  14.540  1.00 96.58  ? 62  GLN A NE2   1 
ATOM   387  N  N     . ARG A 1 63  ? -2.429  14.859  8.891   1.00 88.21  ? 63  ARG A N     1 
ATOM   388  C  CA    . ARG A 1 63  ? -2.341  15.725  7.713   1.00 87.46  ? 63  ARG A CA    1 
ATOM   389  C  C     . ARG A 1 63  ? -2.340  14.942  6.406   1.00 86.45  ? 63  ARG A C     1 
ATOM   390  O  O     . ARG A 1 63  ? -3.156  15.215  5.541   1.00 86.76  ? 63  ARG A O     1 
ATOM   391  C  CB    . ARG A 1 63  ? -1.171  16.716  7.786   1.00 87.67  ? 63  ARG A CB    1 
ATOM   392  C  CG    . ARG A 1 63  ? -1.638  18.155  8.176   1.00 88.75  ? 63  ARG A CG    1 
ATOM   393  C  CD    . ARG A 1 63  ? -0.508  19.214  8.091   1.00 89.23  ? 63  ARG A CD    1 
ATOM   394  N  NE    . ARG A 1 63  ? -0.321  19.863  6.770   1.00 88.28  ? 63  ARG A NE    1 
ATOM   395  C  CZ    . ARG A 1 63  ? 0.273   19.319  5.697   1.00 86.30  ? 63  ARG A CZ    1 
ATOM   396  N  NH1   . ARG A 1 63  ? 0.390   20.044  4.588   1.00 84.16  ? 63  ARG A NH1   1 
ATOM   397  N  NH2   . ARG A 1 63  ? 0.737   18.062  5.713   1.00 84.76  ? 63  ARG A NH2   1 
ATOM   398  N  N     . GLY A 1 64  ? -1.461  13.958  6.268   1.00 85.36  ? 64  GLY A N     1 
ATOM   399  C  CA    . GLY A 1 64  ? -1.450  13.110  5.077   1.00 84.14  ? 64  GLY A CA    1 
ATOM   400  C  C     . GLY A 1 64  ? -2.846  12.691  4.646   1.00 83.37  ? 64  GLY A C     1 
ATOM   401  O  O     . GLY A 1 64  ? -3.134  12.497  3.453   1.00 83.58  ? 64  GLY A O     1 
ATOM   402  N  N     . THR A 1 65  ? -3.716  12.577  5.636   1.00 82.34  ? 65  THR A N     1 
ATOM   403  C  CA    . THR A 1 65  ? -5.083  12.149  5.441   1.00 81.56  ? 65  THR A CA    1 
ATOM   404  C  C     . THR A 1 65  ? -6.009  13.274  4.948   1.00 80.89  ? 65  THR A C     1 
ATOM   405  O  O     . THR A 1 65  ? -6.694  13.093  3.936   1.00 80.55  ? 65  THR A O     1 
ATOM   406  C  CB    . THR A 1 65  ? -5.604  11.479  6.733   1.00 81.85  ? 65  THR A CB    1 
ATOM   407  O  OG1   . THR A 1 65  ? -4.783  10.337  7.023   1.00 82.48  ? 65  THR A OG1   1 
ATOM   408  C  CG2   . THR A 1 65  ? -7.066  11.037  6.595   1.00 81.27  ? 65  THR A CG2   1 
ATOM   409  N  N     . GLU A 1 66  ? -6.020  14.421  5.641   1.00 80.18  ? 66  GLU A N     1 
ATOM   410  C  CA    . GLU A 1 66  ? -6.876  15.560  5.242   1.00 79.68  ? 66  GLU A CA    1 
ATOM   411  C  C     . GLU A 1 66  ? -6.460  16.113  3.890   1.00 78.21  ? 66  GLU A C     1 
ATOM   412  O  O     . GLU A 1 66  ? -7.312  16.471  3.082   1.00 78.48  ? 66  GLU A O     1 
ATOM   413  C  CB    . GLU A 1 66  ? -6.846  16.747  6.228   1.00 80.37  ? 66  GLU A CB    1 
ATOM   414  C  CG    . GLU A 1 66  ? -6.307  16.513  7.639   1.00 83.98  ? 66  GLU A CG    1 
ATOM   415  C  CD    . GLU A 1 66  ? -7.387  16.489  8.737   1.00 87.91  ? 66  GLU A CD    1 
ATOM   416  O  OE1   . GLU A 1 66  ? -7.017  16.297  9.923   1.00 88.77  ? 66  GLU A OE1   1 
ATOM   417  O  OE2   . GLU A 1 66  ? -8.593  16.657  8.426   1.00 89.56  ? 66  GLU A OE2   1 
ATOM   418  N  N     . LEU A 1 67  ? -5.149  16.193  3.668   1.00 76.29  ? 67  LEU A N     1 
ATOM   419  C  CA    . LEU A 1 67  ? -4.571  16.857  2.505   1.00 74.61  ? 67  LEU A CA    1 
ATOM   420  C  C     . LEU A 1 67  ? -4.545  15.989  1.227   1.00 73.63  ? 67  LEU A C     1 
ATOM   421  O  O     . LEU A 1 67  ? -4.227  16.463  0.128   1.00 72.67  ? 67  LEU A O     1 
ATOM   422  C  CB    . LEU A 1 67  ? -3.172  17.356  2.863   1.00 74.47  ? 67  LEU A CB    1 
ATOM   423  C  CG    . LEU A 1 67  ? -2.614  18.553  2.096   1.00 74.28  ? 67  LEU A CG    1 
ATOM   424  C  CD1   . LEU A 1 67  ? -3.266  19.866  2.522   1.00 72.89  ? 67  LEU A CD1   1 
ATOM   425  C  CD2   . LEU A 1 67  ? -1.108  18.602  2.293   1.00 74.76  ? 67  LEU A CD2   1 
ATOM   426  N  N     . GLU A 1 68  ? -4.903  14.722  1.379   1.00 72.63  ? 68  GLU A N     1 
ATOM   427  C  CA    . GLU A 1 68  ? -4.920  13.786  0.265   1.00 71.83  ? 68  GLU A CA    1 
ATOM   428  C  C     . GLU A 1 68  ? -5.809  14.276  -0.910  1.00 70.77  ? 68  GLU A C     1 
ATOM   429  O  O     . GLU A 1 68  ? -5.343  14.382  -2.050  1.00 70.51  ? 68  GLU A O     1 
ATOM   430  C  CB    . GLU A 1 68  ? -5.350  12.416  0.765   1.00 71.74  ? 68  GLU A CB    1 
ATOM   431  C  CG    . GLU A 1 68  ? -4.682  11.278  0.067   1.00 73.25  ? 68  GLU A CG    1 
ATOM   432  C  CD    . GLU A 1 68  ? -5.461  9.985   0.213   1.00 74.63  ? 68  GLU A CD    1 
ATOM   433  O  OE1   . GLU A 1 68  ? -4.991  9.075   0.955   1.00 75.53  ? 68  GLU A OE1   1 
ATOM   434  O  OE2   . GLU A 1 68  ? -6.542  9.902   -0.413  1.00 73.25  ? 68  GLU A OE2   1 
ATOM   435  N  N     . PRO A 1 69  ? -7.087  14.598  -0.637  1.00 69.70  ? 69  PRO A N     1 
ATOM   436  C  CA    . PRO A 1 69  ? -7.905  15.163  -1.722  1.00 68.80  ? 69  PRO A CA    1 
ATOM   437  C  C     . PRO A 1 69  ? -7.326  16.440  -2.346  1.00 67.68  ? 69  PRO A C     1 
ATOM   438  O  O     . PRO A 1 69  ? -7.517  16.665  -3.537  1.00 67.76  ? 69  PRO A O     1 
ATOM   439  C  CB    . PRO A 1 69  ? -9.238  15.471  -1.031  1.00 68.74  ? 69  PRO A CB    1 
ATOM   440  C  CG    . PRO A 1 69  ? -8.908  15.457  0.444   1.00 69.05  ? 69  PRO A CG    1 
ATOM   441  C  CD    . PRO A 1 69  ? -7.878  14.412  0.590   1.00 69.18  ? 69  PRO A CD    1 
ATOM   442  N  N     . HIS A 1 70  ? -6.634  17.257  -1.553  1.00 66.34  ? 70  HIS A N     1 
ATOM   443  C  CA    . HIS A 1 70  ? -5.974  18.458  -2.071  1.00 65.02  ? 70  HIS A CA    1 
ATOM   444  C  C     . HIS A 1 70  ? -4.984  18.024  -3.139  1.00 64.44  ? 70  HIS A C     1 
ATOM   445  O  O     . HIS A 1 70  ? -4.922  18.621  -4.198  1.00 64.63  ? 70  HIS A O     1 
ATOM   446  C  CB    . HIS A 1 70  ? -5.239  19.254  -0.968  1.00 65.00  ? 70  HIS A CB    1 
ATOM   447  C  CG    . HIS A 1 70  ? -6.137  19.933  0.032   1.00 63.73  ? 70  HIS A CG    1 
ATOM   448  N  ND1   . HIS A 1 70  ? -7.074  19.259  0.788   1.00 63.39  ? 70  HIS A ND1   1 
ATOM   449  C  CD2   . HIS A 1 70  ? -6.199  21.224  0.435   1.00 62.69  ? 70  HIS A CD2   1 
ATOM   450  C  CE1   . HIS A 1 70  ? -7.696  20.108  1.586   1.00 63.08  ? 70  HIS A CE1   1 
ATOM   451  N  NE2   . HIS A 1 70  ? -7.184  21.309  1.390   1.00 62.55  ? 70  HIS A NE2   1 
ATOM   452  N  N     . ALA A 1 71  ? -4.226  16.966  -2.866  1.00 63.86  ? 71  ALA A N     1 
ATOM   453  C  CA    . ALA A 1 71  ? -3.246  16.458  -3.833  1.00 63.18  ? 71  ALA A CA    1 
ATOM   454  C  C     . ALA A 1 71  ? -3.911  15.847  -5.062  1.00 62.76  ? 71  ALA A C     1 
ATOM   455  O  O     . ALA A 1 71  ? -3.441  16.070  -6.190  1.00 62.71  ? 71  ALA A O     1 
ATOM   456  C  CB    . ALA A 1 71  ? -2.289  15.458  -3.190  1.00 63.01  ? 71  ALA A CB    1 
ATOM   457  N  N     . ARG A 1 72  ? -4.996  15.095  -4.850  1.00 62.17  ? 72  ARG A N     1 
ATOM   458  C  CA    . ARG A 1 72  ? -5.731  14.468  -5.962  1.00 61.80  ? 72  ARG A CA    1 
ATOM   459  C  C     . ARG A 1 72  ? -6.143  15.556  -6.948  1.00 61.69  ? 72  ARG A C     1 
ATOM   460  O  O     . ARG A 1 72  ? -5.801  15.488  -8.132  1.00 61.94  ? 72  ARG A O     1 
ATOM   461  C  CB    . ARG A 1 72  ? -6.931  13.639  -5.478  1.00 61.78  ? 72  ARG A CB    1 
ATOM   462  C  CG    . ARG A 1 72  ? -7.442  12.566  -6.461  1.00 61.49  ? 72  ARG A CG    1 
ATOM   463  C  CD    . ARG A 1 72  ? -8.558  11.690  -5.839  1.00 63.70  ? 72  ARG A CD    1 
ATOM   464  N  NE    . ARG A 1 72  ? -7.985  10.649  -4.980  1.00 66.90  ? 72  ARG A NE    1 
ATOM   465  C  CZ    . ARG A 1 72  ? -7.827  10.730  -3.652  1.00 68.03  ? 72  ARG A CZ    1 
ATOM   466  N  NH1   . ARG A 1 72  ? -8.231  11.793  -2.963  1.00 69.10  ? 72  ARG A NH1   1 
ATOM   467  N  NH2   . ARG A 1 72  ? -7.255  9.732   -2.997  1.00 67.75  ? 72  ARG A NH2   1 
ATOM   468  N  N     . ALA A 1 73  ? -6.823  16.586  -6.445  1.00 61.42  ? 73  ALA A N     1 
ATOM   469  C  CA    . ALA A 1 73  ? -7.130  17.759  -7.242  1.00 60.78  ? 73  ALA A CA    1 
ATOM   470  C  C     . ALA A 1 73  ? -5.863  18.241  -7.952  1.00 60.63  ? 73  ALA A C     1 
ATOM   471  O  O     . ALA A 1 73  ? -5.815  18.242  -9.180  1.00 61.60  ? 73  ALA A O     1 
ATOM   472  C  CB    . ALA A 1 73  ? -7.718  18.849  -6.386  1.00 60.54  ? 73  ALA A CB    1 
ATOM   473  N  N     . ARG A 1 74  ? -4.820  18.603  -7.209  1.00 59.68  ? 74  ARG A N     1 
ATOM   474  C  CA    . ARG A 1 74  ? -3.619  19.142  -7.847  1.00 58.45  ? 74  ARG A CA    1 
ATOM   475  C  C     . ARG A 1 74  ? -3.114  18.285  -9.013  1.00 58.03  ? 74  ARG A C     1 
ATOM   476  O  O     . ARG A 1 74  ? -2.793  18.815  -10.071 1.00 57.26  ? 74  ARG A O     1 
ATOM   477  C  CB    . ARG A 1 74  ? -2.506  19.388  -6.835  1.00 58.27  ? 74  ARG A CB    1 
ATOM   478  C  CG    . ARG A 1 74  ? -1.280  20.071  -7.435  1.00 57.31  ? 74  ARG A CG    1 
ATOM   479  C  CD    . ARG A 1 74  ? -1.566  21.489  -7.932  1.00 56.54  ? 74  ARG A CD    1 
ATOM   480  N  NE    . ARG A 1 74  ? -0.321  22.223  -8.146  1.00 57.25  ? 74  ARG A NE    1 
ATOM   481  C  CZ    . ARG A 1 74  ? 0.341   22.887  -7.197  1.00 57.36  ? 74  ARG A CZ    1 
ATOM   482  N  NH1   . ARG A 1 74  ? -0.147  22.935  -5.962  1.00 58.48  ? 74  ARG A NH1   1 
ATOM   483  N  NH2   . ARG A 1 74  ? 1.487   23.513  -7.480  1.00 55.21  ? 74  ARG A NH2   1 
ATOM   484  N  N     . TYR A 1 75  ? -3.067  16.967  -8.818  1.00 57.83  ? 75  TYR A N     1 
ATOM   485  C  CA    . TYR A 1 75  ? -2.604  16.057  -9.870  1.00 58.02  ? 75  TYR A CA    1 
ATOM   486  C  C     . TYR A 1 75  ? -3.397  16.271  -11.146 1.00 59.06  ? 75  TYR A C     1 
ATOM   487  O  O     . TYR A 1 75  ? -2.838  16.268  -12.244 1.00 59.24  ? 75  TYR A O     1 
ATOM   488  C  CB    . TYR A 1 75  ? -2.732  14.605  -9.434  1.00 57.18  ? 75  TYR A CB    1 
ATOM   489  C  CG    . TYR A 1 75  ? -2.430  13.573  -10.509 1.00 54.92  ? 75  TYR A CG    1 
ATOM   490  C  CD1   . TYR A 1 75  ? -1.112  13.304  -10.933 1.00 53.57  ? 75  TYR A CD1   1 
ATOM   491  C  CD2   . TYR A 1 75  ? -3.450  12.838  -11.081 1.00 53.02  ? 75  TYR A CD2   1 
ATOM   492  C  CE1   . TYR A 1 75  ? -0.832  12.323  -11.923 1.00 50.91  ? 75  TYR A CE1   1 
ATOM   493  C  CE2   . TYR A 1 75  ? -3.184  11.858  -12.057 1.00 52.67  ? 75  TYR A CE2   1 
ATOM   494  C  CZ    . TYR A 1 75  ? -1.880  11.606  -12.473 1.00 51.14  ? 75  TYR A CZ    1 
ATOM   495  O  OH    . TYR A 1 75  ? -1.679  10.630  -13.436 1.00 50.44  ? 75  TYR A OH    1 
ATOM   496  N  N     . ILE A 1 76  ? -4.703  16.457  -10.994 1.00 59.99  ? 76  ILE A N     1 
ATOM   497  C  CA    . ILE A 1 76  ? -5.576  16.718  -12.133 1.00 60.78  ? 76  ILE A CA    1 
ATOM   498  C  C     . ILE A 1 76  ? -5.344  18.116  -12.745 1.00 61.45  ? 76  ILE A C     1 
ATOM   499  O  O     . ILE A 1 76  ? -5.176  18.240  -13.962 1.00 61.78  ? 76  ILE A O     1 
ATOM   500  C  CB    . ILE A 1 76  ? -7.054  16.500  -11.775 1.00 60.54  ? 76  ILE A CB    1 
ATOM   501  C  CG1   . ILE A 1 76  ? -7.255  15.082  -11.219 1.00 60.15  ? 76  ILE A CG1   1 
ATOM   502  C  CG2   . ILE A 1 76  ? -7.911  16.733  -12.996 1.00 60.78  ? 76  ILE A CG2   1 
ATOM   503  C  CD1   . ILE A 1 76  ? -8.541  14.877  -10.404 1.00 59.43  ? 76  ILE A CD1   1 
ATOM   504  N  N     . ILE A 1 77  ? -5.316  19.159  -11.919 1.00 61.82  ? 77  ILE A N     1 
ATOM   505  C  CA    . ILE A 1 77  ? -5.017  20.492  -12.430 1.00 61.95  ? 77  ILE A CA    1 
ATOM   506  C  C     . ILE A 1 77  ? -3.719  20.426  -13.231 1.00 62.94  ? 77  ILE A C     1 
ATOM   507  O  O     . ILE A 1 77  ? -3.597  21.086  -14.259 1.00 63.69  ? 77  ILE A O     1 
ATOM   508  C  CB    . ILE A 1 77  ? -4.938  21.512  -11.307 1.00 61.36  ? 77  ILE A CB    1 
ATOM   509  C  CG1   . ILE A 1 77  ? -6.293  21.618  -10.644 1.00 61.22  ? 77  ILE A CG1   1 
ATOM   510  C  CG2   . ILE A 1 77  ? -4.568  22.873  -11.821 1.00 60.83  ? 77  ILE A CG2   1 
ATOM   511  C  CD1   . ILE A 1 77  ? -6.208  21.808  -9.169  1.00 62.72  ? 77  ILE A CD1   1 
ATOM   512  N  N     . GLU A 1 78  ? -2.778  19.588  -12.800 1.00 63.65  ? 78  GLU A N     1 
ATOM   513  C  CA    . GLU A 1 78  ? -1.475  19.502  -13.471 1.00 64.48  ? 78  GLU A CA    1 
ATOM   514  C  C     . GLU A 1 78  ? -1.478  18.611  -14.706 1.00 64.77  ? 78  GLU A C     1 
ATOM   515  O  O     . GLU A 1 78  ? -0.741  18.870  -15.643 1.00 65.54  ? 78  GLU A O     1 
ATOM   516  C  CB    . GLU A 1 78  ? -0.358  19.044  -12.518 1.00 64.42  ? 78  GLU A CB    1 
ATOM   517  C  CG    . GLU A 1 78  ? -0.056  19.995  -11.366 1.00 65.21  ? 78  GLU A CG    1 
ATOM   518  C  CD    . GLU A 1 78  ? 0.657   21.266  -11.790 1.00 66.68  ? 78  GLU A CD    1 
ATOM   519  O  OE1   . GLU A 1 78  ? 0.659   22.232  -11.004 1.00 67.69  ? 78  GLU A OE1   1 
ATOM   520  O  OE2   . GLU A 1 78  ? 1.228   21.313  -12.896 1.00 68.20  ? 78  GLU A OE2   1 
ATOM   521  N  N     . THR A 1 79  ? -2.295  17.562  -14.711 1.00 64.93  ? 79  THR A N     1 
ATOM   522  C  CA    . THR A 1 79  ? -2.229  16.557  -15.783 1.00 64.63  ? 79  THR A CA    1 
ATOM   523  C  C     . THR A 1 79  ? -3.487  16.520  -16.653 1.00 65.29  ? 79  THR A C     1 
ATOM   524  O  O     . THR A 1 79  ? -3.408  16.279  -17.840 1.00 65.82  ? 79  THR A O     1 
ATOM   525  C  CB    . THR A 1 79  ? -1.982  15.129  -15.236 1.00 64.41  ? 79  THR A CB    1 
ATOM   526  O  OG1   . THR A 1 79  ? -3.117  14.712  -14.466 1.00 63.04  ? 79  THR A OG1   1 
ATOM   527  C  CG2   . THR A 1 79  ? -0.714  15.064  -14.394 1.00 62.55  ? 79  THR A CG2   1 
ATOM   528  N  N     . GLY A 1 80  ? -4.653  16.742  -16.067 1.00 65.67  ? 80  GLY A N     1 
ATOM   529  C  CA    . GLY A 1 80  ? -5.879  16.712  -16.839 1.00 66.53  ? 80  GLY A CA    1 
ATOM   530  C  C     . GLY A 1 80  ? -6.305  15.279  -17.049 1.00 67.36  ? 80  GLY A C     1 
ATOM   531  O  O     . GLY A 1 80  ? -7.169  14.986  -17.883 1.00 67.57  ? 80  GLY A O     1 
ATOM   532  N  N     . GLU A 1 81  ? -5.690  14.384  -16.279 1.00 68.14  ? 81  GLU A N     1 
ATOM   533  C  CA    . GLU A 1 81  ? -6.044  12.967  -16.270 1.00 68.54  ? 81  GLU A CA    1 
ATOM   534  C  C     . GLU A 1 81  ? -7.426  12.671  -15.638 1.00 68.87  ? 81  GLU A C     1 
ATOM   535  O  O     . GLU A 1 81  ? -7.907  13.416  -14.780 1.00 68.96  ? 81  GLU A O     1 
ATOM   536  C  CB    . GLU A 1 81  ? -4.923  12.193  -15.598 1.00 68.34  ? 81  GLU A CB    1 
ATOM   537  C  CG    . GLU A 1 81  ? -3.700  12.069  -16.476 1.00 68.95  ? 81  GLU A CG    1 
ATOM   538  C  CD    . GLU A 1 81  ? -3.907  11.085  -17.617 1.00 71.36  ? 81  GLU A CD    1 
ATOM   539  O  OE1   . GLU A 1 81  ? -5.073  10.664  -17.870 1.00 72.99  ? 81  GLU A OE1   1 
ATOM   540  O  OE2   . GLU A 1 81  ? -2.900  10.720  -18.256 1.00 71.67  ? 81  GLU A OE2   1 
ATOM   541  N  N     . ILE A 1 82  ? -8.085  11.612  -16.091 1.00 69.17  ? 82  ILE A N     1 
ATOM   542  C  CA    . ILE A 1 82  ? -9.380  11.257  -15.511 1.00 69.56  ? 82  ILE A CA    1 
ATOM   543  C  C     . ILE A 1 82  ? -9.181  10.175  -14.427 1.00 69.35  ? 82  ILE A C     1 
ATOM   544  O  O     . ILE A 1 82  ? -8.805  9.023   -14.717 1.00 69.57  ? 82  ILE A O     1 
ATOM   545  C  CB    . ILE A 1 82  ? -10.425 10.903  -16.609 1.00 69.85  ? 82  ILE A CB    1 
ATOM   546  C  CG1   . ILE A 1 82  ? -11.740 10.406  -15.993 1.00 71.06  ? 82  ILE A CG1   1 
ATOM   547  C  CG2   . ILE A 1 82  ? -9.841  9.899   -17.639 1.00 71.22  ? 82  ILE A CG2   1 
ATOM   548  C  CD1   . ILE A 1 82  ? -13.005 10.741  -16.865 1.00 74.44  ? 82  ILE A CD1   1 
ATOM   549  N  N     . VAL A 1 83  ? -9.424  10.576  -13.177 1.00 68.76  ? 83  VAL A N     1 
ATOM   550  C  CA    . VAL A 1 83  ? -9.053  9.804   -11.988 1.00 68.23  ? 83  VAL A CA    1 
ATOM   551  C  C     . VAL A 1 83  ? -10.266 9.243   -11.238 1.00 68.40  ? 83  VAL A C     1 
ATOM   552  O  O     . VAL A 1 83  ? -11.110 10.009  -10.805 1.00 68.48  ? 83  VAL A O     1 
ATOM   553  C  CB    . VAL A 1 83  ? -8.245  10.690  -11.006 1.00 68.03  ? 83  VAL A CB    1 
ATOM   554  C  CG1   . VAL A 1 83  ? -7.875  9.917   -9.742  1.00 67.81  ? 83  VAL A CG1   1 
ATOM   555  C  CG2   . VAL A 1 83  ? -6.996  11.245  -11.684 1.00 67.47  ? 83  VAL A CG2   1 
ATOM   556  N  N     . THR A 1 84  ? -10.332 7.919   -11.065 1.00 68.63  ? 84  THR A N     1 
ATOM   557  C  CA    . THR A 1 84  ? -11.441 7.250   -10.357 1.00 68.66  ? 84  THR A CA    1 
ATOM   558  C  C     . THR A 1 84  ? -11.007 6.666   -9.020  1.00 69.09  ? 84  THR A C     1 
ATOM   559  O  O     . THR A 1 84  ? -10.101 5.831   -8.963  1.00 69.20  ? 84  THR A O     1 
ATOM   560  C  CB    . THR A 1 84  ? -11.981 6.059   -11.176 1.00 68.79  ? 84  THR A CB    1 
ATOM   561  O  OG1   . THR A 1 84  ? -12.399 6.522   -12.458 1.00 68.58  ? 84  THR A OG1   1 
ATOM   562  C  CG2   . THR A 1 84  ? -13.145 5.338   -10.458 1.00 67.22  ? 84  THR A CG2   1 
ATOM   563  N  N     . GLU A 1 85  ? -11.675 7.064   -7.950  1.00 69.37  ? 85  GLU A N     1 
ATOM   564  C  CA    . GLU A 1 85  ? -11.391 6.467   -6.652  1.00 70.14  ? 85  GLU A CA    1 
ATOM   565  C  C     . GLU A 1 85  ? -12.007 5.079   -6.527  1.00 70.10  ? 85  GLU A C     1 
ATOM   566  O  O     . GLU A 1 85  ? -13.100 4.834   -7.015  1.00 70.29  ? 85  GLU A O     1 
ATOM   567  C  CB    . GLU A 1 85  ? -11.773 7.400   -5.494  1.00 70.23  ? 85  GLU A CB    1 
ATOM   568  C  CG    . GLU A 1 85  ? -10.745 8.534   -5.329  1.00 71.99  ? 85  GLU A CG    1 
ATOM   569  C  CD    . GLU A 1 85  ? -11.091 9.505   -4.222  1.00 74.75  ? 85  GLU A CD    1 
ATOM   570  O  OE1   . GLU A 1 85  ? -11.527 10.639  -4.547  1.00 76.70  ? 85  GLU A OE1   1 
ATOM   571  O  OE2   . GLU A 1 85  ? -10.918 9.144   -3.032  1.00 74.14  ? 85  GLU A OE2   1 
ATOM   572  N  N     . VAL A 1 86  ? -11.273 4.169   -5.895  1.00 70.17  ? 86  VAL A N     1 
ATOM   573  C  CA    . VAL A 1 86  ? -11.664 2.776   -5.815  1.00 69.83  ? 86  VAL A CA    1 
ATOM   574  C  C     . VAL A 1 86  ? -11.428 2.275   -4.382  1.00 69.77  ? 86  VAL A C     1 
ATOM   575  O  O     . VAL A 1 86  ? -10.819 2.962   -3.576  1.00 69.91  ? 86  VAL A O     1 
ATOM   576  C  CB    . VAL A 1 86  ? -10.888 1.972   -6.878  1.00 69.83  ? 86  VAL A CB    1 
ATOM   577  C  CG1   . VAL A 1 86  ? -9.451  1.804   -6.470  1.00 69.05  ? 86  VAL A CG1   1 
ATOM   578  C  CG2   . VAL A 1 86  ? -11.573 0.628   -7.175  1.00 71.18  ? 86  VAL A CG2   1 
ATOM   579  N  N     . GLY A 1 87  ? -11.941 1.101   -4.041  1.00 69.88  ? 87  GLY A N     1 
ATOM   580  C  CA    . GLY A 1 87  ? -11.689 0.537   -2.720  1.00 69.40  ? 87  GLY A CA    1 
ATOM   581  C  C     . GLY A 1 87  ? -10.517 -0.433  -2.759  1.00 69.52  ? 87  GLY A C     1 
ATOM   582  O  O     . GLY A 1 87  ? -9.475  -0.182  -3.394  1.00 69.69  ? 87  GLY A O     1 
ATOM   583  N  N     . LEU A 1 88  ? -10.678 -1.558  -2.075  1.00 68.89  ? 88  LEU A N     1 
ATOM   584  C  CA    . LEU A 1 88  ? -9.646  -2.565  -2.078  1.00 67.90  ? 88  LEU A CA    1 
ATOM   585  C  C     . LEU A 1 88  ? -9.825  -3.427  -3.290  1.00 67.64  ? 88  LEU A C     1 
ATOM   586  O  O     . LEU A 1 88  ? -10.904 -3.936  -3.555  1.00 67.28  ? 88  LEU A O     1 
ATOM   587  C  CB    . LEU A 1 88  ? -9.728  -3.421  -0.829  1.00 67.73  ? 88  LEU A CB    1 
ATOM   588  C  CG    . LEU A 1 88  ? -8.640  -4.464  -0.806  1.00 66.28  ? 88  LEU A CG    1 
ATOM   589  C  CD1   . LEU A 1 88  ? -7.402  -3.893  -0.162  1.00 65.57  ? 88  LEU A CD1   1 
ATOM   590  C  CD2   . LEU A 1 88  ? -9.176  -5.607  -0.050  1.00 66.05  ? 88  LEU A CD2   1 
ATOM   591  N  N     . ILE A 1 89  ? -8.752  -3.576  -4.034  1.00 67.74  ? 89  ILE A N     1 
ATOM   592  C  CA    . ILE A 1 89  ? -8.761  -4.466  -5.175  1.00 68.26  ? 89  ILE A CA    1 
ATOM   593  C  C     . ILE A 1 89  ? -7.975  -5.744  -4.850  1.00 68.11  ? 89  ILE A C     1 
ATOM   594  O  O     . ILE A 1 89  ? -6.743  -5.724  -4.688  1.00 67.79  ? 89  ILE A O     1 
ATOM   595  C  CB    . ILE A 1 89  ? -8.265  -3.736  -6.474  1.00 68.46  ? 89  ILE A CB    1 
ATOM   596  C  CG1   . ILE A 1 89  ? -9.281  -2.664  -6.918  1.00 69.04  ? 89  ILE A CG1   1 
ATOM   597  C  CG2   . ILE A 1 89  ? -7.968  -4.727  -7.605  1.00 68.36  ? 89  ILE A CG2   1 
ATOM   598  C  CD1   . ILE A 1 89  ? -10.771 -3.095  -6.819  1.00 71.71  ? 89  ILE A CD1   1 
ATOM   599  N  N     . ASP A 1 90  ? -8.705  -6.848  -4.737  1.00 67.89  ? 90  ASP A N     1 
ATOM   600  C  CA    . ASP A 1 90  ? -8.093  -8.115  -4.396  1.00 68.20  ? 90  ASP A CA    1 
ATOM   601  C  C     . ASP A 1 90  ? -7.178  -8.536  -5.520  1.00 68.25  ? 90  ASP A C     1 
ATOM   602  O  O     . ASP A 1 90  ? -7.476  -8.283  -6.675  1.00 68.72  ? 90  ASP A O     1 
ATOM   603  C  CB    . ASP A 1 90  ? -9.176  -9.153  -4.089  1.00 68.19  ? 90  ASP A CB    1 
ATOM   604  C  CG    . ASP A 1 90  ? -9.725  -9.015  -2.650  1.00 69.43  ? 90  ASP A CG    1 
ATOM   605  O  OD1   . ASP A 1 90  ? -8.938  -9.074  -1.678  1.00 71.17  ? 90  ASP A OD1   1 
ATOM   606  O  OD2   . ASP A 1 90  ? -10.941 -8.842  -2.474  1.00 70.01  ? 90  ASP A OD2   1 
ATOM   607  N  N     . HIS A 1 91  ? -6.030  -9.113  -5.190  1.00 68.38  ? 91  HIS A N     1 
ATOM   608  C  CA    . HIS A 1 91  ? -5.130  -9.636  -6.209  1.00 68.86  ? 91  HIS A CA    1 
ATOM   609  C  C     . HIS A 1 91  ? -5.970  -10.510 -7.146  1.00 69.57  ? 91  HIS A C     1 
ATOM   610  O  O     . HIS A 1 91  ? -6.915  -11.134 -6.691  1.00 69.87  ? 91  HIS A O     1 
ATOM   611  C  CB    . HIS A 1 91  ? -4.044  -10.481 -5.550  1.00 68.49  ? 91  HIS A CB    1 
ATOM   612  C  CG    . HIS A 1 91  ? -3.008  -10.980 -6.505  1.00 68.84  ? 91  HIS A CG    1 
ATOM   613  N  ND1   . HIS A 1 91  ? -1.771  -10.384 -6.642  1.00 68.76  ? 91  HIS A ND1   1 
ATOM   614  C  CD2   . HIS A 1 91  ? -3.027  -12.007 -7.386  1.00 68.26  ? 91  HIS A CD2   1 
ATOM   615  C  CE1   . HIS A 1 91  ? -1.069  -11.030 -7.555  1.00 67.69  ? 91  HIS A CE1   1 
ATOM   616  N  NE2   . HIS A 1 91  ? -1.811  -12.016 -8.026  1.00 68.48  ? 91  HIS A NE2   1 
ATOM   617  N  N     . PRO A 1 92  ? -5.651  -10.558 -8.453  1.00 70.19  ? 92  PRO A N     1 
ATOM   618  C  CA    . PRO A 1 92  ? -6.484  -11.429 -9.299  1.00 70.66  ? 92  PRO A CA    1 
ATOM   619  C  C     . PRO A 1 92  ? -6.491  -12.940 -8.893  1.00 71.50  ? 92  PRO A C     1 
ATOM   620  O  O     . PRO A 1 92  ? -7.563  -13.569 -8.886  1.00 71.56  ? 92  PRO A O     1 
ATOM   621  C  CB    . PRO A 1 92  ? -5.879  -11.239 -10.703 1.00 70.55  ? 92  PRO A CB    1 
ATOM   622  C  CG    . PRO A 1 92  ? -4.500  -10.698 -10.483 1.00 70.07  ? 92  PRO A CG    1 
ATOM   623  C  CD    . PRO A 1 92  ? -4.591  -9.878  -9.229  1.00 70.39  ? 92  PRO A CD    1 
ATOM   624  N  N     . THR A 1 93  ? -5.322  -13.493 -8.524  1.00 71.88  ? 93  THR A N     1 
ATOM   625  C  CA    . THR A 1 93  ? -5.136  -14.953 -8.321  1.00 71.63  ? 93  THR A CA    1 
ATOM   626  C  C     . THR A 1 93  ? -4.808  -15.373 -6.871  1.00 71.42  ? 93  THR A C     1 
ATOM   627  O  O     . THR A 1 93  ? -5.367  -16.345 -6.375  1.00 72.22  ? 93  THR A O     1 
ATOM   628  C  CB    . THR A 1 93  ? -4.035  -15.538 -9.265  1.00 71.57  ? 93  THR A CB    1 
ATOM   629  O  OG1   . THR A 1 93  ? -2.753  -15.445 -8.641  1.00 72.29  ? 93  THR A OG1   1 
ATOM   630  C  CG2   . THR A 1 93  ? -3.966  -14.780 -10.577 1.00 71.95  ? 93  THR A CG2   1 
ATOM   631  N  N     . ILE A 1 94  ? -3.893  -14.653 -6.210  1.00 70.77  ? 94  ILE A N     1 
ATOM   632  C  CA    . ILE A 1 94  ? -3.477  -14.927 -4.816  1.00 69.28  ? 94  ILE A CA    1 
ATOM   633  C  C     . ILE A 1 94  ? -4.515  -14.456 -3.768  1.00 69.07  ? 94  ILE A C     1 
ATOM   634  O  O     . ILE A 1 94  ? -4.893  -13.286 -3.717  1.00 68.75  ? 94  ILE A O     1 
ATOM   635  C  CB    . ILE A 1 94  ? -2.100  -14.292 -4.524  1.00 69.07  ? 94  ILE A CB    1 
ATOM   636  C  CG1   . ILE A 1 94  ? -1.121  -14.601 -5.667  1.00 67.51  ? 94  ILE A CG1   1 
ATOM   637  C  CG2   . ILE A 1 94  ? -1.566  -14.730 -3.149  1.00 68.68  ? 94  ILE A CG2   1 
ATOM   638  C  CD1   . ILE A 1 94  ? 0.265   -13.977 -5.514  1.00 65.45  ? 94  ILE A CD1   1 
ATOM   639  N  N     . ALA A 1 95  ? -4.968  -15.394 -2.945  1.00 68.86  ? 95  ALA A N     1 
ATOM   640  C  CA    . ALA A 1 95  ? -6.040  -15.154 -1.974  1.00 68.46  ? 95  ALA A CA    1 
ATOM   641  C  C     . ALA A 1 95  ? -5.500  -14.527 -0.694  1.00 68.17  ? 95  ALA A C     1 
ATOM   642  O  O     . ALA A 1 95  ? -4.392  -14.888 -0.239  1.00 68.96  ? 95  ALA A O     1 
ATOM   643  C  CB    . ALA A 1 95  ? -6.732  -16.454 -1.654  1.00 68.18  ? 95  ALA A CB    1 
ATOM   644  N  N     . GLY A 1 96  ? -6.278  -13.609 -0.108  1.00 66.82  ? 96  GLY A N     1 
ATOM   645  C  CA    . GLY A 1 96  ? -5.889  -12.926 1.132   1.00 65.21  ? 96  GLY A CA    1 
ATOM   646  C  C     . GLY A 1 96  ? -4.858  -11.830 0.915   1.00 64.41  ? 96  GLY A C     1 
ATOM   647  O  O     . GLY A 1 96  ? -4.037  -11.557 1.801   1.00 64.65  ? 96  GLY A O     1 
ATOM   648  N  N     . PHE A 1 97  ? -4.932  -11.182 -0.251  1.00 63.09  ? 97  PHE A N     1 
ATOM   649  C  CA    . PHE A 1 97  ? -3.927  -10.230 -0.734  1.00 61.85  ? 97  PHE A CA    1 
ATOM   650  C  C     . PHE A 1 97  ? -4.602  -9.133  -1.574  1.00 62.00  ? 97  PHE A C     1 
ATOM   651  O  O     . PHE A 1 97  ? -5.495  -9.410  -2.382  1.00 62.12  ? 97  PHE A O     1 
ATOM   652  C  CB    . PHE A 1 97  ? -2.909  -11.012 -1.554  1.00 61.04  ? 97  PHE A CB    1 
ATOM   653  C  CG    . PHE A 1 97  ? -1.714  -10.224 -2.015  1.00 59.07  ? 97  PHE A CG    1 
ATOM   654  C  CD1   . PHE A 1 97  ? -1.017  -10.632 -3.160  1.00 57.02  ? 97  PHE A CD1   1 
ATOM   655  C  CD2   . PHE A 1 97  ? -1.246  -9.107  -1.321  1.00 56.63  ? 97  PHE A CD2   1 
ATOM   656  C  CE1   . PHE A 1 97  ? 0.114   -9.938  -3.608  1.00 53.52  ? 97  PHE A CE1   1 
ATOM   657  C  CE2   . PHE A 1 97  ? -0.100  -8.416  -1.766  1.00 52.68  ? 97  PHE A CE2   1 
ATOM   658  C  CZ    . PHE A 1 97  ? 0.571   -8.840  -2.904  1.00 52.15  ? 97  PHE A CZ    1 
ATOM   659  N  N     . GLY A 1 98  ? -4.212  -7.880  -1.378  1.00 61.77  ? 98  GLY A N     1 
ATOM   660  C  CA    . GLY A 1 98  ? -4.904  -6.799  -2.075  1.00 62.09  ? 98  GLY A CA    1 
ATOM   661  C  C     . GLY A 1 98  ? -4.232  -5.442  -2.023  1.00 62.43  ? 98  GLY A C     1 
ATOM   662  O  O     . GLY A 1 98  ? -3.178  -5.288  -1.398  1.00 62.44  ? 98  GLY A O     1 
ATOM   663  N  N     . ALA A 1 99  ? -4.836  -4.457  -2.694  1.00 62.20  ? 99  ALA A N     1 
ATOM   664  C  CA    . ALA A 1 99  ? -4.280  -3.112  -2.740  1.00 61.86  ? 99  ALA A CA    1 
ATOM   665  C  C     . ALA A 1 99  ? -5.381  -2.085  -2.691  1.00 62.43  ? 99  ALA A C     1 
ATOM   666  O  O     . ALA A 1 99  ? -6.520  -2.353  -3.079  1.00 63.40  ? 99  ALA A O     1 
ATOM   667  C  CB    . ALA A 1 99  ? -3.429  -2.922  -3.950  1.00 61.18  ? 99  ALA A CB    1 
ATOM   668  N  N     . SER A 1 100 ? -5.035  -0.916  -2.170  1.00 62.75  ? 100 SER A N     1 
ATOM   669  C  CA    . SER A 1 100 ? -5.912  0.232   -2.125  1.00 63.27  ? 100 SER A CA    1 
ATOM   670  C  C     . SER A 1 100 ? -5.189  1.403   -2.760  1.00 63.28  ? 100 SER A C     1 
ATOM   671  O  O     . SER A 1 100 ? -4.632  2.234   -2.025  1.00 63.96  ? 100 SER A O     1 
ATOM   672  C  CB    . SER A 1 100 ? -6.247  0.598   -0.681  1.00 63.36  ? 100 SER A CB    1 
ATOM   673  O  OG    . SER A 1 100 ? -7.421  -0.069  -0.243  1.00 66.47  ? 100 SER A OG    1 
ATOM   674  N  N     . PRO A 1 101 ? -5.188  1.485   -4.117  1.00 63.05  ? 101 PRO A N     1 
ATOM   675  C  CA    . PRO A 1 101 ? -4.506  2.634   -4.728  1.00 62.78  ? 101 PRO A CA    1 
ATOM   676  C  C     . PRO A 1 101 ? -5.287  3.902   -4.444  1.00 62.46  ? 101 PRO A C     1 
ATOM   677  O  O     . PRO A 1 101 ? -6.480  3.832   -4.148  1.00 62.17  ? 101 PRO A O     1 
ATOM   678  C  CB    . PRO A 1 101 ? -4.504  2.302   -6.225  1.00 62.75  ? 101 PRO A CB    1 
ATOM   679  C  CG    . PRO A 1 101 ? -5.611  1.341   -6.405  1.00 62.02  ? 101 PRO A CG    1 
ATOM   680  C  CD    . PRO A 1 101 ? -5.897  0.661   -5.118  1.00 62.46  ? 101 PRO A CD    1 
ATOM   681  N  N     . ASP A 1 102 ? -4.606  5.043   -4.495  1.00 62.62  ? 102 ASP A N     1 
ATOM   682  C  CA    . ASP A 1 102 ? -5.243  6.336   -4.230  1.00 62.39  ? 102 ASP A CA    1 
ATOM   683  C  C     . ASP A 1 102 ? -6.029  6.773   -5.455  1.00 62.76  ? 102 ASP A C     1 
ATOM   684  O  O     . ASP A 1 102 ? -6.768  7.751   -5.397  1.00 62.62  ? 102 ASP A O     1 
ATOM   685  C  CB    . ASP A 1 102 ? -4.215  7.400   -3.839  1.00 62.10  ? 102 ASP A CB    1 
ATOM   686  C  CG    . ASP A 1 102 ? -3.578  7.131   -2.499  1.00 61.45  ? 102 ASP A CG    1 
ATOM   687  O  OD1   . ASP A 1 102 ? -4.270  6.614   -1.609  1.00 61.02  ? 102 ASP A OD1   1 
ATOM   688  O  OD2   . ASP A 1 102 ? -2.386  7.440   -2.324  1.00 61.59  ? 102 ASP A OD2   1 
ATOM   689  N  N     . GLY A 1 103 ? -5.865  6.036   -6.555  1.00 63.22  ? 103 GLY A N     1 
ATOM   690  C  CA    . GLY A 1 103 ? -6.663  6.263   -7.749  1.00 63.82  ? 103 GLY A CA    1 
ATOM   691  C  C     . GLY A 1 103 ? -6.345  5.441   -8.981  1.00 64.30  ? 103 GLY A C     1 
ATOM   692  O  O     . GLY A 1 103 ? -5.191  5.061   -9.229  1.00 64.19  ? 103 GLY A O     1 
ATOM   693  N  N     . LEU A 1 104 ? -7.399  5.182   -9.751  1.00 64.93  ? 104 LEU A N     1 
ATOM   694  C  CA    . LEU A 1 104 ? -7.293  4.670   -11.107 1.00 65.31  ? 104 LEU A CA    1 
ATOM   695  C  C     . LEU A 1 104 ? -7.187  5.859   -12.031 1.00 65.91  ? 104 LEU A C     1 
ATOM   696  O  O     . LEU A 1 104 ? -8.102  6.683   -12.090 1.00 65.74  ? 104 LEU A O     1 
ATOM   697  C  CB    . LEU A 1 104 ? -8.535  3.859   -11.471 1.00 65.18  ? 104 LEU A CB    1 
ATOM   698  C  CG    . LEU A 1 104 ? -9.015  2.689   -10.599 1.00 64.86  ? 104 LEU A CG    1 
ATOM   699  C  CD1   . LEU A 1 104 ? -10.279 2.056   -11.187 1.00 63.57  ? 104 LEU A CD1   1 
ATOM   700  C  CD2   . LEU A 1 104 ? -7.924  1.645   -10.419 1.00 62.70  ? 104 LEU A CD2   1 
ATOM   701  N  N     . VAL A 1 105 ? -6.062  5.953   -12.733 1.00 67.03  ? 105 VAL A N     1 
ATOM   702  C  CA    . VAL A 1 105 ? -5.827  7.024   -13.697 1.00 68.28  ? 105 VAL A CA    1 
ATOM   703  C  C     . VAL A 1 105 ? -5.975  6.458   -15.088 1.00 69.34  ? 105 VAL A C     1 
ATOM   704  O  O     . VAL A 1 105 ? -5.303  5.494   -15.441 1.00 69.50  ? 105 VAL A O     1 
ATOM   705  C  CB    . VAL A 1 105 ? -4.408  7.616   -13.597 1.00 68.07  ? 105 VAL A CB    1 
ATOM   706  C  CG1   . VAL A 1 105 ? -4.259  8.805   -14.540 1.00 68.16  ? 105 VAL A CG1   1 
ATOM   707  C  CG2   . VAL A 1 105 ? -4.122  8.049   -12.208 1.00 68.02  ? 105 VAL A CG2   1 
ATOM   708  N  N     . GLY A 1 106 ? -6.845  7.069   -15.884 1.00 70.63  ? 106 GLY A N     1 
ATOM   709  C  CA    . GLY A 1 106 ? -6.996  6.675   -17.282 1.00 71.88  ? 106 GLY A CA    1 
ATOM   710  C  C     . GLY A 1 106 ? -7.487  5.245   -17.369 1.00 72.64  ? 106 GLY A C     1 
ATOM   711  O  O     . GLY A 1 106 ? -8.267  4.787   -16.515 1.00 73.23  ? 106 GLY A O     1 
ATOM   712  N  N     . ASP A 1 107 ? -7.026  4.530   -18.387 1.00 72.78  ? 107 ASP A N     1 
ATOM   713  C  CA    . ASP A 1 107 ? -7.412  3.131   -18.546 1.00 72.89  ? 107 ASP A CA    1 
ATOM   714  C  C     . ASP A 1 107 ? -6.365  2.190   -17.954 1.00 72.01  ? 107 ASP A C     1 
ATOM   715  O  O     . ASP A 1 107 ? -6.683  1.058   -17.575 1.00 71.51  ? 107 ASP A O     1 
ATOM   716  C  CB    . ASP A 1 107 ? -7.638  2.813   -20.036 1.00 73.83  ? 107 ASP A CB    1 
ATOM   717  C  CG    . ASP A 1 107 ? -8.864  3.518   -20.602 1.00 75.80  ? 107 ASP A CG    1 
ATOM   718  O  OD1   . ASP A 1 107 ? -9.937  3.435   -19.960 1.00 76.20  ? 107 ASP A OD1   1 
ATOM   719  O  OD2   . ASP A 1 107 ? -8.752  4.155   -21.679 1.00 78.49  ? 107 ASP A OD2   1 
ATOM   720  N  N     . THR A 1 108 ? -5.119  2.670   -17.878 1.00 70.99  ? 108 THR A N     1 
ATOM   721  C  CA    . THR A 1 108 ? -3.976  1.818   -17.524 1.00 69.93  ? 108 THR A CA    1 
ATOM   722  C  C     . THR A 1 108 ? -3.045  2.370   -16.417 1.00 68.93  ? 108 THR A C     1 
ATOM   723  O  O     . THR A 1 108 ? -1.988  1.788   -16.137 1.00 68.87  ? 108 THR A O     1 
ATOM   724  C  CB    . THR A 1 108 ? -3.114  1.503   -18.784 1.00 70.23  ? 108 THR A CB    1 
ATOM   725  O  OG1   . THR A 1 108 ? -2.333  2.654   -19.134 1.00 69.68  ? 108 THR A OG1   1 
ATOM   726  C  CG2   . THR A 1 108 ? -3.996  1.070   -19.963 1.00 69.55  ? 108 THR A CG2   1 
ATOM   727  N  N     . GLY A 1 109 ? -3.437  3.479   -15.792 1.00 67.41  ? 109 GLY A N     1 
ATOM   728  C  CA    . GLY A 1 109 ? -2.588  4.144   -14.820 1.00 65.25  ? 109 GLY A CA    1 
ATOM   729  C  C     . GLY A 1 109 ? -3.169  4.116   -13.428 1.00 64.11  ? 109 GLY A C     1 
ATOM   730  O  O     . GLY A 1 109 ? -4.326  3.722   -13.235 1.00 64.15  ? 109 GLY A O     1 
ATOM   731  N  N     . LEU A 1 110 ? -2.347  4.530   -12.464 1.00 62.57  ? 110 LEU A N     1 
ATOM   732  C  CA    . LEU A 1 110 ? -2.722  4.633   -11.060 1.00 60.69  ? 110 LEU A CA    1 
ATOM   733  C  C     . LEU A 1 110 ? -2.134  5.905   -10.477 1.00 59.66  ? 110 LEU A C     1 
ATOM   734  O  O     . LEU A 1 110 ? -1.207  6.484   -11.042 1.00 59.57  ? 110 LEU A O     1 
ATOM   735  C  CB    . LEU A 1 110 ? -2.169  3.440   -10.281 1.00 60.83  ? 110 LEU A CB    1 
ATOM   736  C  CG    . LEU A 1 110 ? -2.634  2.016   -10.628 1.00 60.55  ? 110 LEU A CG    1 
ATOM   737  C  CD1   . LEU A 1 110 ? -1.805  0.937   -9.927  1.00 58.26  ? 110 LEU A CD1   1 
ATOM   738  C  CD2   . LEU A 1 110 ? -4.080  1.874   -10.258 1.00 60.11  ? 110 LEU A CD2   1 
ATOM   739  N  N     . ILE A 1 111 ? -2.677  6.353   -9.354  1.00 58.27  ? 111 ILE A N     1 
ATOM   740  C  CA    . ILE A 1 111 ? -1.978  7.347   -8.545  1.00 57.00  ? 111 ILE A CA    1 
ATOM   741  C  C     . ILE A 1 111 ? -1.790  6.871   -7.082  1.00 56.83  ? 111 ILE A C     1 
ATOM   742  O  O     . ILE A 1 111 ? -2.720  6.322   -6.462  1.00 56.42  ? 111 ILE A O     1 
ATOM   743  C  CB    . ILE A 1 111 ? -2.649  8.730   -8.629  1.00 56.65  ? 111 ILE A CB    1 
ATOM   744  C  CG1   . ILE A 1 111 ? -1.832  9.750   -7.852  1.00 56.75  ? 111 ILE A CG1   1 
ATOM   745  C  CG2   . ILE A 1 111 ? -4.062  8.699   -8.101  1.00 55.75  ? 111 ILE A CG2   1 
ATOM   746  C  CD1   . ILE A 1 111 ? -2.521  11.067  -7.684  1.00 55.63  ? 111 ILE A CD1   1 
ATOM   747  N  N     . GLU A 1 112 ? -0.564  7.027   -6.572  1.00 56.17  ? 112 GLU A N     1 
ATOM   748  C  CA    . GLU A 1 112 ? -0.280  6.860   -5.151  1.00 55.43  ? 112 GLU A CA    1 
ATOM   749  C  C     . GLU A 1 112 ? 0.228   8.199   -4.666  1.00 55.69  ? 112 GLU A C     1 
ATOM   750  O  O     . GLU A 1 112 ? 1.158   8.744   -5.259  1.00 55.59  ? 112 GLU A O     1 
ATOM   751  C  CB    . GLU A 1 112 ? 0.770   5.778   -4.910  1.00 55.13  ? 112 GLU A CB    1 
ATOM   752  C  CG    . GLU A 1 112 ? 1.200   5.606   -3.452  1.00 54.03  ? 112 GLU A CG    1 
ATOM   753  C  CD    . GLU A 1 112 ? 0.017   5.387   -2.477  1.00 54.20  ? 112 GLU A CD    1 
ATOM   754  O  OE1   . GLU A 1 112 ? -0.995  4.737   -2.848  1.00 52.28  ? 112 GLU A OE1   1 
ATOM   755  O  OE2   . GLU A 1 112 ? 0.096   5.883   -1.325  1.00 52.65  ? 112 GLU A OE2   1 
ATOM   756  N  N     . ILE A 1 113 ? -0.407  8.707   -3.603  1.00 55.61  ? 113 ILE A N     1 
ATOM   757  C  CA    . ILE A 1 113 ? -0.229  10.057  -3.050  1.00 55.69  ? 113 ILE A CA    1 
ATOM   758  C  C     . ILE A 1 113 ? 0.430   10.025  -1.670  1.00 55.83  ? 113 ILE A C     1 
ATOM   759  O  O     . ILE A 1 113 ? 0.024   9.262   -0.786  1.00 56.16  ? 113 ILE A O     1 
ATOM   760  C  CB    . ILE A 1 113 ? -1.613  10.748  -2.833  1.00 55.60  ? 113 ILE A CB    1 
ATOM   761  C  CG1   . ILE A 1 113 ? -2.165  11.327  -4.130  1.00 55.74  ? 113 ILE A CG1   1 
ATOM   762  C  CG2   . ILE A 1 113 ? -1.514  11.901  -1.830  1.00 56.06  ? 113 ILE A CG2   1 
ATOM   763  C  CD1   . ILE A 1 113 ? -3.708  11.501  -4.150  1.00 53.44  ? 113 ILE A CD1   1 
ATOM   764  N  N     . LYS A 1 114 ? 1.425   10.877  -1.465  1.00 55.87  ? 114 LYS A N     1 
ATOM   765  C  CA    . LYS A 1 114 ? 1.962   11.095  -0.117  1.00 55.66  ? 114 LYS A CA    1 
ATOM   766  C  C     . LYS A 1 114 ? 1.835   12.570  0.169   1.00 55.80  ? 114 LYS A C     1 
ATOM   767  O  O     . LYS A 1 114 ? 1.987   13.396  -0.722  1.00 56.05  ? 114 LYS A O     1 
ATOM   768  C  CB    . LYS A 1 114 ? 3.447   10.681  0.023   1.00 55.56  ? 114 LYS A CB    1 
ATOM   769  C  CG    . LYS A 1 114 ? 3.826   9.259   -0.422  1.00 53.61  ? 114 LYS A CG    1 
ATOM   770  C  CD    . LYS A 1 114 ? 2.826   8.233   0.053   1.00 52.47  ? 114 LYS A CD    1 
ATOM   771  C  CE    . LYS A 1 114 ? 3.230   6.871   -0.425  1.00 54.36  ? 114 LYS A CE    1 
ATOM   772  N  NZ    . LYS A 1 114 ? 2.387   5.798   0.150   1.00 57.90  ? 114 LYS A NZ    1 
ATOM   773  N  N     . CYS A 1 115 ? 1.525   12.885  1.413   1.00 56.09  ? 115 CYS A N     1 
ATOM   774  C  CA    . CYS A 1 115 ? 1.501   14.250  1.895   1.00 56.27  ? 115 CYS A CA    1 
ATOM   775  C  C     . CYS A 1 115 ? 2.236   14.249  3.213   1.00 56.21  ? 115 CYS A C     1 
ATOM   776  O  O     . CYS A 1 115 ? 1.606   14.340  4.259   1.00 55.99  ? 115 CYS A O     1 
ATOM   777  C  CB    . CYS A 1 115 ? 0.065   14.701  2.114   1.00 56.35  ? 115 CYS A CB    1 
ATOM   778  S  SG    . CYS A 1 115 ? -0.888  14.812  0.616   1.00 56.16  ? 115 CYS A SG    1 
ATOM   779  N  N     . PRO A 1 116 ? 3.570   14.117  3.166   1.00 56.23  ? 116 PRO A N     1 
ATOM   780  C  CA    . PRO A 1 116 ? 4.378   13.823  4.324   1.00 56.46  ? 116 PRO A CA    1 
ATOM   781  C  C     . PRO A 1 116 ? 4.833   15.109  5.016   1.00 57.24  ? 116 PRO A C     1 
ATOM   782  O  O     . PRO A 1 116 ? 4.350   16.212  4.674   1.00 58.04  ? 116 PRO A O     1 
ATOM   783  C  CB    . PRO A 1 116 ? 5.591   13.159  3.682   1.00 56.43  ? 116 PRO A CB    1 
ATOM   784  C  CG    . PRO A 1 116 ? 5.831   13.993  2.487   1.00 56.03  ? 116 PRO A CG    1 
ATOM   785  C  CD    . PRO A 1 116 ? 4.426   14.396  1.998   1.00 56.40  ? 116 PRO A CD    1 
ATOM   786  N  N     . ASN A 1 117 ? 5.765   14.957  5.962   1.00 57.33  ? 117 ASN A N     1 
ATOM   787  C  CA    . ASN A 1 117 ? 6.548   16.063  6.503   1.00 57.45  ? 117 ASN A CA    1 
ATOM   788  C  C     . ASN A 1 117 ? 7.278   16.798  5.417   1.00 57.37  ? 117 ASN A C     1 
ATOM   789  O  O     . ASN A 1 117 ? 7.925   16.173  4.568   1.00 57.89  ? 117 ASN A O     1 
ATOM   790  C  CB    . ASN A 1 117 ? 7.658   15.536  7.396   1.00 57.81  ? 117 ASN A CB    1 
ATOM   791  C  CG    . ASN A 1 117 ? 7.174   15.109  8.745   1.00 59.09  ? 117 ASN A CG    1 
ATOM   792  O  OD1   . ASN A 1 117 ? 6.051   15.436  9.170   1.00 59.70  ? 117 ASN A OD1   1 
ATOM   793  N  ND2   . ASN A 1 117 ? 8.030   14.366  9.449   1.00 59.93  ? 117 ASN A ND2   1 
ATOM   794  N  N     . THR A 1 118 ? 7.230   18.121  5.483   1.00 56.82  ? 118 THR A N     1 
ATOM   795  C  CA    . THR A 1 118 ? 7.981   18.966  4.582   1.00 56.53  ? 118 THR A CA    1 
ATOM   796  C  C     . THR A 1 118 ? 9.383   18.442  4.250   1.00 56.89  ? 118 THR A C     1 
ATOM   797  O  O     . THR A 1 118 ? 9.739   18.311  3.064   1.00 56.81  ? 118 THR A O     1 
ATOM   798  C  CB    . THR A 1 118 ? 8.095   20.368  5.126   1.00 56.23  ? 118 THR A CB    1 
ATOM   799  O  OG1   . THR A 1 118 ? 6.788   20.857  5.466   1.00 57.36  ? 118 THR A OG1   1 
ATOM   800  C  CG2   . THR A 1 118 ? 8.687   21.256  4.083   1.00 56.07  ? 118 THR A CG2   1 
ATOM   801  N  N     . TRP A 1 119 ? 10.184  18.123  5.268   1.00 56.98  ? 119 TRP A N     1 
ATOM   802  C  CA    . TRP A 1 119 ? 11.556  17.741  4.973   1.00 57.00  ? 119 TRP A CA    1 
ATOM   803  C  C     . TRP A 1 119 ? 11.632  16.483  4.119   1.00 56.74  ? 119 TRP A C     1 
ATOM   804  O  O     . TRP A 1 119 ? 12.508  16.348  3.260   1.00 56.68  ? 119 TRP A O     1 
ATOM   805  C  CB    . TRP A 1 119 ? 12.387  17.572  6.223   1.00 57.26  ? 119 TRP A CB    1 
ATOM   806  C  CG    . TRP A 1 119 ? 13.777  17.148  5.849   1.00 59.69  ? 119 TRP A CG    1 
ATOM   807  C  CD1   . TRP A 1 119 ? 14.364  15.952  6.125   1.00 61.43  ? 119 TRP A CD1   1 
ATOM   808  C  CD2   . TRP A 1 119 ? 14.736  17.896  5.066   1.00 61.97  ? 119 TRP A CD2   1 
ATOM   809  N  NE1   . TRP A 1 119 ? 15.636  15.910  5.597   1.00 63.21  ? 119 TRP A NE1   1 
ATOM   810  C  CE2   . TRP A 1 119 ? 15.895  17.091  4.950   1.00 62.74  ? 119 TRP A CE2   1 
ATOM   811  C  CE3   . TRP A 1 119 ? 14.734  19.176  4.473   1.00 62.22  ? 119 TRP A CE3   1 
ATOM   812  C  CZ2   . TRP A 1 119 ? 17.040  17.514  4.261   1.00 63.38  ? 119 TRP A CZ2   1 
ATOM   813  C  CZ3   . TRP A 1 119 ? 15.875  19.607  3.795   1.00 61.84  ? 119 TRP A CZ3   1 
ATOM   814  C  CH2   . TRP A 1 119 ? 17.011  18.773  3.690   1.00 63.97  ? 119 TRP A CH2   1 
ATOM   815  N  N     . THR A 1 120 ? 10.700  15.566  4.369   1.00 56.45  ? 120 THR A N     1 
ATOM   816  C  CA    . THR A 1 120 ? 10.575  14.349  3.590   1.00 56.28  ? 120 THR A CA    1 
ATOM   817  C  C     . THR A 1 120 ? 10.238  14.683  2.150   1.00 56.38  ? 120 THR A C     1 
ATOM   818  O  O     . THR A 1 120 ? 10.926  14.253  1.230   1.00 56.27  ? 120 THR A O     1 
ATOM   819  C  CB    . THR A 1 120 ? 9.496   13.465  4.156   1.00 56.29  ? 120 THR A CB    1 
ATOM   820  O  OG1   . THR A 1 120 ? 9.824   13.168  5.524   1.00 56.75  ? 120 THR A OG1   1 
ATOM   821  C  CG2   . THR A 1 120 ? 9.393   12.185  3.348   1.00 54.78  ? 120 THR A CG2   1 
ATOM   822  N  N     . HIS A 1 121 ? 9.191   15.476  1.971   1.00 56.50  ? 121 HIS A N     1 
ATOM   823  C  CA    . HIS A 1 121 ? 8.852   16.026  0.669   1.00 56.60  ? 121 HIS A CA    1 
ATOM   824  C  C     . HIS A 1 121 ? 10.063  16.655  -0.056  1.00 56.78  ? 121 HIS A C     1 
ATOM   825  O  O     . HIS A 1 121 ? 10.317  16.353  -1.233  1.00 56.59  ? 121 HIS A O     1 
ATOM   826  C  CB    . HIS A 1 121 ? 7.724   17.025  0.844   1.00 56.56  ? 121 HIS A CB    1 
ATOM   827  C  CG    . HIS A 1 121 ? 7.158   17.531  -0.444  1.00 56.88  ? 121 HIS A CG    1 
ATOM   828  N  ND1   . HIS A 1 121 ? 7.552   18.726  -1.009  1.00 55.76  ? 121 HIS A ND1   1 
ATOM   829  C  CD2   . HIS A 1 121 ? 6.209   17.019  -1.263  1.00 56.87  ? 121 HIS A CD2   1 
ATOM   830  C  CE1   . HIS A 1 121 ? 6.869   18.923  -2.124  1.00 56.38  ? 121 HIS A CE1   1 
ATOM   831  N  NE2   . HIS A 1 121 ? 6.054   17.898  -2.305  1.00 56.10  ? 121 HIS A NE2   1 
ATOM   832  N  N     . ILE A 1 122 ? 10.822  17.491  0.652   1.00 57.00  ? 122 ILE A N     1 
ATOM   833  C  CA    . ILE A 1 122 ? 12.034  18.063  0.091   1.00 57.46  ? 122 ILE A CA    1 
ATOM   834  C  C     . ILE A 1 122 ? 13.019  16.991  -0.372  1.00 59.24  ? 122 ILE A C     1 
ATOM   835  O  O     . ILE A 1 122 ? 13.589  17.113  -1.467  1.00 59.91  ? 122 ILE A O     1 
ATOM   836  C  CB    . ILE A 1 122 ? 12.722  19.033  1.054   1.00 56.96  ? 122 ILE A CB    1 
ATOM   837  C  CG1   . ILE A 1 122 ? 11.998  20.377  1.018   1.00 56.25  ? 122 ILE A CG1   1 
ATOM   838  C  CG2   . ILE A 1 122 ? 14.175  19.241  0.656   1.00 55.33  ? 122 ILE A CG2   1 
ATOM   839  C  CD1   . ILE A 1 122 ? 11.954  21.119  2.338   1.00 54.22  ? 122 ILE A CD1   1 
ATOM   840  N  N     . GLU A 1 123 ? 13.210  15.934  0.422   1.00 60.21  ? 123 GLU A N     1 
ATOM   841  C  CA    . GLU A 1 123 ? 14.163  14.899  0.025   1.00 61.62  ? 123 GLU A CA    1 
ATOM   842  C  C     . GLU A 1 123 ? 13.680  14.133  -1.204  1.00 61.52  ? 123 GLU A C     1 
ATOM   843  O  O     . GLU A 1 123 ? 14.475  13.607  -1.976  1.00 61.62  ? 123 GLU A O     1 
ATOM   844  C  CB    . GLU A 1 123 ? 14.487  13.943  1.178   1.00 62.05  ? 123 GLU A CB    1 
ATOM   845  C  CG    . GLU A 1 123 ? 15.170  14.622  2.373   1.00 66.13  ? 123 GLU A CG    1 
ATOM   846  C  CD    . GLU A 1 123 ? 15.910  13.632  3.318   1.00 71.05  ? 123 GLU A CD    1 
ATOM   847  O  OE1   . GLU A 1 123 ? 15.270  12.667  3.834   1.00 71.87  ? 123 GLU A OE1   1 
ATOM   848  O  OE2   . GLU A 1 123 ? 17.137  13.843  3.545   1.00 70.93  ? 123 GLU A OE2   1 
ATOM   849  N  N     . THR A 1 124 ? 12.370  14.068  -1.384  1.00 61.84  ? 124 THR A N     1 
ATOM   850  C  CA    . THR A 1 124 ? 11.819  13.379  -2.532  1.00 62.16  ? 124 THR A CA    1 
ATOM   851  C  C     . THR A 1 124 ? 12.117  14.205  -3.776  1.00 63.13  ? 124 THR A C     1 
ATOM   852  O  O     . THR A 1 124 ? 12.564  13.668  -4.810  1.00 63.06  ? 124 THR A O     1 
ATOM   853  C  CB    . THR A 1 124 ? 10.336  13.188  -2.382  1.00 61.74  ? 124 THR A CB    1 
ATOM   854  O  OG1   . THR A 1 124 ? 10.101  12.349  -1.257  1.00 60.81  ? 124 THR A OG1   1 
ATOM   855  C  CG2   . THR A 1 124 ? 9.782   12.523  -3.596  1.00 61.87  ? 124 THR A CG2   1 
ATOM   856  N  N     . ILE A 1 125 ? 11.881  15.514  -3.663  1.00 63.52  ? 125 ILE A N     1 
ATOM   857  C  CA    . ILE A 1 125 ? 12.268  16.441  -4.711  1.00 63.92  ? 125 ILE A CA    1 
ATOM   858  C  C     . ILE A 1 125 ? 13.778  16.365  -4.948  1.00 65.11  ? 125 ILE A C     1 
ATOM   859  O  O     . ILE A 1 125 ? 14.219  16.277  -6.088  1.00 65.36  ? 125 ILE A O     1 
ATOM   860  C  CB    . ILE A 1 125 ? 11.865  17.907  -4.377  1.00 63.60  ? 125 ILE A CB    1 
ATOM   861  C  CG1   . ILE A 1 125 ? 10.337  18.091  -4.414  1.00 61.73  ? 125 ILE A CG1   1 
ATOM   862  C  CG2   . ILE A 1 125 ? 12.536  18.864  -5.342  1.00 62.13  ? 125 ILE A CG2   1 
ATOM   863  C  CD1   . ILE A 1 125 ? 9.858   19.427  -3.907  1.00 56.62  ? 125 ILE A CD1   1 
ATOM   864  N  N     . LYS A 1 126 ? 14.567  16.396  -3.877  1.00 66.21  ? 126 LYS A N     1 
ATOM   865  C  CA    . LYS A 1 126 ? 16.021  16.388  -4.016  1.00 67.39  ? 126 LYS A CA    1 
ATOM   866  C  C     . LYS A 1 126 ? 16.502  15.196  -4.843  1.00 67.88  ? 126 LYS A C     1 
ATOM   867  O  O     . LYS A 1 126 ? 17.418  15.335  -5.645  1.00 68.47  ? 126 LYS A O     1 
ATOM   868  C  CB    . LYS A 1 126 ? 16.727  16.399  -2.650  1.00 67.70  ? 126 LYS A CB    1 
ATOM   869  C  CG    . LYS A 1 126 ? 16.846  17.773  -1.980  1.00 69.28  ? 126 LYS A CG    1 
ATOM   870  C  CD    . LYS A 1 126 ? 18.060  17.868  -1.042  1.00 71.89  ? 126 LYS A CD    1 
ATOM   871  C  CE    . LYS A 1 126 ? 17.969  16.877  0.122   1.00 75.04  ? 126 LYS A CE    1 
ATOM   872  N  NZ    . LYS A 1 126 ? 19.125  17.003  1.074   1.00 76.60  ? 126 LYS A NZ    1 
ATOM   873  N  N     . THR A 1 127 ? 15.876  14.037  -4.673  1.00 68.04  ? 127 THR A N     1 
ATOM   874  C  CA    . THR A 1 127 ? 16.388  12.825  -5.288  1.00 68.47  ? 127 THR A CA    1 
ATOM   875  C  C     . THR A 1 127 ? 15.599  12.358  -6.527  1.00 68.99  ? 127 THR A C     1 
ATOM   876  O  O     . THR A 1 127 ? 16.104  11.543  -7.305  1.00 69.16  ? 127 THR A O     1 
ATOM   877  C  CB    . THR A 1 127 ? 16.537  11.660  -4.238  1.00 68.76  ? 127 THR A CB    1 
ATOM   878  O  OG1   . THR A 1 127 ? 15.322  10.902  -4.140  1.00 68.47  ? 127 THR A OG1   1 
ATOM   879  C  CG2   . THR A 1 127 ? 16.924  12.192  -2.848  1.00 68.45  ? 127 THR A CG2   1 
ATOM   880  N  N     . GLY A 1 128 ? 14.365  12.848  -6.693  1.00 69.28  ? 128 GLY A N     1 
ATOM   881  C  CA    . GLY A 1 128 ? 13.507  12.483  -7.827  1.00 69.58  ? 128 GLY A CA    1 
ATOM   882  C  C     . GLY A 1 128 ? 12.925  11.073  -7.794  1.00 70.59  ? 128 GLY A C     1 
ATOM   883  O  O     . GLY A 1 128 ? 12.056  10.726  -8.602  1.00 70.58  ? 128 GLY A O     1 
ATOM   884  N  N     . LYS A 1 129 ? 13.400  10.239  -6.877  1.00 71.51  ? 129 LYS A N     1 
ATOM   885  C  CA    . LYS A 1 129 ? 12.967  8.843   -6.822  1.00 72.59  ? 129 LYS A CA    1 
ATOM   886  C  C     . LYS A 1 129 ? 12.398  8.532   -5.432  1.00 72.29  ? 129 LYS A C     1 
ATOM   887  O  O     . LYS A 1 129 ? 13.057  8.823   -4.426  1.00 72.58  ? 129 LYS A O     1 
ATOM   888  C  CB    . LYS A 1 129 ? 14.125  7.886   -7.203  1.00 73.13  ? 129 LYS A CB    1 
ATOM   889  C  CG    . LYS A 1 129 ? 14.870  8.281   -8.542  1.00 76.94  ? 129 LYS A CG    1 
ATOM   890  C  CD    . LYS A 1 129 ? 15.275  7.108   -9.506  1.00 80.11  ? 129 LYS A CD    1 
ATOM   891  C  CE    . LYS A 1 129 ? 16.202  6.022   -8.863  1.00 82.04  ? 129 LYS A CE    1 
ATOM   892  N  NZ    . LYS A 1 129 ? 17.261  6.536   -7.922  1.00 81.46  ? 129 LYS A NZ    1 
ATOM   893  N  N     . PRO A 1 130 ? 11.168  7.966   -5.373  1.00 71.85  ? 130 PRO A N     1 
ATOM   894  C  CA    . PRO A 1 130 ? 10.465  7.549   -4.149  1.00 71.83  ? 130 PRO A CA    1 
ATOM   895  C  C     . PRO A 1 130 ? 11.184  6.471   -3.350  1.00 71.78  ? 130 PRO A C     1 
ATOM   896  O  O     . PRO A 1 130 ? 11.903  5.659   -3.922  1.00 71.76  ? 130 PRO A O     1 
ATOM   897  C  CB    . PRO A 1 130 ? 9.134   6.990   -4.675  1.00 71.57  ? 130 PRO A CB    1 
ATOM   898  C  CG    . PRO A 1 130 ? 9.344   6.745   -6.099  1.00 71.47  ? 130 PRO A CG    1 
ATOM   899  C  CD    . PRO A 1 130 ? 10.313  7.778   -6.552  1.00 71.84  ? 130 PRO A CD    1 
ATOM   900  N  N     . LYS A 1 131 ? 10.984  6.460   -2.038  1.00 71.97  ? 131 LYS A N     1 
ATOM   901  C  CA    . LYS A 1 131 ? 11.630  5.464   -1.191  1.00 72.60  ? 131 LYS A CA    1 
ATOM   902  C  C     . LYS A 1 131 ? 11.328  4.014   -1.633  1.00 72.19  ? 131 LYS A C     1 
ATOM   903  O  O     . LYS A 1 131 ? 10.240  3.743   -2.153  1.00 72.36  ? 131 LYS A O     1 
ATOM   904  C  CB    . LYS A 1 131 ? 11.311  5.722   0.287   1.00 73.18  ? 131 LYS A CB    1 
ATOM   905  C  CG    . LYS A 1 131 ? 12.536  6.239   1.039   1.00 75.46  ? 131 LYS A CG    1 
ATOM   906  C  CD    . LYS A 1 131 ? 12.246  7.424   1.969   1.00 78.91  ? 131 LYS A CD    1 
ATOM   907  C  CE    . LYS A 1 131 ? 13.584  8.112   2.346   1.00 79.97  ? 131 LYS A CE    1 
ATOM   908  N  NZ    . LYS A 1 131 ? 13.454  9.108   3.454   1.00 80.98  ? 131 LYS A NZ    1 
ATOM   909  N  N     . PRO A 1 132 ? 12.301  3.086   -1.462  1.00 71.67  ? 132 PRO A N     1 
ATOM   910  C  CA    . PRO A 1 132 ? 12.096  1.755   -2.023  1.00 70.81  ? 132 PRO A CA    1 
ATOM   911  C  C     . PRO A 1 132 ? 10.827  1.074   -1.505  1.00 70.28  ? 132 PRO A C     1 
ATOM   912  O  O     . PRO A 1 132 ? 10.213  0.306   -2.244  1.00 70.41  ? 132 PRO A O     1 
ATOM   913  C  CB    . PRO A 1 132 ? 13.350  0.984   -1.591  1.00 70.80  ? 132 PRO A CB    1 
ATOM   914  C  CG    . PRO A 1 132 ? 14.370  2.024   -1.300  1.00 71.19  ? 132 PRO A CG    1 
ATOM   915  C  CD    . PRO A 1 132 ? 13.598  3.188   -0.756  1.00 71.81  ? 132 PRO A CD    1 
ATOM   916  N  N     . GLU A 1 133 ? 10.413  1.356   -0.270  1.00 69.35  ? 133 GLU A N     1 
ATOM   917  C  CA    . GLU A 1 133 ? 9.181   0.729   0.232   1.00 68.63  ? 133 GLU A CA    1 
ATOM   918  C  C     . GLU A 1 133 ? 7.904   1.163   -0.515  1.00 67.21  ? 133 GLU A C     1 
ATOM   919  O  O     . GLU A 1 133 ? 6.915   0.438   -0.549  1.00 67.22  ? 133 GLU A O     1 
ATOM   920  C  CB    . GLU A 1 133 ? 9.026   0.875   1.753   1.00 69.08  ? 133 GLU A CB    1 
ATOM   921  C  CG    . GLU A 1 133 ? 8.749   2.282   2.270   1.00 72.80  ? 133 GLU A CG    1 
ATOM   922  C  CD    . GLU A 1 133 ? 9.921   2.896   3.060   1.00 77.68  ? 133 GLU A CD    1 
ATOM   923  O  OE1   . GLU A 1 133 ? 11.113  2.700   2.671   1.00 78.48  ? 133 GLU A OE1   1 
ATOM   924  O  OE2   . GLU A 1 133 ? 9.619   3.593   4.068   1.00 78.64  ? 133 GLU A OE2   1 
ATOM   925  N  N     . TYR A 1 134 ? 7.936   2.345   -1.121  1.00 65.67  ? 134 TYR A N     1 
ATOM   926  C  CA    . TYR A 1 134 ? 6.827   2.814   -1.929  1.00 63.68  ? 134 TYR A CA    1 
ATOM   927  C  C     . TYR A 1 134 ? 6.878   2.224   -3.333  1.00 63.30  ? 134 TYR A C     1 
ATOM   928  O  O     . TYR A 1 134 ? 5.832   1.984   -3.963  1.00 63.24  ? 134 TYR A O     1 
ATOM   929  C  CB    . TYR A 1 134 ? 6.804   4.325   -1.959  1.00 63.11  ? 134 TYR A CB    1 
ATOM   930  C  CG    . TYR A 1 134 ? 6.597   4.925   -0.594  1.00 62.26  ? 134 TYR A CG    1 
ATOM   931  C  CD1   . TYR A 1 134 ? 5.731   4.335   0.330   1.00 61.06  ? 134 TYR A CD1   1 
ATOM   932  C  CD2   . TYR A 1 134 ? 7.260   6.088   -0.225  1.00 61.64  ? 134 TYR A CD2   1 
ATOM   933  C  CE1   . TYR A 1 134 ? 5.549   4.894   1.585   1.00 61.05  ? 134 TYR A CE1   1 
ATOM   934  C  CE2   . TYR A 1 134 ? 7.075   6.664   1.030   1.00 60.67  ? 134 TYR A CE2   1 
ATOM   935  C  CZ    . TYR A 1 134 ? 6.221   6.067   1.928   1.00 60.90  ? 134 TYR A CZ    1 
ATOM   936  O  OH    . TYR A 1 134 ? 6.052   6.642   3.172   1.00 61.51  ? 134 TYR A OH    1 
ATOM   937  N  N     . ILE A 1 135 ? 8.089   1.961   -3.817  1.00 62.17  ? 135 ILE A N     1 
ATOM   938  C  CA    . ILE A 1 135 ? 8.237   1.166   -5.024  1.00 61.17  ? 135 ILE A CA    1 
ATOM   939  C  C     . ILE A 1 135 ? 7.477   -0.155  -4.839  1.00 60.96  ? 135 ILE A C     1 
ATOM   940  O  O     . ILE A 1 135 ? 6.627   -0.515  -5.662  1.00 61.56  ? 135 ILE A O     1 
ATOM   941  C  CB    . ILE A 1 135 ? 9.718   0.898   -5.374  1.00 61.04  ? 135 ILE A CB    1 
ATOM   942  C  CG1   . ILE A 1 135 ? 10.508  2.216   -5.536  1.00 60.35  ? 135 ILE A CG1   1 
ATOM   943  C  CG2   . ILE A 1 135 ? 9.814   -0.036  -6.583  1.00 60.30  ? 135 ILE A CG2   1 
ATOM   944  C  CD1   . ILE A 1 135 ? 10.074  3.084   -6.689  1.00 60.00  ? 135 ILE A CD1   1 
ATOM   945  N  N     . LYS A 1 136 ? 7.753   -0.851  -3.739  1.00 59.98  ? 136 LYS A N     1 
ATOM   946  C  CA    . LYS A 1 136 ? 7.063   -2.086  -3.446  1.00 59.27  ? 136 LYS A CA    1 
ATOM   947  C  C     . LYS A 1 136 ? 5.569   -1.863  -3.317  1.00 58.93  ? 136 LYS A C     1 
ATOM   948  O  O     . LYS A 1 136 ? 4.771   -2.651  -3.832  1.00 59.12  ? 136 LYS A O     1 
ATOM   949  C  CB    . LYS A 1 136 ? 7.641   -2.740  -2.200  1.00 59.41  ? 136 LYS A CB    1 
ATOM   950  C  CG    . LYS A 1 136 ? 8.884   -3.525  -2.526  1.00 60.77  ? 136 LYS A CG    1 
ATOM   951  C  CD    . LYS A 1 136 ? 9.700   -3.859  -1.311  1.00 64.26  ? 136 LYS A CD    1 
ATOM   952  C  CE    . LYS A 1 136 ? 11.132  -4.182  -1.724  1.00 66.50  ? 136 LYS A CE    1 
ATOM   953  N  NZ    . LYS A 1 136 ? 11.891  -2.947  -2.150  1.00 67.75  ? 136 LYS A NZ    1 
ATOM   954  N  N     . GLN A 1 137 ? 5.172   -0.778  -2.669  1.00 58.24  ? 137 GLN A N     1 
ATOM   955  C  CA    . GLN A 1 137 ? 3.758   -0.495  -2.569  1.00 57.90  ? 137 GLN A CA    1 
ATOM   956  C  C     . GLN A 1 137 ? 3.131   -0.402  -3.951  1.00 58.42  ? 137 GLN A C     1 
ATOM   957  O  O     . GLN A 1 137 ? 2.098   -1.032  -4.216  1.00 58.24  ? 137 GLN A O     1 
ATOM   958  C  CB    . GLN A 1 137 ? 3.510   0.803   -1.837  1.00 57.33  ? 137 GLN A CB    1 
ATOM   959  C  CG    . GLN A 1 137 ? 2.068   0.948   -1.464  1.00 56.38  ? 137 GLN A CG    1 
ATOM   960  C  CD    . GLN A 1 137 ? 1.744   2.290   -0.873  1.00 57.06  ? 137 GLN A CD    1 
ATOM   961  O  OE1   . GLN A 1 137 ? 2.618   3.157   -0.708  1.00 56.86  ? 137 GLN A OE1   1 
ATOM   962  N  NE2   . GLN A 1 137 ? 0.478   2.473   -0.524  1.00 56.40  ? 137 GLN A NE2   1 
ATOM   963  N  N     . MET A 1 138 ? 3.771   0.384   -4.822  1.00 58.72  ? 138 MET A N     1 
ATOM   964  C  CA    . MET A 1 138 ? 3.198   0.708   -6.127  1.00 59.26  ? 138 MET A CA    1 
ATOM   965  C  C     . MET A 1 138 ? 3.205   -0.491  -7.067  1.00 59.90  ? 138 MET A C     1 
ATOM   966  O  O     . MET A 1 138 ? 2.242   -0.692  -7.839  1.00 59.90  ? 138 MET A O     1 
ATOM   967  C  CB    . MET A 1 138 ? 3.896   1.917   -6.769  1.00 59.17  ? 138 MET A CB    1 
ATOM   968  C  CG    . MET A 1 138 ? 3.346   3.260   -6.312  1.00 58.53  ? 138 MET A CG    1 
ATOM   969  S  SD    . MET A 1 138 ? 4.385   4.735   -6.588  1.00 60.56  ? 138 MET A SD    1 
ATOM   970  C  CE    . MET A 1 138 ? 6.061   4.157   -6.331  1.00 58.44  ? 138 MET A CE    1 
ATOM   971  N  N     . GLN A 1 139 ? 4.279   -1.288  -6.996  1.00 59.86  ? 139 GLN A N     1 
ATOM   972  C  CA    . GLN A 1 139 ? 4.379   -2.462  -7.836  1.00 60.11  ? 139 GLN A CA    1 
ATOM   973  C  C     . GLN A 1 139 ? 3.252   -3.394  -7.463  1.00 60.48  ? 139 GLN A C     1 
ATOM   974  O  O     . GLN A 1 139 ? 2.596   -3.961  -8.327  1.00 61.18  ? 139 GLN A O     1 
ATOM   975  C  CB    . GLN A 1 139 ? 5.739   -3.128  -7.705  1.00 59.97  ? 139 GLN A CB    1 
ATOM   976  C  CG    . GLN A 1 139 ? 6.901   -2.329  -8.342  1.00 61.61  ? 139 GLN A CG    1 
ATOM   977  C  CD    . GLN A 1 139 ? 6.745   -2.094  -9.867  1.00 65.26  ? 139 GLN A CD    1 
ATOM   978  O  OE1   . GLN A 1 139 ? 5.905   -2.729  -10.539 1.00 67.50  ? 139 GLN A OE1   1 
ATOM   979  N  NE2   . GLN A 1 139 ? 7.555   -1.175  -10.414 1.00 64.91  ? 139 GLN A NE2   1 
ATOM   980  N  N     . THR A 1 140 ? 2.970   -3.492  -6.171  1.00 60.46  ? 140 THR A N     1 
ATOM   981  C  CA    . THR A 1 140 ? 1.917   -4.374  -5.703  1.00 60.49  ? 140 THR A CA    1 
ATOM   982  C  C     . THR A 1 140 ? 0.540   -3.929  -6.165  1.00 61.12  ? 140 THR A C     1 
ATOM   983  O  O     . THR A 1 140 ? -0.328  -4.764  -6.480  1.00 61.48  ? 140 THR A O     1 
ATOM   984  C  CB    . THR A 1 140 ? 1.936   -4.448  -4.194  1.00 60.36  ? 140 THR A CB    1 
ATOM   985  O  OG1   . THR A 1 140 ? 3.269   -4.733  -3.776  1.00 60.90  ? 140 THR A OG1   1 
ATOM   986  C  CG2   . THR A 1 140 ? 1.010   -5.529  -3.694  1.00 58.82  ? 140 THR A CG2   1 
ATOM   987  N  N     . GLN A 1 141 ? 0.327   -2.616  -6.187  1.00 61.39  ? 141 GLN A N     1 
ATOM   988  C  CA    . GLN A 1 141 ? -0.930  -2.075  -6.674  1.00 61.69  ? 141 GLN A CA    1 
ATOM   989  C  C     . GLN A 1 141 ? -1.104  -2.480  -8.133  1.00 61.69  ? 141 GLN A C     1 
ATOM   990  O  O     . GLN A 1 141 ? -2.186  -2.869  -8.565  1.00 61.41  ? 141 GLN A O     1 
ATOM   991  C  CB    . GLN A 1 141 ? -0.932  -0.563  -6.543  1.00 61.85  ? 141 GLN A CB    1 
ATOM   992  C  CG    . GLN A 1 141 ? -1.044  -0.065  -5.118  1.00 63.18  ? 141 GLN A CG    1 
ATOM   993  C  CD    . GLN A 1 141 ? -0.662  1.396   -4.993  1.00 64.64  ? 141 GLN A CD    1 
ATOM   994  O  OE1   . GLN A 1 141 ? -1.215  2.131   -4.181  1.00 65.81  ? 141 GLN A OE1   1 
ATOM   995  N  NE2   . GLN A 1 141 ? 0.291   1.825   -5.803  1.00 65.95  ? 141 GLN A NE2   1 
ATOM   996  N  N     . MET A 1 142 ? -0.007  -2.429  -8.876  1.00 61.75  ? 142 MET A N     1 
ATOM   997  C  CA    . MET A 1 142 ? -0.037  -2.793  -10.267 1.00 61.85  ? 142 MET A CA    1 
ATOM   998  C  C     . MET A 1 142 ? -0.299  -4.289  -10.424 1.00 62.49  ? 142 MET A C     1 
ATOM   999  O  O     . MET A 1 142 ? -1.098  -4.704  -11.274 1.00 62.76  ? 142 MET A O     1 
ATOM   1000 C  CB    . MET A 1 142 ? 1.242   -2.336  -10.946 1.00 61.30  ? 142 MET A CB    1 
ATOM   1001 C  CG    . MET A 1 142 ? 1.271   -0.847  -11.046 1.00 59.70  ? 142 MET A CG    1 
ATOM   1002 S  SD    . MET A 1 142 ? 2.547   -0.192  -12.096 1.00 59.27  ? 142 MET A SD    1 
ATOM   1003 C  CE    . MET A 1 142 ? 3.923   0.089   -10.978 1.00 56.42  ? 142 MET A CE    1 
ATOM   1004 N  N     . ALA A 1 143 ? 0.328   -5.085  -9.566  1.00 62.85  ? 143 ALA A N     1 
ATOM   1005 C  CA    . ALA A 1 143 ? 0.097   -6.522  -9.563  1.00 63.47  ? 143 ALA A CA    1 
ATOM   1006 C  C     . ALA A 1 143 ? -1.362  -6.826  -9.330  1.00 63.88  ? 143 ALA A C     1 
ATOM   1007 O  O     . ALA A 1 143 ? -1.910  -7.711  -9.962  1.00 64.39  ? 143 ALA A O     1 
ATOM   1008 C  CB    . ALA A 1 143 ? 0.952   -7.205  -8.511  1.00 63.48  ? 143 ALA A CB    1 
ATOM   1009 N  N     . CYS A 1 144 ? -1.996  -6.072  -8.444  1.00 64.49  ? 144 CYS A N     1 
ATOM   1010 C  CA    . CYS A 1 144 ? -3.365  -6.361  -8.042  1.00 65.31  ? 144 CYS A CA    1 
ATOM   1011 C  C     . CYS A 1 144 ? -4.442  -5.937  -9.020  1.00 65.81  ? 144 CYS A C     1 
ATOM   1012 O  O     . CYS A 1 144 ? -5.559  -6.458  -9.010  1.00 66.09  ? 144 CYS A O     1 
ATOM   1013 C  CB    . CYS A 1 144 ? -3.638  -5.680  -6.730  1.00 65.30  ? 144 CYS A CB    1 
ATOM   1014 S  SG    . CYS A 1 144 ? -3.034  -6.632  -5.419  1.00 65.74  ? 144 CYS A SG    1 
ATOM   1015 N  N     . THR A 1 145 ? -4.101  -4.969  -9.851  1.00 66.53  ? 145 THR A N     1 
ATOM   1016 C  CA    . THR A 1 145 ? -5.080  -4.277  -10.674 1.00 66.79  ? 145 THR A CA    1 
ATOM   1017 C  C     . THR A 1 145 ? -4.784  -4.524  -12.138 1.00 67.38  ? 145 THR A C     1 
ATOM   1018 O  O     . THR A 1 145 ? -5.623  -4.237  -12.997 1.00 67.46  ? 145 THR A O     1 
ATOM   1019 C  CB    . THR A 1 145 ? -4.975  -2.777  -10.441 1.00 66.58  ? 145 THR A CB    1 
ATOM   1020 O  OG1   . THR A 1 145 ? -3.609  -2.369  -10.654 1.00 65.99  ? 145 THR A OG1   1 
ATOM   1021 C  CG2   . THR A 1 145 ? -5.397  -2.451  -9.022  1.00 65.59  ? 145 THR A CG2   1 
ATOM   1022 N  N     . GLY A 1 146 ? -3.579  -5.040  -12.402 1.00 67.51  ? 146 GLY A N     1 
ATOM   1023 C  CA    . GLY A 1 146 ? -3.086  -5.240  -13.755 1.00 67.68  ? 146 GLY A CA    1 
ATOM   1024 C  C     . GLY A 1 146 ? -2.750  -3.947  -14.485 1.00 67.99  ? 146 GLY A C     1 
ATOM   1025 O  O     . GLY A 1 146 ? -2.642  -3.951  -15.708 1.00 68.37  ? 146 GLY A O     1 
ATOM   1026 N  N     . ARG A 1 147 ? -2.577  -2.840  -13.759 1.00 67.85  ? 147 ARG A N     1 
ATOM   1027 C  CA    . ARG A 1 147 ? -2.313  -1.553  -14.412 1.00 67.68  ? 147 ARG A CA    1 
ATOM   1028 C  C     . ARG A 1 147 ? -0.874  -1.457  -14.876 1.00 67.32  ? 147 ARG A C     1 
ATOM   1029 O  O     . ARG A 1 147 ? -0.045  -2.295  -14.524 1.00 67.32  ? 147 ARG A O     1 
ATOM   1030 C  CB    . ARG A 1 147 ? -2.719  -0.363  -13.532 1.00 68.06  ? 147 ARG A CB    1 
ATOM   1031 C  CG    . ARG A 1 147 ? -4.246  -0.302  -13.268 1.00 68.82  ? 147 ARG A CG    1 
ATOM   1032 C  CD    . ARG A 1 147 ? -4.933  0.713   -14.116 1.00 68.88  ? 147 ARG A CD    1 
ATOM   1033 N  NE    . ARG A 1 147 ? -6.384  0.589   -14.051 1.00 72.02  ? 147 ARG A NE    1 
ATOM   1034 C  CZ    . ARG A 1 147 ? -7.234  1.549   -14.431 1.00 74.90  ? 147 ARG A CZ    1 
ATOM   1035 N  NH1   . ARG A 1 147 ? -6.770  2.718   -14.879 1.00 77.25  ? 147 ARG A NH1   1 
ATOM   1036 N  NH2   . ARG A 1 147 ? -8.549  1.363   -14.348 1.00 73.03  ? 147 ARG A NH2   1 
ATOM   1037 N  N     . GLN A 1 148 ? -0.582  -0.452  -15.687 1.00 66.94  ? 148 GLN A N     1 
ATOM   1038 C  CA    . GLN A 1 148 ? 0.665   -0.451  -16.431 1.00 66.82  ? 148 GLN A CA    1 
ATOM   1039 C  C     . GLN A 1 148 ? 1.720   0.454   -15.821 1.00 66.52  ? 148 GLN A C     1 
ATOM   1040 O  O     . GLN A 1 148 ? 2.925   0.259   -16.031 1.00 66.92  ? 148 GLN A O     1 
ATOM   1041 C  CB    . GLN A 1 148 ? 0.395   -0.131  -17.910 1.00 67.00  ? 148 GLN A CB    1 
ATOM   1042 C  CG    . GLN A 1 148 ? -0.273  -1.289  -18.665 1.00 68.15  ? 148 GLN A CG    1 
ATOM   1043 C  CD    . GLN A 1 148 ? 0.544   -2.599  -18.564 1.00 71.42  ? 148 GLN A CD    1 
ATOM   1044 O  OE1   . GLN A 1 148 ? 0.039   -3.638  -18.113 1.00 70.48  ? 148 GLN A OE1   1 
ATOM   1045 N  NE2   . GLN A 1 148 ? 1.825   -2.532  -18.952 1.00 72.26  ? 148 GLN A NE2   1 
ATOM   1046 N  N     . TRP A 1 149 ? 1.256   1.434   -15.050 1.00 66.01  ? 149 TRP A N     1 
ATOM   1047 C  CA    . TRP A 1 149 ? 2.112   2.436   -14.417 1.00 65.29  ? 149 TRP A CA    1 
ATOM   1048 C  C     . TRP A 1 149 ? 1.390   3.085   -13.232 1.00 64.38  ? 149 TRP A C     1 
ATOM   1049 O  O     . TRP A 1 149 ? 0.157   3.058   -13.138 1.00 64.22  ? 149 TRP A O     1 
ATOM   1050 C  CB    . TRP A 1 149 ? 2.542   3.510   -15.431 1.00 65.76  ? 149 TRP A CB    1 
ATOM   1051 C  CG    . TRP A 1 149 ? 1.392   4.173   -16.148 1.00 67.28  ? 149 TRP A CG    1 
ATOM   1052 C  CD1   . TRP A 1 149 ? 0.881   3.828   -17.373 1.00 69.04  ? 149 TRP A CD1   1 
ATOM   1053 C  CD2   . TRP A 1 149 ? 0.602   5.280   -15.682 1.00 69.21  ? 149 TRP A CD2   1 
ATOM   1054 N  NE1   . TRP A 1 149 ? -0.181  4.651   -17.701 1.00 70.41  ? 149 TRP A NE1   1 
ATOM   1055 C  CE2   . TRP A 1 149 ? -0.372  5.554   -16.688 1.00 69.83  ? 149 TRP A CE2   1 
ATOM   1056 C  CE3   . TRP A 1 149 ? 0.619   6.066   -14.523 1.00 67.54  ? 149 TRP A CE3   1 
ATOM   1057 C  CZ2   . TRP A 1 149 ? -1.316  6.580   -16.564 1.00 68.08  ? 149 TRP A CZ2   1 
ATOM   1058 C  CZ3   . TRP A 1 149 ? -0.322  7.084   -14.406 1.00 68.38  ? 149 TRP A CZ3   1 
ATOM   1059 C  CH2   . TRP A 1 149 ? -1.276  7.330   -15.423 1.00 68.35  ? 149 TRP A CH2   1 
ATOM   1060 N  N     . CYS A 1 150 ? 2.168   3.665   -12.329 1.00 63.15  ? 150 CYS A N     1 
ATOM   1061 C  CA    . CYS A 1 150 ? 1.608   4.472   -11.268 1.00 61.89  ? 150 CYS A CA    1 
ATOM   1062 C  C     . CYS A 1 150 ? 2.362   5.788   -11.164 1.00 61.80  ? 150 CYS A C     1 
ATOM   1063 O  O     . CYS A 1 150 ? 3.607   5.821   -11.145 1.00 61.74  ? 150 CYS A O     1 
ATOM   1064 C  CB    . CYS A 1 150 ? 1.657   3.729   -9.941  1.00 61.82  ? 150 CYS A CB    1 
ATOM   1065 S  SG    . CYS A 1 150 ? 1.025   4.676   -8.554  1.00 59.71  ? 150 CYS A SG    1 
ATOM   1066 N  N     . ASP A 1 151 ? 1.593   6.872   -11.121 1.00 61.15  ? 151 ASP A N     1 
ATOM   1067 C  CA    . ASP A 1 151 ? 2.147   8.187   -10.920 1.00 60.74  ? 151 ASP A CA    1 
ATOM   1068 C  C     . ASP A 1 151 ? 2.307   8.439   -9.433  1.00 60.45  ? 151 ASP A C     1 
ATOM   1069 O  O     . ASP A 1 151 ? 1.319   8.464   -8.672  1.00 61.43  ? 151 ASP A O     1 
ATOM   1070 C  CB    . ASP A 1 151 ? 1.261   9.243   -11.571 1.00 60.69  ? 151 ASP A CB    1 
ATOM   1071 C  CG    . ASP A 1 151 ? 1.656   9.525   -13.015 1.00 62.09  ? 151 ASP A CG    1 
ATOM   1072 O  OD1   . ASP A 1 151 ? 2.804   9.179   -13.415 1.00 62.84  ? 151 ASP A OD1   1 
ATOM   1073 O  OD2   . ASP A 1 151 ? 0.817   10.099  -13.755 1.00 63.53  ? 151 ASP A OD2   1 
ATOM   1074 N  N     . PHE A 1 152 ? 3.549   8.597   -9.007  1.00 59.19  ? 152 PHE A N     1 
ATOM   1075 C  CA    . PHE A 1 152 ? 3.809   8.850   -7.615  1.00 58.62  ? 152 PHE A CA    1 
ATOM   1076 C  C     . PHE A 1 152 ? 3.777   10.331  -7.376  1.00 58.01  ? 152 PHE A C     1 
ATOM   1077 O  O     . PHE A 1 152 ? 4.584   11.051  -7.948  1.00 58.78  ? 152 PHE A O     1 
ATOM   1078 C  CB    . PHE A 1 152 ? 5.173   8.313   -7.239  1.00 58.67  ? 152 PHE A CB    1 
ATOM   1079 C  CG    . PHE A 1 152 ? 5.547   8.561   -5.813  1.00 59.01  ? 152 PHE A CG    1 
ATOM   1080 C  CD1   . PHE A 1 152 ? 6.346   9.644   -5.468  1.00 60.30  ? 152 PHE A CD1   1 
ATOM   1081 C  CD2   . PHE A 1 152 ? 5.120   7.708   -4.814  1.00 59.83  ? 152 PHE A CD2   1 
ATOM   1082 C  CE1   . PHE A 1 152 ? 6.712   9.875   -4.136  1.00 59.78  ? 152 PHE A CE1   1 
ATOM   1083 C  CE2   . PHE A 1 152 ? 5.472   7.932   -3.481  1.00 60.55  ? 152 PHE A CE2   1 
ATOM   1084 C  CZ    . PHE A 1 152 ? 6.273   9.012   -3.146  1.00 60.64  ? 152 PHE A CZ    1 
ATOM   1085 N  N     . VAL A 1 153 ? 2.867   10.771  -6.511  1.00 57.22  ? 153 VAL A N     1 
ATOM   1086 C  CA    . VAL A 1 153 ? 2.674   12.195  -6.177  1.00 56.25  ? 153 VAL A CA    1 
ATOM   1087 C  C     . VAL A 1 153 ? 3.052   12.503  -4.731  1.00 56.30  ? 153 VAL A C     1 
ATOM   1088 O  O     . VAL A 1 153 ? 2.549   11.857  -3.789  1.00 55.61  ? 153 VAL A O     1 
ATOM   1089 C  CB    . VAL A 1 153 ? 1.194   12.632  -6.435  1.00 56.45  ? 153 VAL A CB    1 
ATOM   1090 C  CG1   . VAL A 1 153 ? 0.895   14.070  -5.925  1.00 53.66  ? 153 VAL A CG1   1 
ATOM   1091 C  CG2   . VAL A 1 153 ? 0.856   12.463  -7.926  1.00 55.99  ? 153 VAL A CG2   1 
ATOM   1092 N  N     . SER A 1 154 ? 3.943   13.483  -4.564  1.00 56.43  ? 154 SER A N     1 
ATOM   1093 C  CA    . SER A 1 154 ? 4.206   14.054  -3.237  1.00 57.07  ? 154 SER A CA    1 
ATOM   1094 C  C     . SER A 1 154 ? 3.748   15.504  -3.154  1.00 57.16  ? 154 SER A C     1 
ATOM   1095 O  O     . SER A 1 154 ? 4.108   16.335  -3.997  1.00 57.51  ? 154 SER A O     1 
ATOM   1096 C  CB    . SER A 1 154 ? 5.678   13.954  -2.847  1.00 57.03  ? 154 SER A CB    1 
ATOM   1097 O  OG    . SER A 1 154 ? 5.834   14.220  -1.458  1.00 57.33  ? 154 SER A OG    1 
ATOM   1098 N  N     . TYR A 1 155 ? 2.969   15.803  -2.122  1.00 57.31  ? 155 TYR A N     1 
ATOM   1099 C  CA    . TYR A 1 155 ? 2.380   17.128  -1.965  1.00 57.59  ? 155 TYR A CA    1 
ATOM   1100 C  C     . TYR A 1 155 ? 2.625   17.738  -0.589  1.00 57.49  ? 155 TYR A C     1 
ATOM   1101 O  O     . TYR A 1 155 ? 2.608   17.046  0.424   1.00 57.91  ? 155 TYR A O     1 
ATOM   1102 C  CB    . TYR A 1 155 ? 0.885   17.037  -2.241  1.00 57.58  ? 155 TYR A CB    1 
ATOM   1103 C  CG    . TYR A 1 155 ? 0.130   18.345  -2.247  1.00 56.97  ? 155 TYR A CG    1 
ATOM   1104 C  CD1   . TYR A 1 155 ? 0.292   19.269  -3.269  1.00 55.96  ? 155 TYR A CD1   1 
ATOM   1105 C  CD2   . TYR A 1 155 ? -0.797  18.631  -1.249  1.00 56.54  ? 155 TYR A CD2   1 
ATOM   1106 C  CE1   . TYR A 1 155 ? -0.442  20.479  -3.280  1.00 55.86  ? 155 TYR A CE1   1 
ATOM   1107 C  CE2   . TYR A 1 155 ? -1.530  19.810  -1.253  1.00 55.98  ? 155 TYR A CE2   1 
ATOM   1108 C  CZ    . TYR A 1 155 ? -1.348  20.734  -2.266  1.00 55.92  ? 155 TYR A CZ    1 
ATOM   1109 O  OH    . TYR A 1 155 ? -2.080  21.903  -2.256  1.00 55.50  ? 155 TYR A OH    1 
ATOM   1110 N  N     . ASP A 1 156 ? 2.864   19.040  -0.576  1.00 57.36  ? 156 ASP A N     1 
ATOM   1111 C  CA    . ASP A 1 156 ? 2.947   19.820  0.645   1.00 57.49  ? 156 ASP A CA    1 
ATOM   1112 C  C     . ASP A 1 156 ? 2.718   21.306  0.344   1.00 57.73  ? 156 ASP A C     1 
ATOM   1113 O  O     . ASP A 1 156 ? 3.558   21.989  -0.260  1.00 56.83  ? 156 ASP A O     1 
ATOM   1114 C  CB    . ASP A 1 156 ? 4.290   19.615  1.337   1.00 57.42  ? 156 ASP A CB    1 
ATOM   1115 C  CG    . ASP A 1 156 ? 4.364   20.313  2.678   1.00 58.83  ? 156 ASP A CG    1 
ATOM   1116 O  OD1   . ASP A 1 156 ? 3.361   20.944  3.104   1.00 60.24  ? 156 ASP A OD1   1 
ATOM   1117 O  OD2   . ASP A 1 156 ? 5.426   20.233  3.319   1.00 58.98  ? 156 ASP A OD2   1 
ATOM   1118 N  N     . ASP A 1 157 ? 1.567   21.802  0.785   1.00 58.39  ? 157 ASP A N     1 
ATOM   1119 C  CA    . ASP A 1 157 ? 1.213   23.200  0.562   1.00 58.86  ? 157 ASP A CA    1 
ATOM   1120 C  C     . ASP A 1 157 ? 1.901   24.206  1.493   1.00 58.69  ? 157 ASP A C     1 
ATOM   1121 O  O     . ASP A 1 157 ? 1.839   25.396  1.240   1.00 58.96  ? 157 ASP A O     1 
ATOM   1122 C  CB    . ASP A 1 157 ? -0.307  23.402  0.586   1.00 59.12  ? 157 ASP A CB    1 
ATOM   1123 C  CG    . ASP A 1 157 ? -0.931  23.052  1.906   1.00 60.15  ? 157 ASP A CG    1 
ATOM   1124 O  OD1   . ASP A 1 157 ? -2.162  23.001  1.947   1.00 63.82  ? 157 ASP A OD1   1 
ATOM   1125 O  OD2   . ASP A 1 157 ? -0.232  22.829  2.901   1.00 61.22  ? 157 ASP A OD2   1 
ATOM   1126 N  N     . ARG A 1 158 ? 2.560   23.740  2.550   1.00 58.57  ? 158 ARG A N     1 
ATOM   1127 C  CA    . ARG A 1 158 ? 3.241   24.654  3.466   1.00 58.74  ? 158 ARG A CA    1 
ATOM   1128 C  C     . ARG A 1 158 ? 4.390   25.414  2.787   1.00 58.99  ? 158 ARG A C     1 
ATOM   1129 O  O     . ARG A 1 158 ? 4.789   26.484  3.269   1.00 60.22  ? 158 ARG A O     1 
ATOM   1130 C  CB    . ARG A 1 158 ? 3.741   23.930  4.725   1.00 58.94  ? 158 ARG A CB    1 
ATOM   1131 C  CG    . ARG A 1 158 ? 2.642   23.441  5.691   1.00 58.88  ? 158 ARG A CG    1 
ATOM   1132 C  CD    . ARG A 1 158 ? 3.134   22.305  6.621   1.00 59.41  ? 158 ARG A CD    1 
ATOM   1133 N  NE    . ARG A 1 158 ? 3.644   21.147  5.870   1.00 60.75  ? 158 ARG A NE    1 
ATOM   1134 C  CZ    . ARG A 1 158 ? 3.681   19.887  6.309   1.00 59.90  ? 158 ARG A CZ    1 
ATOM   1135 N  NH1   . ARG A 1 158 ? 3.229   19.561  7.519   1.00 57.44  ? 158 ARG A NH1   1 
ATOM   1136 N  NH2   . ARG A 1 158 ? 4.170   18.942  5.514   1.00 60.61  ? 158 ARG A NH2   1 
ATOM   1137 N  N     . LEU A 1 159 ? 4.879   24.880  1.662   1.00 58.51  ? 159 LEU A N     1 
ATOM   1138 C  CA    . LEU A 1 159 ? 6.037   25.396  0.919   1.00 58.07  ? 159 LEU A CA    1 
ATOM   1139 C  C     . LEU A 1 159 ? 5.655   26.393  -0.163  1.00 58.41  ? 159 LEU A C     1 
ATOM   1140 O  O     . LEU A 1 159 ? 4.473   26.538  -0.464  1.00 58.37  ? 159 LEU A O     1 
ATOM   1141 C  CB    . LEU A 1 159 ? 6.712   24.231  0.218   1.00 57.98  ? 159 LEU A CB    1 
ATOM   1142 C  CG    . LEU A 1 159 ? 7.395   23.212  1.102   1.00 56.67  ? 159 LEU A CG    1 
ATOM   1143 C  CD1   . LEU A 1 159 ? 7.668   21.976  0.282   1.00 54.65  ? 159 LEU A CD1   1 
ATOM   1144 C  CD2   . LEU A 1 159 ? 8.661   23.847  1.644   1.00 54.71  ? 159 LEU A CD2   1 
ATOM   1145 N  N     . PRO A 1 160 ? 6.649   27.069  -0.776  1.00 58.97  ? 160 PRO A N     1 
ATOM   1146 C  CA    . PRO A 1 160 ? 6.377   27.914  -1.945  1.00 59.63  ? 160 PRO A CA    1 
ATOM   1147 C  C     . PRO A 1 160 ? 5.776   27.115  -3.116  1.00 61.07  ? 160 PRO A C     1 
ATOM   1148 O  O     . PRO A 1 160 ? 6.082   25.915  -3.278  1.00 61.14  ? 160 PRO A O     1 
ATOM   1149 C  CB    . PRO A 1 160 ? 7.758   28.444  -2.315  1.00 58.95  ? 160 PRO A CB    1 
ATOM   1150 C  CG    . PRO A 1 160 ? 8.512   28.391  -1.081  1.00 58.80  ? 160 PRO A CG    1 
ATOM   1151 C  CD    . PRO A 1 160 ? 8.056   27.180  -0.359  1.00 58.89  ? 160 PRO A CD    1 
ATOM   1152 N  N     . ASP A 1 161 ? 4.936   27.780  -3.924  1.00 62.61  ? 161 ASP A N     1 
ATOM   1153 C  CA    . ASP A 1 161 ? 4.176   27.109  -4.984  1.00 63.67  ? 161 ASP A CA    1 
ATOM   1154 C  C     . ASP A 1 161 ? 5.047   26.230  -5.866  1.00 63.26  ? 161 ASP A C     1 
ATOM   1155 O  O     . ASP A 1 161 ? 4.637   25.130  -6.272  1.00 63.15  ? 161 ASP A O     1 
ATOM   1156 C  CB    . ASP A 1 161 ? 3.393   28.084  -5.878  1.00 64.59  ? 161 ASP A CB    1 
ATOM   1157 C  CG    . ASP A 1 161 ? 2.739   27.346  -7.117  1.00 69.00  ? 161 ASP A CG    1 
ATOM   1158 O  OD1   . ASP A 1 161 ? 1.810   26.507  -6.909  1.00 71.74  ? 161 ASP A OD1   1 
ATOM   1159 O  OD2   . ASP A 1 161 ? 3.181   27.555  -8.293  1.00 71.97  ? 161 ASP A OD2   1 
ATOM   1160 N  N     . ASP A 1 162 ? 6.240   26.724  -6.177  1.00 63.22  ? 162 ASP A N     1 
ATOM   1161 C  CA    . ASP A 1 162 ? 7.091   26.027  -7.127  1.00 63.07  ? 162 ASP A CA    1 
ATOM   1162 C  C     . ASP A 1 162 ? 7.760   24.803  -6.486  1.00 62.40  ? 162 ASP A C     1 
ATOM   1163 O  O     . ASP A 1 162 ? 8.500   24.091  -7.157  1.00 62.54  ? 162 ASP A O     1 
ATOM   1164 C  CB    . ASP A 1 162 ? 8.065   26.989  -7.845  1.00 63.03  ? 162 ASP A CB    1 
ATOM   1165 C  CG    . ASP A 1 162 ? 9.178   27.526  -6.940  1.00 65.57  ? 162 ASP A CG    1 
ATOM   1166 O  OD1   . ASP A 1 162 ? 10.153  28.112  -7.491  1.00 68.65  ? 162 ASP A OD1   1 
ATOM   1167 O  OD2   . ASP A 1 162 ? 9.106   27.373  -5.698  1.00 67.50  ? 162 ASP A OD2   1 
ATOM   1168 N  N     . MET A 1 163 ? 7.448   24.548  -5.207  1.00 61.52  ? 163 MET A N     1 
ATOM   1169 C  CA    . MET A 1 163 ? 7.911   23.346  -4.475  1.00 60.50  ? 163 MET A CA    1 
ATOM   1170 C  C     . MET A 1 163 ? 6.819   22.451  -3.877  1.00 59.81  ? 163 MET A C     1 
ATOM   1171 O  O     . MET A 1 163 ? 7.139   21.455  -3.235  1.00 58.95  ? 163 MET A O     1 
ATOM   1172 C  CB    . MET A 1 163 ? 8.834   23.747  -3.342  1.00 60.38  ? 163 MET A CB    1 
ATOM   1173 C  CG    . MET A 1 163 ? 10.120  24.313  -3.827  1.00 61.51  ? 163 MET A CG    1 
ATOM   1174 S  SD    . MET A 1 163 ? 11.135  24.761  -2.428  1.00 62.71  ? 163 MET A SD    1 
ATOM   1175 C  CE    . MET A 1 163 ? 12.453  25.745  -3.188  1.00 61.69  ? 163 MET A CE    1 
ATOM   1176 N  N     . GLN A 1 164 ? 5.547   22.809  -4.059  1.00 59.10  ? 164 GLN A N     1 
ATOM   1177 C  CA    . GLN A 1 164 ? 4.453   22.070  -3.426  1.00 58.58  ? 164 GLN A CA    1 
ATOM   1178 C  C     . GLN A 1 164 ? 4.157   20.727  -4.055  1.00 58.33  ? 164 GLN A C     1 
ATOM   1179 O  O     . GLN A 1 164 ? 3.731   19.807  -3.361  1.00 58.83  ? 164 GLN A O     1 
ATOM   1180 C  CB    . GLN A 1 164 ? 3.177   22.889  -3.429  1.00 58.48  ? 164 GLN A CB    1 
ATOM   1181 C  CG    . GLN A 1 164 ? 3.350   24.261  -2.877  1.00 59.25  ? 164 GLN A CG    1 
ATOM   1182 C  CD    . GLN A 1 164 ? 2.057   25.044  -2.855  1.00 60.54  ? 164 GLN A CD    1 
ATOM   1183 O  OE1   . GLN A 1 164 ? 1.730   25.639  -1.854  1.00 60.74  ? 164 GLN A OE1   1 
ATOM   1184 N  NE2   . GLN A 1 164 ? 1.315   25.040  -3.960  1.00 61.79  ? 164 GLN A NE2   1 
ATOM   1185 N  N     . TYR A 1 165 ? 4.368   20.614  -5.364  1.00 57.58  ? 165 TYR A N     1 
ATOM   1186 C  CA    . TYR A 1 165 ? 3.937   19.459  -6.115  1.00 56.94  ? 165 TYR A CA    1 
ATOM   1187 C  C     . TYR A 1 165 ? 5.127   18.757  -6.744  1.00 57.19  ? 165 TYR A C     1 
ATOM   1188 O  O     . TYR A 1 165 ? 6.001   19.410  -7.313  1.00 57.10  ? 165 TYR A O     1 
ATOM   1189 C  CB    . TYR A 1 165 ? 2.987   19.921  -7.209  1.00 56.85  ? 165 TYR A CB    1 
ATOM   1190 C  CG    . TYR A 1 165 ? 2.465   18.826  -8.112  1.00 57.58  ? 165 TYR A CG    1 
ATOM   1191 C  CD1   . TYR A 1 165 ? 1.450   17.960  -7.665  1.00 56.93  ? 165 TYR A CD1   1 
ATOM   1192 C  CD2   . TYR A 1 165 ? 2.962   18.654  -9.425  1.00 56.54  ? 165 TYR A CD2   1 
ATOM   1193 C  CE1   . TYR A 1 165 ? 0.953   16.938  -8.477  1.00 56.62  ? 165 TYR A CE1   1 
ATOM   1194 C  CE2   . TYR A 1 165 ? 2.463   17.629  -10.254 1.00 56.49  ? 165 TYR A CE2   1 
ATOM   1195 C  CZ    . TYR A 1 165 ? 1.459   16.783  -9.759  1.00 58.11  ? 165 TYR A CZ    1 
ATOM   1196 O  OH    . TYR A 1 165 ? 0.931   15.767  -10.515 1.00 60.56  ? 165 TYR A OH    1 
ATOM   1197 N  N     . PHE A 1 166 ? 5.153   17.424  -6.631  1.00 57.22  ? 166 PHE A N     1 
ATOM   1198 C  CA    . PHE A 1 166 ? 6.140   16.567  -7.304  1.00 56.88  ? 166 PHE A CA    1 
ATOM   1199 C  C     . PHE A 1 166 ? 5.418   15.352  -7.809  1.00 57.50  ? 166 PHE A C     1 
ATOM   1200 O  O     . PHE A 1 166 ? 4.636   14.761  -7.069  1.00 57.68  ? 166 PHE A O     1 
ATOM   1201 C  CB    . PHE A 1 166 ? 7.239   16.130  -6.329  1.00 56.28  ? 166 PHE A CB    1 
ATOM   1202 C  CG    . PHE A 1 166 ? 8.161   15.059  -6.860  1.00 54.71  ? 166 PHE A CG    1 
ATOM   1203 C  CD1   . PHE A 1 166 ? 9.368   15.394  -7.465  1.00 52.54  ? 166 PHE A CD1   1 
ATOM   1204 C  CD2   . PHE A 1 166 ? 7.839   13.701  -6.726  1.00 54.51  ? 166 PHE A CD2   1 
ATOM   1205 C  CE1   . PHE A 1 166 ? 10.224  14.397  -7.947  1.00 50.80  ? 166 PHE A CE1   1 
ATOM   1206 C  CE2   . PHE A 1 166 ? 8.700   12.695  -7.220  1.00 51.74  ? 166 PHE A CE2   1 
ATOM   1207 C  CZ    . PHE A 1 166 ? 9.884   13.051  -7.827  1.00 49.30  ? 166 PHE A CZ    1 
ATOM   1208 N  N     . CYS A 1 167 ? 5.685   14.982  -9.058  1.00 58.25  ? 167 CYS A N     1 
ATOM   1209 C  CA    . CYS A 1 167 ? 5.163   13.755  -9.628  1.00 59.50  ? 167 CYS A CA    1 
ATOM   1210 C  C     . CYS A 1 167 ? 6.250   13.020  -10.368 1.00 60.55  ? 167 CYS A C     1 
ATOM   1211 O  O     . CYS A 1 167 ? 7.078   13.638  -11.010 1.00 61.24  ? 167 CYS A O     1 
ATOM   1212 C  CB    . CYS A 1 167 ? 4.044   14.052  -10.607 1.00 59.50  ? 167 CYS A CB    1 
ATOM   1213 S  SG    . CYS A 1 167 ? 3.115   12.579  -11.115 1.00 60.57  ? 167 CYS A SG    1 
ATOM   1214 N  N     . THR A 1 168 ? 6.253   11.698  -10.285 1.00 61.73  ? 168 THR A N     1 
ATOM   1215 C  CA    . THR A 1 168 ? 7.161   10.889  -11.095 1.00 62.74  ? 168 THR A CA    1 
ATOM   1216 C  C     . THR A 1 168 ? 6.483   9.581   -11.442 1.00 63.66  ? 168 THR A C     1 
ATOM   1217 O  O     . THR A 1 168 ? 5.780   9.013   -10.613 1.00 64.44  ? 168 THR A O     1 
ATOM   1218 C  CB    . THR A 1 168 ? 8.493   10.599  -10.395 1.00 62.64  ? 168 THR A CB    1 
ATOM   1219 O  OG1   . THR A 1 168 ? 9.464   10.259  -11.383 1.00 63.61  ? 168 THR A OG1   1 
ATOM   1220 C  CG2   . THR A 1 168 ? 8.376   9.431   -9.426  1.00 61.83  ? 168 THR A CG2   1 
ATOM   1221 N  N     . ARG A 1 169 ? 6.677   9.107   -12.665 1.00 64.49  ? 169 ARG A N     1 
ATOM   1222 C  CA    . ARG A 1 169 ? 5.974   7.935   -13.114 1.00 64.97  ? 169 ARG A CA    1 
ATOM   1223 C  C     . ARG A 1 169 ? 6.845   6.740   -12.867 1.00 65.46  ? 169 ARG A C     1 
ATOM   1224 O  O     . ARG A 1 169 ? 8.059   6.809   -13.014 1.00 65.05  ? 169 ARG A O     1 
ATOM   1225 C  CB    . ARG A 1 169 ? 5.615   8.037   -14.591 1.00 65.25  ? 169 ARG A CB    1 
ATOM   1226 C  CG    . ARG A 1 169 ? 4.714   6.903   -15.092 1.00 65.81  ? 169 ARG A CG    1 
ATOM   1227 C  CD    . ARG A 1 169 ? 4.024   7.304   -16.374 1.00 67.19  ? 169 ARG A CD    1 
ATOM   1228 N  NE    . ARG A 1 169 ? 2.961   8.268   -16.111 1.00 66.61  ? 169 ARG A NE    1 
ATOM   1229 C  CZ    . ARG A 1 169 ? 1.966   8.522   -16.948 1.00 65.25  ? 169 ARG A CZ    1 
ATOM   1230 N  NH1   . ARG A 1 169 ? 1.898   7.884   -18.099 1.00 64.88  ? 169 ARG A NH1   1 
ATOM   1231 N  NH2   . ARG A 1 169 ? 1.031   9.396   -16.621 1.00 64.52  ? 169 ARG A NH2   1 
ATOM   1232 N  N     . ILE A 1 170 ? 6.191   5.650   -12.474 1.00 66.42  ? 170 ILE A N     1 
ATOM   1233 C  CA    . ILE A 1 170 ? 6.837   4.383   -12.169 1.00 67.00  ? 170 ILE A CA    1 
ATOM   1234 C  C     . ILE A 1 170 ? 6.210   3.301   -13.036 1.00 67.61  ? 170 ILE A C     1 
ATOM   1235 O  O     . ILE A 1 170 ? 4.994   3.072   -12.964 1.00 67.71  ? 170 ILE A O     1 
ATOM   1236 C  CB    . ILE A 1 170 ? 6.658   4.033   -10.680 1.00 66.77  ? 170 ILE A CB    1 
ATOM   1237 C  CG1   . ILE A 1 170 ? 7.257   5.132   -9.795  1.00 66.46  ? 170 ILE A CG1   1 
ATOM   1238 C  CG2   . ILE A 1 170 ? 7.283   2.696   -10.362 1.00 66.50  ? 170 ILE A CG2   1 
ATOM   1239 C  CD1   . ILE A 1 170 ? 8.717   5.442   -10.073 1.00 66.01  ? 170 ILE A CD1   1 
ATOM   1240 N  N     . GLU A 1 171 ? 7.038   2.653   -13.857 1.00 68.29  ? 171 GLU A N     1 
ATOM   1241 C  CA    . GLU A 1 171 ? 6.545   1.671   -14.819 1.00 68.96  ? 171 GLU A CA    1 
ATOM   1242 C  C     . GLU A 1 171 ? 6.397   0.325   -14.143 1.00 69.28  ? 171 GLU A C     1 
ATOM   1243 O  O     . GLU A 1 171 ? 7.263   -0.079  -13.362 1.00 69.18  ? 171 GLU A O     1 
ATOM   1244 C  CB    . GLU A 1 171 ? 7.508   1.532   -16.009 1.00 69.27  ? 171 GLU A CB    1 
ATOM   1245 C  CG    . GLU A 1 171 ? 7.638   2.750   -16.940 1.00 70.11  ? 171 GLU A CG    1 
ATOM   1246 C  CD    . GLU A 1 171 ? 6.322   3.169   -17.577 1.00 72.02  ? 171 GLU A CD    1 
ATOM   1247 O  OE1   . GLU A 1 171 ? 6.048   4.393   -17.585 1.00 71.60  ? 171 GLU A OE1   1 
ATOM   1248 O  OE2   . GLU A 1 171 ? 5.565   2.282   -18.061 1.00 73.19  ? 171 GLU A OE2   1 
ATOM   1249 N  N     . ARG A 1 172 ? 5.299   -0.368  -14.444 1.00 69.72  ? 172 ARG A N     1 
ATOM   1250 C  CA    . ARG A 1 172 ? 5.148   -1.772  -14.065 1.00 70.18  ? 172 ARG A CA    1 
ATOM   1251 C  C     . ARG A 1 172 ? 6.452   -2.523  -14.307 1.00 70.97  ? 172 ARG A C     1 
ATOM   1252 O  O     . ARG A 1 172 ? 7.034   -2.418  -15.383 1.00 71.73  ? 172 ARG A O     1 
ATOM   1253 C  CB    . ARG A 1 172 ? 4.045   -2.413  -14.885 1.00 69.85  ? 172 ARG A CB    1 
ATOM   1254 C  CG    . ARG A 1 172 ? 3.916   -3.890  -14.683 1.00 69.36  ? 172 ARG A CG    1 
ATOM   1255 C  CD    . ARG A 1 172 ? 2.687   -4.419  -15.383 1.00 69.26  ? 172 ARG A CD    1 
ATOM   1256 N  NE    . ARG A 1 172 ? 2.291   -5.670  -14.757 1.00 70.64  ? 172 ARG A NE    1 
ATOM   1257 C  CZ    . ARG A 1 172 ? 1.176   -5.860  -14.048 1.00 71.13  ? 172 ARG A CZ    1 
ATOM   1258 N  NH1   . ARG A 1 172 ? 0.277   -4.888  -13.878 1.00 70.33  ? 172 ARG A NH1   1 
ATOM   1259 N  NH2   . ARG A 1 172 ? 0.960   -7.048  -13.505 1.00 70.31  ? 172 ARG A NH2   1 
ATOM   1260 N  N     . ASP A 1 173 ? 6.929   -3.249  -13.298 1.00 71.71  ? 173 ASP A N     1 
ATOM   1261 C  CA    . ASP A 1 173 ? 8.130   -4.087  -13.423 1.00 71.97  ? 173 ASP A CA    1 
ATOM   1262 C  C     . ASP A 1 173 ? 7.761   -5.553  -13.128 1.00 72.13  ? 173 ASP A C     1 
ATOM   1263 O  O     . ASP A 1 173 ? 7.646   -5.940  -11.965 1.00 72.57  ? 173 ASP A O     1 
ATOM   1264 C  CB    . ASP A 1 173 ? 9.227   -3.552  -12.495 1.00 71.77  ? 173 ASP A CB    1 
ATOM   1265 C  CG    . ASP A 1 173 ? 10.370  -4.532  -12.279 1.00 72.97  ? 173 ASP A CG    1 
ATOM   1266 O  OD1   . ASP A 1 173 ? 10.302  -5.690  -12.770 1.00 73.82  ? 173 ASP A OD1   1 
ATOM   1267 O  OD2   . ASP A 1 173 ? 11.339  -4.137  -11.585 1.00 72.81  ? 173 ASP A OD2   1 
ATOM   1268 N  N     . ASP A 1 174 ? 7.573   -6.357  -14.180 1.00 72.16  ? 174 ASP A N     1 
ATOM   1269 C  CA    . ASP A 1 174 ? 7.083   -7.741  -14.026 1.00 72.06  ? 174 ASP A CA    1 
ATOM   1270 C  C     . ASP A 1 174 ? 8.043   -8.636  -13.253 1.00 71.80  ? 174 ASP A C     1 
ATOM   1271 O  O     . ASP A 1 174 ? 7.607   -9.559  -12.572 1.00 71.92  ? 174 ASP A O     1 
ATOM   1272 C  CB    . ASP A 1 174 ? 6.693   -8.374  -15.374 1.00 72.09  ? 174 ASP A CB    1 
ATOM   1273 C  CG    . ASP A 1 174 ? 5.350   -7.859  -15.911 1.00 72.56  ? 174 ASP A CG    1 
ATOM   1274 O  OD1   . ASP A 1 174 ? 5.188   -7.775  -17.141 1.00 72.45  ? 174 ASP A OD1   1 
ATOM   1275 O  OD2   . ASP A 1 174 ? 4.446   -7.538  -15.110 1.00 73.31  ? 174 ASP A OD2   1 
ATOM   1276 N  N     . ALA A 1 175 ? 9.336   -8.347  -13.329 1.00 71.46  ? 175 ALA A N     1 
ATOM   1277 C  CA    . ALA A 1 175 ? 10.308  -9.120  -12.572 1.00 71.89  ? 175 ALA A CA    1 
ATOM   1278 C  C     . ALA A 1 175 ? 10.050  -8.963  -11.076 1.00 72.13  ? 175 ALA A C     1 
ATOM   1279 O  O     . ALA A 1 175 ? 9.885   -9.964  -10.364 1.00 72.19  ? 175 ALA A O     1 
ATOM   1280 C  CB    . ALA A 1 175 ? 11.741  -8.712  -12.926 1.00 71.56  ? 175 ALA A CB    1 
ATOM   1281 N  N     . LEU A 1 176 ? 9.987   -7.705  -10.623 1.00 72.13  ? 176 LEU A N     1 
ATOM   1282 C  CA    . LEU A 1 176 ? 9.780   -7.379  -9.209  1.00 72.07  ? 176 LEU A CA    1 
ATOM   1283 C  C     . LEU A 1 176 ? 8.465   -7.915  -8.675  1.00 71.78  ? 176 LEU A C     1 
ATOM   1284 O  O     . LEU A 1 176 ? 8.407   -8.426  -7.550  1.00 71.86  ? 176 LEU A O     1 
ATOM   1285 C  CB    . LEU A 1 176 ? 9.848   -5.869  -8.955  1.00 72.23  ? 176 LEU A CB    1 
ATOM   1286 C  CG    . LEU A 1 176 ? 10.226  -5.566  -7.496  1.00 72.47  ? 176 LEU A CG    1 
ATOM   1287 C  CD1   . LEU A 1 176 ? 11.555  -6.262  -7.155  1.00 73.84  ? 176 LEU A CD1   1 
ATOM   1288 C  CD2   . LEU A 1 176 ? 10.322  -4.071  -7.209  1.00 71.85  ? 176 LEU A CD2   1 
ATOM   1289 N  N     . ILE A 1 177 ? 7.425   -7.788  -9.493  1.00 71.03  ? 177 ILE A N     1 
ATOM   1290 C  CA    . ILE A 1 177 ? 6.135   -8.379  -9.210  1.00 70.53  ? 177 ILE A CA    1 
ATOM   1291 C  C     . ILE A 1 177 ? 6.251   -9.890  -8.977  1.00 70.72  ? 177 ILE A C     1 
ATOM   1292 O  O     . ILE A 1 177 ? 5.684   -10.416 -8.020  1.00 70.94  ? 177 ILE A O     1 
ATOM   1293 C  CB    . ILE A 1 177 ? 5.112   -8.057  -10.318 1.00 70.28  ? 177 ILE A CB    1 
ATOM   1294 C  CG1   . ILE A 1 177 ? 4.908   -6.544  -10.430 1.00 70.87  ? 177 ILE A CG1   1 
ATOM   1295 C  CG2   . ILE A 1 177 ? 3.780   -8.697  -10.014 1.00 69.74  ? 177 ILE A CG2   1 
ATOM   1296 C  CD1   . ILE A 1 177 ? 4.053   -6.096  -11.593 1.00 72.07  ? 177 ILE A CD1   1 
ATOM   1297 N  N     . ALA A 1 178 ? 6.998   -10.596 -9.823  1.00 70.86  ? 178 ALA A N     1 
ATOM   1298 C  CA    . ALA A 1 178 ? 7.069   -12.049 -9.686  1.00 70.74  ? 178 ALA A CA    1 
ATOM   1299 C  C     . ALA A 1 178 ? 7.624   -12.409 -8.314  1.00 70.77  ? 178 ALA A C     1 
ATOM   1300 O  O     . ALA A 1 178 ? 7.075   -13.279 -7.629  1.00 70.45  ? 178 ALA A O     1 
ATOM   1301 C  CB    . ALA A 1 178 ? 7.891   -12.675 -10.804 1.00 70.66  ? 178 ALA A CB    1 
ATOM   1302 N  N     . GLU A 1 179 ? 8.691   -11.718 -7.910  1.00 70.90  ? 179 GLU A N     1 
ATOM   1303 C  CA    . GLU A 1 179 ? 9.286   -11.910 -6.585  1.00 71.92  ? 179 GLU A CA    1 
ATOM   1304 C  C     . GLU A 1 179 ? 8.288   -11.704 -5.446  1.00 71.86  ? 179 GLU A C     1 
ATOM   1305 O  O     . GLU A 1 179 ? 8.106   -12.585 -4.584  1.00 71.67  ? 179 GLU A O     1 
ATOM   1306 C  CB    . GLU A 1 179 ? 10.409  -10.925 -6.367  1.00 72.07  ? 179 GLU A CB    1 
ATOM   1307 C  CG    . GLU A 1 179 ? 11.542  -11.059 -7.320  1.00 74.84  ? 179 GLU A CG    1 
ATOM   1308 C  CD    . GLU A 1 179 ? 12.616  -10.052 -7.005  1.00 78.57  ? 179 GLU A CD    1 
ATOM   1309 O  OE1   . GLU A 1 179 ? 13.081  -9.373  -7.957  1.00 81.59  ? 179 GLU A OE1   1 
ATOM   1310 O  OE2   . GLU A 1 179 ? 12.961  -9.918  -5.798  1.00 78.81  ? 179 GLU A OE2   1 
ATOM   1311 N  N     . ILE A 1 180 ? 7.663   -10.520 -5.464  1.00 71.48  ? 180 ILE A N     1 
ATOM   1312 C  CA    . ILE A 1 180 ? 6.662   -10.119 -4.495  1.00 70.72  ? 180 ILE A CA    1 
ATOM   1313 C  C     . ILE A 1 180 ? 5.619   -11.208 -4.341  1.00 70.49  ? 180 ILE A C     1 
ATOM   1314 O  O     . ILE A 1 180 ? 5.343   -11.645 -3.226  1.00 70.80  ? 180 ILE A O     1 
ATOM   1315 C  CB    . ILE A 1 180 ? 6.003   -8.795  -4.882  1.00 70.74  ? 180 ILE A CB    1 
ATOM   1316 C  CG1   . ILE A 1 180 ? 7.012   -7.645  -4.776  1.00 70.77  ? 180 ILE A CG1   1 
ATOM   1317 C  CG2   . ILE A 1 180 ? 4.808   -8.512  -3.989  1.00 70.62  ? 180 ILE A CG2   1 
ATOM   1318 C  CD1   . ILE A 1 180 ? 6.524   -6.326  -5.382  1.00 70.32  ? 180 ILE A CD1   1 
ATOM   1319 N  N     . GLU A 1 181 ? 5.077   -11.687 -5.449  1.00 69.91  ? 181 GLU A N     1 
ATOM   1320 C  CA    . GLU A 1 181 ? 4.070   -12.747 -5.380  1.00 70.05  ? 181 GLU A CA    1 
ATOM   1321 C  C     . GLU A 1 181 ? 4.593   -14.057 -4.756  1.00 69.82  ? 181 GLU A C     1 
ATOM   1322 O  O     . GLU A 1 181 ? 3.829   -14.838 -4.171  1.00 69.29  ? 181 GLU A O     1 
ATOM   1323 C  CB    . GLU A 1 181 ? 3.482   -12.990 -6.758  1.00 70.14  ? 181 GLU A CB    1 
ATOM   1324 C  CG    . GLU A 1 181 ? 2.922   -11.722 -7.377  1.00 71.61  ? 181 GLU A CG    1 
ATOM   1325 C  CD    . GLU A 1 181 ? 2.425   -11.916 -8.783  1.00 73.27  ? 181 GLU A CD    1 
ATOM   1326 O  OE1   . GLU A 1 181 ? 1.466   -11.216 -9.170  1.00 73.75  ? 181 GLU A OE1   1 
ATOM   1327 O  OE2   . GLU A 1 181 ? 2.983   -12.771 -9.503  1.00 75.57  ? 181 GLU A OE2   1 
ATOM   1328 N  N     . THR A 1 182 ? 5.900   -14.279 -4.877  1.00 69.65  ? 182 THR A N     1 
ATOM   1329 C  CA    . THR A 1 182 ? 6.525   -15.471 -4.327  1.00 68.97  ? 182 THR A CA    1 
ATOM   1330 C  C     . THR A 1 182 ? 6.558   -15.296 -2.830  1.00 68.50  ? 182 THR A C     1 
ATOM   1331 O  O     . THR A 1 182 ? 6.081   -16.174 -2.086  1.00 68.83  ? 182 THR A O     1 
ATOM   1332 C  CB    . THR A 1 182 ? 7.968   -15.689 -4.877  1.00 69.21  ? 182 THR A CB    1 
ATOM   1333 O  OG1   . THR A 1 182 ? 7.912   -15.958 -6.282  1.00 67.72  ? 182 THR A OG1   1 
ATOM   1334 C  CG2   . THR A 1 182 ? 8.656   -16.858 -4.162  1.00 69.02  ? 182 THR A CG2   1 
ATOM   1335 N  N     . GLU A 1 183 ? 7.100   -14.148 -2.419  1.00 67.36  ? 183 GLU A N     1 
ATOM   1336 C  CA    . GLU A 1 183 ? 7.318   -13.774 -1.024  1.00 67.07  ? 183 GLU A CA    1 
ATOM   1337 C  C     . GLU A 1 183 ? 6.046   -13.641 -0.223  1.00 66.38  ? 183 GLU A C     1 
ATOM   1338 O  O     . GLU A 1 183 ? 5.969   -14.038 0.950   1.00 66.49  ? 183 GLU A O     1 
ATOM   1339 C  CB    . GLU A 1 183 ? 7.948   -12.417 -1.008  1.00 67.45  ? 183 GLU A CB    1 
ATOM   1340 C  CG    . GLU A 1 183 ? 9.325   -12.417 -1.542  1.00 70.16  ? 183 GLU A CG    1 
ATOM   1341 C  CD    . GLU A 1 183 ? 10.302  -12.446 -0.429  1.00 73.22  ? 183 GLU A CD    1 
ATOM   1342 O  OE1   . GLU A 1 183 ? 9.903   -12.931 0.655   1.00 76.66  ? 183 GLU A OE1   1 
ATOM   1343 O  OE2   . GLU A 1 183 ? 11.439  -11.963 -0.619  1.00 73.77  ? 183 GLU A OE2   1 
ATOM   1344 N  N     . VAL A 1 184 ? 5.060   -13.031 -0.864  1.00 65.22  ? 184 VAL A N     1 
ATOM   1345 C  CA    . VAL A 1 184 ? 3.754   -12.883 -0.278  1.00 64.20  ? 184 VAL A CA    1 
ATOM   1346 C  C     . VAL A 1 184 ? 3.069   -14.249 -0.207  1.00 63.84  ? 184 VAL A C     1 
ATOM   1347 O  O     . VAL A 1 184 ? 2.414   -14.535 0.794   1.00 64.51  ? 184 VAL A O     1 
ATOM   1348 C  CB    . VAL A 1 184 ? 2.907   -11.804 -1.026  1.00 64.18  ? 184 VAL A CB    1 
ATOM   1349 C  CG1   . VAL A 1 184 ? 1.440   -11.778 -0.563  1.00 62.82  ? 184 VAL A CG1   1 
ATOM   1350 C  CG2   . VAL A 1 184 ? 3.528   -10.445 -0.819  1.00 63.98  ? 184 VAL A CG2   1 
ATOM   1351 N  N     . SER A 1 185 ? 3.222   -15.093 -1.235  1.00 62.73  ? 185 SER A N     1 
ATOM   1352 C  CA    . SER A 1 185 ? 2.690   -16.464 -1.161  1.00 61.67  ? 185 SER A CA    1 
ATOM   1353 C  C     . SER A 1 185 ? 3.326   -17.275 -0.033  1.00 60.89  ? 185 SER A C     1 
ATOM   1354 O  O     . SER A 1 185 ? 2.618   -17.955 0.730   1.00 60.35  ? 185 SER A O     1 
ATOM   1355 C  CB    . SER A 1 185 ? 2.819   -17.197 -2.488  1.00 61.71  ? 185 SER A CB    1 
ATOM   1356 O  OG    . SER A 1 185 ? 1.727   -16.868 -3.331  1.00 62.42  ? 185 SER A OG    1 
ATOM   1357 N  N     . ALA A 1 186 ? 4.650   -17.169 0.089   1.00 59.87  ? 186 ALA A N     1 
ATOM   1358 C  CA    . ALA A 1 186 ? 5.369   -17.816 1.165   1.00 59.11  ? 186 ALA A CA    1 
ATOM   1359 C  C     . ALA A 1 186 ? 4.808   -17.351 2.500   1.00 59.25  ? 186 ALA A C     1 
ATOM   1360 O  O     . ALA A 1 186 ? 4.375   -18.157 3.339   1.00 59.44  ? 186 ALA A O     1 
ATOM   1361 C  CB    . ALA A 1 186 ? 6.809   -17.495 1.066   1.00 58.58  ? 186 ALA A CB    1 
ATOM   1362 N  N     . PHE A 1 187 ? 4.792   -16.033 2.670   1.00 59.10  ? 187 PHE A N     1 
ATOM   1363 C  CA    . PHE A 1 187 ? 4.419   -15.409 3.928   1.00 58.55  ? 187 PHE A CA    1 
ATOM   1364 C  C     . PHE A 1 187 ? 2.990   -15.789 4.313   1.00 58.95  ? 187 PHE A C     1 
ATOM   1365 O  O     . PHE A 1 187 ? 2.704   -16.034 5.488   1.00 58.94  ? 187 PHE A O     1 
ATOM   1366 C  CB    . PHE A 1 187 ? 4.599   -13.907 3.783   1.00 57.94  ? 187 PHE A CB    1 
ATOM   1367 C  CG    . PHE A 1 187 ? 4.169   -13.099 4.969   1.00 56.05  ? 187 PHE A CG    1 
ATOM   1368 C  CD1   . PHE A 1 187 ? 5.112   -12.568 5.837   1.00 56.50  ? 187 PHE A CD1   1 
ATOM   1369 C  CD2   . PHE A 1 187 ? 2.829   -12.800 5.174   1.00 54.10  ? 187 PHE A CD2   1 
ATOM   1370 C  CE1   . PHE A 1 187 ? 4.722   -11.778 6.922   1.00 56.90  ? 187 PHE A CE1   1 
ATOM   1371 C  CE2   . PHE A 1 187 ? 2.428   -12.030 6.230   1.00 53.50  ? 187 PHE A CE2   1 
ATOM   1372 C  CZ    . PHE A 1 187 ? 3.375   -11.511 7.115   1.00 55.83  ? 187 PHE A CZ    1 
ATOM   1373 N  N     . LEU A 1 188 ? 2.115   -15.851 3.314   1.00 59.23  ? 188 LEU A N     1 
ATOM   1374 C  CA    . LEU A 1 188 ? 0.726   -16.254 3.513   1.00 60.13  ? 188 LEU A CA    1 
ATOM   1375 C  C     . LEU A 1 188 ? 0.617   -17.697 3.917   1.00 60.77  ? 188 LEU A C     1 
ATOM   1376 O  O     . LEU A 1 188 ? -0.234  -18.048 4.733   1.00 61.03  ? 188 LEU A O     1 
ATOM   1377 C  CB    . LEU A 1 188 ? -0.104  -16.044 2.250   1.00 59.69  ? 188 LEU A CB    1 
ATOM   1378 C  CG    . LEU A 1 188 ? -0.589  -14.610 2.039   1.00 60.16  ? 188 LEU A CG    1 
ATOM   1379 C  CD1   . LEU A 1 188 ? -1.156  -14.504 0.638   1.00 59.07  ? 188 LEU A CD1   1 
ATOM   1380 C  CD2   . LEU A 1 188 ? -1.603  -14.119 3.143   1.00 57.69  ? 188 LEU A CD2   1 
ATOM   1381 N  N     . ALA A 1 189 ? 1.478   -18.536 3.340   1.00 61.54  ? 189 ALA A N     1 
ATOM   1382 C  CA    . ALA A 1 189 ? 1.477   -19.950 3.668   1.00 61.84  ? 189 ALA A CA    1 
ATOM   1383 C  C     . ALA A 1 189 ? 1.764   -20.137 5.161   1.00 62.32  ? 189 ALA A C     1 
ATOM   1384 O  O     . ALA A 1 189 ? 1.001   -20.832 5.853   1.00 62.72  ? 189 ALA A O     1 
ATOM   1385 C  CB    . ALA A 1 189 ? 2.466   -20.692 2.816   1.00 61.83  ? 189 ALA A CB    1 
ATOM   1386 N  N     . GLU A 1 190 ? 2.826   -19.484 5.654   1.00 62.41  ? 190 GLU A N     1 
ATOM   1387 C  CA    . GLU A 1 190 ? 3.203   -19.525 7.074   1.00 62.52  ? 190 GLU A CA    1 
ATOM   1388 C  C     . GLU A 1 190 ? 2.103   -19.029 7.951   1.00 62.73  ? 190 GLU A C     1 
ATOM   1389 O  O     . GLU A 1 190 ? 1.911   -19.514 9.049   1.00 62.80  ? 190 GLU A O     1 
ATOM   1390 C  CB    . GLU A 1 190 ? 4.372   -18.613 7.336   1.00 62.35  ? 190 GLU A CB    1 
ATOM   1391 C  CG    . GLU A 1 190 ? 5.624   -19.075 6.700   1.00 64.69  ? 190 GLU A CG    1 
ATOM   1392 C  CD    . GLU A 1 190 ? 6.759   -18.103 6.893   1.00 66.25  ? 190 GLU A CD    1 
ATOM   1393 O  OE1   . GLU A 1 190 ? 7.384   -17.760 5.855   1.00 66.45  ? 190 GLU A OE1   1 
ATOM   1394 O  OE2   . GLU A 1 190 ? 6.999   -17.698 8.068   1.00 64.93  ? 190 GLU A OE2   1 
ATOM   1395 N  N     . LEU A 1 191 ? 1.403   -18.015 7.471   1.00 63.18  ? 191 LEU A N     1 
ATOM   1396 C  CA    . LEU A 1 191 ? 0.414   -17.356 8.274   1.00 63.37  ? 191 LEU A CA    1 
ATOM   1397 C  C     . LEU A 1 191 ? -0.765  -18.277 8.442   1.00 63.77  ? 191 LEU A C     1 
ATOM   1398 O  O     . LEU A 1 191 ? -1.248  -18.442 9.558   1.00 64.19  ? 191 LEU A O     1 
ATOM   1399 C  CB    . LEU A 1 191 ? 0.031   -16.007 7.654   1.00 63.46  ? 191 LEU A CB    1 
ATOM   1400 C  CG    . LEU A 1 191 ? -1.314  -15.280 7.804   1.00 63.15  ? 191 LEU A CG    1 
ATOM   1401 C  CD1   . LEU A 1 191 ? -1.956  -15.415 9.151   1.00 63.34  ? 191 LEU A CD1   1 
ATOM   1402 C  CD2   . LEU A 1 191 ? -1.086  -13.830 7.515   1.00 62.88  ? 191 LEU A CD2   1 
ATOM   1403 N  N     . GLU A 1 192 ? -1.221  -18.890 7.353   1.00 63.88  ? 192 GLU A N     1 
ATOM   1404 C  CA    . GLU A 1 192 ? -2.352  -19.809 7.434   1.00 64.27  ? 192 GLU A CA    1 
ATOM   1405 C  C     . GLU A 1 192 ? -2.042  -20.995 8.317   1.00 64.11  ? 192 GLU A C     1 
ATOM   1406 O  O     . GLU A 1 192 ? -2.860  -21.384 9.161   1.00 63.70  ? 192 GLU A O     1 
ATOM   1407 C  CB    . GLU A 1 192 ? -2.716  -20.308 6.061   1.00 64.45  ? 192 GLU A CB    1 
ATOM   1408 C  CG    . GLU A 1 192 ? -3.995  -19.753 5.594   1.00 67.28  ? 192 GLU A CG    1 
ATOM   1409 C  CD    . GLU A 1 192 ? -3.870  -19.205 4.211   1.00 71.09  ? 192 GLU A CD    1 
ATOM   1410 O  OE1   . GLU A 1 192 ? -4.296  -18.040 4.019   1.00 72.86  ? 192 GLU A OE1   1 
ATOM   1411 O  OE2   . GLU A 1 192 ? -3.315  -19.916 3.332   1.00 72.13  ? 192 GLU A OE2   1 
ATOM   1412 N  N     . ALA A 1 193 ? -0.847  -21.545 8.093   1.00 64.07  ? 193 ALA A N     1 
ATOM   1413 C  CA    . ALA A 1 193 ? -0.317  -22.684 8.804   1.00 64.14  ? 193 ALA A CA    1 
ATOM   1414 C  C     . ALA A 1 193 ? -0.284  -22.401 10.289  1.00 64.18  ? 193 ALA A C     1 
ATOM   1415 O  O     . ALA A 1 193 ? -0.822  -23.150 11.088  1.00 64.67  ? 193 ALA A O     1 
ATOM   1416 C  CB    . ALA A 1 193 ? 1.078   -22.981 8.309   1.00 63.94  ? 193 ALA A CB    1 
ATOM   1417 N  N     . GLU A 1 194 ? 0.349   -21.304 10.647  1.00 64.18  ? 194 GLU A N     1 
ATOM   1418 C  CA    . GLU A 1 194 ? 0.444   -20.878 12.030  1.00 64.65  ? 194 GLU A CA    1 
ATOM   1419 C  C     . GLU A 1 194 ? -0.925  -20.815 12.742  1.00 64.75  ? 194 GLU A C     1 
ATOM   1420 O  O     . GLU A 1 194 ? -1.046  -21.221 13.894  1.00 65.41  ? 194 GLU A O     1 
ATOM   1421 C  CB    . GLU A 1 194 ? 1.172   -19.536 12.086  1.00 64.65  ? 194 GLU A CB    1 
ATOM   1422 C  CG    . GLU A 1 194 ? 1.380   -19.013 13.458  1.00 65.77  ? 194 GLU A CG    1 
ATOM   1423 C  CD    . GLU A 1 194 ? 2.770   -19.237 13.983  1.00 67.83  ? 194 GLU A CD    1 
ATOM   1424 O  OE1   . GLU A 1 194 ? 3.728   -19.222 13.167  1.00 67.29  ? 194 GLU A OE1   1 
ATOM   1425 O  OE2   . GLU A 1 194 ? 2.894   -19.394 15.231  1.00 69.90  ? 194 GLU A OE2   1 
ATOM   1426 N  N     . ILE A 1 195 ? -1.947  -20.321 12.051  1.00 64.70  ? 195 ILE A N     1 
ATOM   1427 C  CA    . ILE A 1 195 ? -3.301  -20.244 12.584  1.00 64.47  ? 195 ILE A CA    1 
ATOM   1428 C  C     . ILE A 1 195 ? -3.874  -21.651 12.798  1.00 64.58  ? 195 ILE A C     1 
ATOM   1429 O  O     . ILE A 1 195 ? -4.398  -21.988 13.849  1.00 63.85  ? 195 ILE A O     1 
ATOM   1430 C  CB    . ILE A 1 195 ? -4.170  -19.419 11.616  1.00 64.46  ? 195 ILE A CB    1 
ATOM   1431 C  CG1   . ILE A 1 195 ? -3.828  -17.938 11.796  1.00 64.28  ? 195 ILE A CG1   1 
ATOM   1432 C  CG2   . ILE A 1 195 ? -5.687  -19.724 11.791  1.00 64.93  ? 195 ILE A CG2   1 
ATOM   1433 C  CD1   . ILE A 1 195 ? -4.637  -17.003 10.974  1.00 64.01  ? 195 ILE A CD1   1 
ATOM   1434 N  N     . GLU A 1 196 ? -3.757  -22.443 11.748  1.00 65.38  ? 196 GLU A N     1 
ATOM   1435 C  CA    . GLU A 1 196 ? -4.037  -23.855 11.714  1.00 66.16  ? 196 GLU A CA    1 
ATOM   1436 C  C     . GLU A 1 196 ? -3.375  -24.570 12.905  1.00 65.77  ? 196 GLU A C     1 
ATOM   1437 O  O     . GLU A 1 196 ? -4.054  -25.163 13.755  1.00 65.54  ? 196 GLU A O     1 
ATOM   1438 C  CB    . GLU A 1 196 ? -3.469  -24.335 10.372  1.00 66.93  ? 196 GLU A CB    1 
ATOM   1439 C  CG    . GLU A 1 196 ? -3.743  -25.744 9.945   1.00 70.35  ? 196 GLU A CG    1 
ATOM   1440 C  CD    . GLU A 1 196 ? -5.204  -26.108 9.956   1.00 74.30  ? 196 GLU A CD    1 
ATOM   1441 O  OE1   . GLU A 1 196 ? -6.073  -25.235 10.260  1.00 74.50  ? 196 GLU A OE1   1 
ATOM   1442 O  OE2   . GLU A 1 196 ? -5.460  -27.303 9.673   1.00 76.56  ? 196 GLU A OE2   1 
ATOM   1443 N  N     . TYR A 1 197 ? -2.055  -24.469 12.973  1.00 65.21  ? 197 TYR A N     1 
ATOM   1444 C  CA    . TYR A 1 197 ? -1.278  -25.022 14.049  1.00 65.34  ? 197 TYR A CA    1 
ATOM   1445 C  C     . TYR A 1 197 ? -1.865  -24.695 15.415  1.00 66.23  ? 197 TYR A C     1 
ATOM   1446 O  O     . TYR A 1 197 ? -2.100  -25.593 16.245  1.00 66.53  ? 197 TYR A O     1 
ATOM   1447 C  CB    . TYR A 1 197 ? 0.140   -24.484 13.959  1.00 64.80  ? 197 TYR A CB    1 
ATOM   1448 C  CG    . TYR A 1 197 ? 1.187   -25.322 14.666  1.00 64.55  ? 197 TYR A CG    1 
ATOM   1449 C  CD1   . TYR A 1 197 ? 1.208   -26.729 14.546  1.00 63.49  ? 197 TYR A CD1   1 
ATOM   1450 C  CD2   . TYR A 1 197 ? 2.187   -24.716 15.426  1.00 63.64  ? 197 TYR A CD2   1 
ATOM   1451 C  CE1   . TYR A 1 197 ? 2.188   -27.496 15.193  1.00 62.64  ? 197 TYR A CE1   1 
ATOM   1452 C  CE2   . TYR A 1 197 ? 3.167   -25.476 16.065  1.00 62.90  ? 197 TYR A CE2   1 
ATOM   1453 C  CZ    . TYR A 1 197 ? 3.158   -26.853 15.950  1.00 62.51  ? 197 TYR A CZ    1 
ATOM   1454 O  OH    . TYR A 1 197 ? 4.128   -27.571 16.589  1.00 63.37  ? 197 TYR A OH    1 
ATOM   1455 N  N     . LEU A 1 198 ? -2.111  -23.408 15.644  1.00 66.84  ? 198 LEU A N     1 
ATOM   1456 C  CA    . LEU A 1 198 ? -2.699  -22.946 16.893  1.00 67.51  ? 198 LEU A CA    1 
ATOM   1457 C  C     . LEU A 1 198 ? -4.102  -23.509 17.155  1.00 68.29  ? 198 LEU A C     1 
ATOM   1458 O  O     . LEU A 1 198 ? -4.416  -23.937 18.270  1.00 68.06  ? 198 LEU A O     1 
ATOM   1459 C  CB    . LEU A 1 198 ? -2.721  -21.430 16.904  1.00 67.21  ? 198 LEU A CB    1 
ATOM   1460 C  CG    . LEU A 1 198 ? -1.497  -20.739 17.487  1.00 67.63  ? 198 LEU A CG    1 
ATOM   1461 C  CD1   . LEU A 1 198 ? -0.358  -21.699 17.864  1.00 68.43  ? 198 LEU A CD1   1 
ATOM   1462 C  CD2   . LEU A 1 198 ? -1.017  -19.645 16.527  1.00 68.68  ? 198 LEU A CD2   1 
ATOM   1463 N  N     . LYS A 1 199 ? -4.937  -23.517 16.119  1.00 69.34  ? 199 LYS A N     1 
ATOM   1464 C  CA    . LYS A 1 199 ? -6.296  -24.022 16.242  1.00 70.34  ? 199 LYS A CA    1 
ATOM   1465 C  C     . LYS A 1 199 ? -6.278  -25.477 16.658  1.00 71.29  ? 199 LYS A C     1 
ATOM   1466 O  O     . LYS A 1 199 ? -7.116  -25.916 17.461  1.00 72.05  ? 199 LYS A O     1 
ATOM   1467 C  CB    . LYS A 1 199 ? -7.079  -23.844 14.942  1.00 70.28  ? 199 LYS A CB    1 
ATOM   1468 C  CG    . LYS A 1 199 ? -7.633  -22.443 14.755  1.00 69.80  ? 199 LYS A CG    1 
ATOM   1469 C  CD    . LYS A 1 199 ? -8.643  -22.416 13.630  1.00 71.66  ? 199 LYS A CD    1 
ATOM   1470 C  CE    . LYS A 1 199 ? -8.984  -20.988 13.206  1.00 72.66  ? 199 LYS A CE    1 
ATOM   1471 N  NZ    . LYS A 1 199 ? -9.913  -20.961 12.040  1.00 72.37  ? 199 LYS A NZ    1 
ATOM   1472 N  N     . ARG A 1 200 ? -5.308  -26.219 16.134  1.00 71.96  ? 200 ARG A N     1 
ATOM   1473 C  CA    . ARG A 1 200 ? -5.206  -27.637 16.443  1.00 72.22  ? 200 ARG A CA    1 
ATOM   1474 C  C     . ARG A 1 200 ? -4.623  -27.952 17.803  1.00 72.51  ? 200 ARG A C     1 
ATOM   1475 O  O     . ARG A 1 200 ? -5.070  -28.903 18.434  1.00 72.89  ? 200 ARG A O     1 
ATOM   1476 C  CB    . ARG A 1 200 ? -4.467  -28.381 15.348  1.00 72.16  ? 200 ARG A CB    1 
ATOM   1477 C  CG    . ARG A 1 200 ? -5.356  -28.662 14.170  1.00 71.72  ? 200 ARG A CG    1 
ATOM   1478 C  CD    . ARG A 1 200 ? -4.538  -29.252 13.072  1.00 71.91  ? 200 ARG A CD    1 
ATOM   1479 N  NE    . ARG A 1 200 ? -5.334  -29.569 11.893  1.00 72.92  ? 200 ARG A NE    1 
ATOM   1480 C  CZ    . ARG A 1 200 ? -6.092  -30.657 11.763  1.00 72.35  ? 200 ARG A CZ    1 
ATOM   1481 N  NH1   . ARG A 1 200 ? -6.188  -31.549 12.755  1.00 70.63  ? 200 ARG A NH1   1 
ATOM   1482 N  NH2   . ARG A 1 200 ? -6.752  -30.853 10.630  1.00 71.10  ? 200 ARG A NH2   1 
ATOM   1483 N  N     . LYS A 1 201 ? -3.634  -27.187 18.261  1.00 72.79  ? 201 LYS A N     1 
ATOM   1484 C  CA    . LYS A 1 201 ? -3.187  -27.367 19.643  1.00 73.42  ? 201 LYS A CA    1 
ATOM   1485 C  C     . LYS A 1 201 ? -4.364  -27.060 20.596  1.00 73.80  ? 201 LYS A C     1 
ATOM   1486 O  O     . LYS A 1 201 ? -4.680  -27.885 21.469  1.00 74.16  ? 201 LYS A O     1 
ATOM   1487 C  CB    . LYS A 1 201 ? -1.942  -26.527 20.018  1.00 73.37  ? 201 LYS A CB    1 
ATOM   1488 C  CG    . LYS A 1 201 ? -0.741  -26.514 19.034  1.00 73.91  ? 201 LYS A CG    1 
ATOM   1489 C  CD    . LYS A 1 201 ? 0.343   -27.560 19.330  1.00 74.22  ? 201 LYS A CD    1 
ATOM   1490 C  CE    . LYS A 1 201 ? 0.120   -28.830 18.462  1.00 75.72  ? 201 LYS A CE    1 
ATOM   1491 N  NZ    . LYS A 1 201 ? 1.219   -29.874 18.396  1.00 73.89  ? 201 LYS A NZ    1 
ATOM   1492 N  N     . ALA A 1 202 ? -5.025  -25.909 20.401  1.00 73.84  ? 202 ALA A N     1 
ATOM   1493 C  CA    . ALA A 1 202 ? -6.045  -25.414 21.340  1.00 74.16  ? 202 ALA A CA    1 
ATOM   1494 C  C     . ALA A 1 202 ? -7.229  -26.364 21.443  1.00 74.88  ? 202 ALA A C     1 
ATOM   1495 O  O     . ALA A 1 202 ? -7.780  -26.573 22.532  1.00 74.45  ? 202 ALA A O     1 
ATOM   1496 C  CB    . ALA A 1 202 ? -6.516  -24.036 20.948  1.00 73.41  ? 202 ALA A CB    1 
ATOM   1497 N  N     . ALA A 1 203 ? -7.594  -26.940 20.294  1.00 76.01  ? 203 ALA A N     1 
ATOM   1498 C  CA    . ALA A 1 203 ? -8.761  -27.817 20.152  1.00 77.04  ? 203 ALA A CA    1 
ATOM   1499 C  C     . ALA A 1 203 ? -8.553  -29.235 20.712  1.00 77.74  ? 203 ALA A C     1 
ATOM   1500 O  O     . ALA A 1 203 ? -9.429  -29.758 21.415  1.00 77.55  ? 203 ALA A O     1 
ATOM   1501 C  CB    . ALA A 1 203 ? -9.228  -27.862 18.686  1.00 76.59  ? 203 ALA A CB    1 
ATOM   1502 N  N     . LYS A 1 204 ? -7.413  -29.854 20.399  1.00 78.93  ? 204 LYS A N     1 
ATOM   1503 C  CA    . LYS A 1 204 ? -7.040  -31.140 21.008  1.00 80.44  ? 204 LYS A CA    1 
ATOM   1504 C  C     . LYS A 1 204 ? -7.085  -30.986 22.536  1.00 80.86  ? 204 LYS A C     1 
ATOM   1505 O  O     . LYS A 1 204 ? -7.641  -31.840 23.252  1.00 81.06  ? 204 LYS A O     1 
ATOM   1506 C  CB    . LYS A 1 204 ? -5.651  -31.624 20.526  1.00 80.64  ? 204 LYS A CB    1 
ATOM   1507 C  CG    . LYS A 1 204 ? -5.279  -33.051 20.984  1.00 81.94  ? 204 LYS A CG    1 
ATOM   1508 C  CD    . LYS A 1 204 ? -4.790  -33.914 19.815  1.00 84.80  ? 204 LYS A CD    1 
ATOM   1509 C  CE    . LYS A 1 204 ? -5.397  -35.342 19.899  1.00 86.75  ? 204 LYS A CE    1 
ATOM   1510 N  NZ    . LYS A 1 204 ? -5.298  -36.159 18.641  1.00 85.20  ? 204 LYS A NZ    1 
ATOM   1511 N  N     . LEU A 1 205 ? -6.540  -29.859 22.995  1.00 81.09  ? 205 LEU A N     1 
ATOM   1512 C  CA    . LEU A 1 205 ? -6.508  -29.456 24.395  1.00 81.47  ? 205 LEU A CA    1 
ATOM   1513 C  C     . LEU A 1 205 ? -7.862  -29.512 25.165  1.00 82.06  ? 205 LEU A C     1 
ATOM   1514 O  O     . LEU A 1 205 ? -7.870  -29.576 26.391  1.00 82.26  ? 205 LEU A O     1 
ATOM   1515 C  CB    . LEU A 1 205 ? -5.872  -28.066 24.466  1.00 81.44  ? 205 LEU A CB    1 
ATOM   1516 C  CG    . LEU A 1 205 ? -4.832  -27.715 25.527  1.00 80.54  ? 205 LEU A CG    1 
ATOM   1517 C  CD1   . LEU A 1 205 ? -5.534  -27.237 26.819  1.00 80.29  ? 205 LEU A CD1   1 
ATOM   1518 C  CD2   . LEU A 1 205 ? -3.855  -28.871 25.763  1.00 77.85  ? 205 LEU A CD2   1 
ATOM   1519 N  N     . ALA A 1 206 ? -8.993  -29.498 24.459  1.00 82.81  ? 206 ALA A N     1 
ATOM   1520 C  CA    . ALA A 1 206 ? -10.296 -29.896 25.053  1.00 83.45  ? 206 ALA A CA    1 
ATOM   1521 C  C     . ALA A 1 206 ? -10.340 -31.364 25.599  1.00 83.90  ? 206 ALA A C     1 
ATOM   1522 O  O     . ALA A 1 206 ? -10.316 -32.370 24.854  1.00 83.74  ? 206 ALA A O     1 
ATOM   1523 C  CB    . ALA A 1 206 ? -11.447 -29.648 24.063  1.00 83.16  ? 206 ALA A CB    1 
ATOM   1524 O  OP3   . DT  B 2 1   ? -2.720  -1.068  -0.147  1.00 83.78  ? 210 DT  B OP3   1 
ATOM   1525 P  P     . DT  B 2 1   ? -3.360  -1.049  1.319   1.00 85.06  ? 210 DT  B P     1 
ATOM   1526 O  OP1   . DT  B 2 1   ? -2.336  -1.497  2.283   1.00 84.29  ? 210 DT  B OP1   1 
ATOM   1527 O  OP2   . DT  B 2 1   ? -4.714  -1.629  1.279   1.00 84.96  ? 210 DT  B OP2   1 
ATOM   1528 O  "O5'" . DT  B 2 1   ? -3.608  0.502   1.523   1.00 89.93  ? 210 DT  B "O5'" 1 
ATOM   1529 C  "C5'" . DT  B 2 1   ? -4.394  0.991   2.583   1.00 94.21  ? 210 DT  B "C5'" 1 
ATOM   1530 C  "C4'" . DT  B 2 1   ? -4.318  2.504   2.572   1.00 97.80  ? 210 DT  B "C4'" 1 
ATOM   1531 O  "O4'" . DT  B 2 1   ? -5.103  3.028   3.666   1.00 98.65  ? 210 DT  B "O4'" 1 
ATOM   1532 C  "C3'" . DT  B 2 1   ? -2.925  3.104   2.741   1.00 99.70  ? 210 DT  B "C3'" 1 
ATOM   1533 O  "O3'" . DT  B 2 1   ? -2.963  4.370   2.107   1.00 103.09 ? 210 DT  B "O3'" 1 
ATOM   1534 C  "C2'" . DT  B 2 1   ? -2.800  3.195   4.257   1.00 99.83  ? 210 DT  B "C2'" 1 
ATOM   1535 C  "C1'" . DT  B 2 1   ? -4.226  3.624   4.607   1.00 100.03 ? 210 DT  B "C1'" 1 
ATOM   1536 N  N1    . DT  B 2 1   ? -4.721  3.229   5.949   1.00 101.00 ? 210 DT  B N1    1 
ATOM   1537 C  C2    . DT  B 2 1   ? -5.490  4.143   6.664   1.00 101.71 ? 210 DT  B C2    1 
ATOM   1538 O  O2    . DT  B 2 1   ? -5.779  5.266   6.258   1.00 101.19 ? 210 DT  B O2    1 
ATOM   1539 N  N3    . DT  B 2 1   ? -5.907  3.672   7.894   1.00 102.08 ? 210 DT  B N3    1 
ATOM   1540 C  C4    . DT  B 2 1   ? -5.642  2.416   8.445   1.00 102.26 ? 210 DT  B C4    1 
ATOM   1541 O  O4    . DT  B 2 1   ? -6.054  2.080   9.549   1.00 103.22 ? 210 DT  B O4    1 
ATOM   1542 C  C5    . DT  B 2 1   ? -4.843  1.515   7.645   1.00 101.44 ? 210 DT  B C5    1 
ATOM   1543 C  C7    . DT  B 2 1   ? -4.509  0.146   8.169   1.00 100.41 ? 210 DT  B C7    1 
ATOM   1544 C  C6    . DT  B 2 1   ? -4.427  1.960   6.445   1.00 101.32 ? 210 DT  B C6    1 
ATOM   1545 P  P     . DT  B 2 2   ? -1.758  5.416   2.124   1.00 107.10 ? 211 DT  B P     1 
ATOM   1546 O  OP1   . DT  B 2 2   ? -2.053  6.347   0.997   1.00 107.52 ? 211 DT  B OP1   1 
ATOM   1547 O  OP2   . DT  B 2 2   ? -0.461  4.677   2.187   1.00 105.63 ? 211 DT  B OP2   1 
ATOM   1548 O  "O5'" . DT  B 2 2   ? -1.995  6.206   3.509   1.00 108.18 ? 211 DT  B "O5'" 1 
ATOM   1549 C  "C5'" . DT  B 2 2   ? -2.812  7.391   3.586   1.00 110.15 ? 211 DT  B "C5'" 1 
ATOM   1550 C  "C4'" . DT  B 2 2   ? -2.597  8.170   4.882   1.00 112.61 ? 211 DT  B "C4'" 1 
ATOM   1551 O  "O4'" . DT  B 2 2   ? -3.272  7.511   5.990   1.00 113.82 ? 211 DT  B "O4'" 1 
ATOM   1552 C  "C3'" . DT  B 2 2   ? -1.146  8.372   5.332   1.00 113.59 ? 211 DT  B "C3'" 1 
ATOM   1553 O  "O3'" . DT  B 2 2   ? -0.620  9.607   4.819   1.00 114.24 ? 211 DT  B "O3'" 1 
ATOM   1554 C  "C2'" . DT  B 2 2   ? -1.252  8.434   6.857   1.00 114.20 ? 211 DT  B "C2'" 1 
ATOM   1555 C  "C1'" . DT  B 2 2   ? -2.489  7.593   7.172   1.00 114.52 ? 211 DT  B "C1'" 1 
ATOM   1556 N  N1    . DT  B 2 2   ? -2.160  6.209   7.702   1.00 115.50 ? 211 DT  B N1    1 
ATOM   1557 C  C2    . DT  B 2 2   ? -2.756  5.783   8.880   1.00 115.45 ? 211 DT  B C2    1 
ATOM   1558 O  O2    . DT  B 2 2   ? -3.542  6.450   9.529   1.00 114.97 ? 211 DT  B O2    1 
ATOM   1559 N  N3    . DT  B 2 2   ? -2.395  4.519   9.285   1.00 115.71 ? 211 DT  B N3    1 
ATOM   1560 C  C4    . DT  B 2 2   ? -1.515  3.649   8.654   1.00 116.39 ? 211 DT  B C4    1 
ATOM   1561 O  O4    . DT  B 2 2   ? -1.291  2.541   9.138   1.00 115.81 ? 211 DT  B O4    1 
ATOM   1562 C  C5    . DT  B 2 2   ? -0.909  4.140   7.414   1.00 117.40 ? 211 DT  B C5    1 
ATOM   1563 C  C7    . DT  B 2 2   ? 0.066   3.306   6.600   1.00 117.53 ? 211 DT  B C7    1 
ATOM   1564 C  C6    . DT  B 2 2   ? -1.263  5.384   7.018   1.00 116.60 ? 211 DT  B C6    1 
ATOM   1565 P  P     . DT  B 2 3   ? 0.757   9.710   3.999   1.00 113.81 ? 212 DT  B P     1 
ATOM   1566 O  OP1   . DT  B 2 3   ? 0.621   10.857  3.063   1.00 112.57 ? 212 DT  B OP1   1 
ATOM   1567 O  OP2   . DT  B 2 3   ? 1.065   8.355   3.484   1.00 114.30 ? 212 DT  B OP2   1 
ATOM   1568 O  "O5'" . DT  B 2 3   ? 1.868   10.023  5.117   1.00 115.19 ? 212 DT  B "O5'" 1 
ATOM   1569 C  "C5'" . DT  B 2 3   ? 1.842   11.201  5.946   1.00 117.04 ? 212 DT  B "C5'" 1 
ATOM   1570 C  "C4'" . DT  B 2 3   ? 2.966   11.147  6.965   1.00 118.25 ? 212 DT  B "C4'" 1 
ATOM   1571 O  "O4'" . DT  B 2 3   ? 2.603   10.211  8.021   1.00 119.59 ? 212 DT  B "O4'" 1 
ATOM   1572 C  "C3'" . DT  B 2 3   ? 4.321   10.670  6.415   1.00 119.00 ? 212 DT  B "C3'" 1 
ATOM   1573 O  "O3'" . DT  B 2 3   ? 5.408   11.517  6.868   1.00 118.84 ? 212 DT  B "O3'" 1 
ATOM   1574 C  "C2'" . DT  B 2 3   ? 4.410   9.246   6.962   1.00 119.64 ? 212 DT  B "C2'" 1 
ATOM   1575 C  "C1'" . DT  B 2 3   ? 3.797   9.519   8.329   1.00 120.71 ? 212 DT  B "C1'" 1 
ATOM   1576 N  N1    . DT  B 2 3   ? 3.653   8.304   9.205   1.00 122.02 ? 212 DT  B N1    1 
ATOM   1577 C  C2    . DT  B 2 3   ? 4.189   8.359   10.490  1.00 122.71 ? 212 DT  B C2    1 
ATOM   1578 O  O2    . DT  B 2 3   ? 4.742   9.347   10.956  1.00 122.63 ? 212 DT  B O2    1 
ATOM   1579 N  N3    . DT  B 2 3   ? 4.046   7.200   11.225  1.00 123.08 ? 212 DT  B N3    1 
ATOM   1580 C  C4    . DT  B 2 3   ? 3.441   6.017   10.816  1.00 122.93 ? 212 DT  B C4    1 
ATOM   1581 O  O4    . DT  B 2 3   ? 3.382   5.054   11.581  1.00 122.56 ? 212 DT  B O4    1 
ATOM   1582 C  C5    . DT  B 2 3   ? 2.908   6.028   9.451   1.00 122.80 ? 212 DT  B C5    1 
ATOM   1583 C  C7    . DT  B 2 3   ? 2.224   4.835   8.851   1.00 121.45 ? 212 DT  B C7    1 
ATOM   1584 C  C6    . DT  B 2 3   ? 3.045   7.151   8.721   1.00 122.44 ? 212 DT  B C6    1 
ATOM   1585 P  P     . DT  B 2 4   ? 6.966   11.177  6.656   1.00 118.59 ? 213 DT  B P     1 
ATOM   1586 O  OP1   . DT  B 2 4   ? 7.619   12.493  6.565   1.00 118.42 ? 213 DT  B OP1   1 
ATOM   1587 O  OP2   . DT  B 2 4   ? 7.092   10.227  5.525   1.00 117.98 ? 213 DT  B OP2   1 
ATOM   1588 O  "O5'" . DT  B 2 4   ? 7.453   10.440  8.016   1.00 120.95 ? 213 DT  B "O5'" 1 
ATOM   1589 C  "C5'" . DT  B 2 4   ? 8.500   10.994  8.866   1.00 123.74 ? 213 DT  B "C5'" 1 
ATOM   1590 C  "C4'" . DT  B 2 4   ? 9.334   9.998   9.678   1.00 125.58 ? 213 DT  B "C4'" 1 
ATOM   1591 O  "O4'" . DT  B 2 4   ? 8.502   8.872   10.059  1.00 126.66 ? 213 DT  B "O4'" 1 
ATOM   1592 C  "C3'" . DT  B 2 4   ? 10.598  9.428   9.005   1.00 126.04 ? 213 DT  B "C3'" 1 
ATOM   1593 O  "O3'" . DT  B 2 4   ? 11.760  9.671   9.807   1.00 125.10 ? 213 DT  B "O3'" 1 
ATOM   1594 C  "C2'" . DT  B 2 4   ? 10.334  7.926   8.834   1.00 126.66 ? 213 DT  B "C2'" 1 
ATOM   1595 C  "C1'" . DT  B 2 4   ? 9.176   7.647   9.803   1.00 127.52 ? 213 DT  B "C1'" 1 
ATOM   1596 N  N1    . DT  B 2 4   ? 8.122   6.664   9.341   1.00 128.27 ? 213 DT  B N1    1 
ATOM   1597 C  C2    . DT  B 2 4   ? 7.586   5.767   10.258  1.00 128.42 ? 213 DT  B C2    1 
ATOM   1598 O  O2    . DT  B 2 4   ? 7.929   5.711   11.424  1.00 128.43 ? 213 DT  B O2    1 
ATOM   1599 N  N3    . DT  B 2 4   ? 6.623   4.921   9.753   1.00 128.35 ? 213 DT  B N3    1 
ATOM   1600 C  C4    . DT  B 2 4   ? 6.150   4.882   8.445   1.00 128.38 ? 213 DT  B C4    1 
ATOM   1601 O  O4    . DT  B 2 4   ? 5.292   4.092   8.076   1.00 127.94 ? 213 DT  B O4    1 
ATOM   1602 C  C5    . DT  B 2 4   ? 6.734   5.839   7.534   1.00 128.68 ? 213 DT  B C5    1 
ATOM   1603 C  C7    . DT  B 2 4   ? 6.280   5.868   6.100   1.00 128.19 ? 213 DT  B C7    1 
ATOM   1604 C  C6    . DT  B 2 4   ? 7.676   6.677   8.020   1.00 128.66 ? 213 DT  B C6    1 
HETATM 1605 MG MG    . MG  C 3 .   ? -1.087  7.452   -0.186  1.00 51.38  ? 220 MG  A MG    1 
HETATM 1606 MG MG    . MG  D 3 .   ? -3.321  4.254   -0.921  1.00 69.98  ? 221 MG  A MG    1 
# 
loop_
_pdbx_poly_seq_scheme.asym_id 
_pdbx_poly_seq_scheme.entity_id 
_pdbx_poly_seq_scheme.seq_id 
_pdbx_poly_seq_scheme.mon_id 
_pdbx_poly_seq_scheme.ndb_seq_num 
_pdbx_poly_seq_scheme.pdb_seq_num 
_pdbx_poly_seq_scheme.auth_seq_num 
_pdbx_poly_seq_scheme.pdb_mon_id 
_pdbx_poly_seq_scheme.auth_mon_id 
_pdbx_poly_seq_scheme.pdb_strand_id 
_pdbx_poly_seq_scheme.pdb_ins_code 
_pdbx_poly_seq_scheme.hetero 
A 1 1   MET 1   1   ?   ?   ?   A . n 
A 1 2   GLU 2   2   ?   ?   ?   A . n 
A 1 3   GLN 3   3   ?   ?   ?   A . n 
A 1 4   ARG 4   4   ?   ?   ?   A . n 
A 1 5   THR 5   5   5   THR THR A . n 
A 1 6   GLU 6   6   6   GLU GLU A . n 
A 1 7   GLU 7   7   7   GLU GLU A . n 
A 1 8   TRP 8   8   8   TRP TRP A . n 
A 1 9   PHE 9   9   9   PHE PHE A . n 
A 1 10  ALA 10  10  10  ALA ALA A . n 
A 1 11  ALA 11  11  11  ALA ALA A . n 
A 1 12  ARG 12  12  12  ARG ARG A . n 
A 1 13  LEU 13  13  13  LEU LEU A . n 
A 1 14  GLY 14  14  14  GLY GLY A . n 
A 1 15  LYS 15  15  15  LYS LYS A . n 
A 1 16  VAL 16  16  16  VAL VAL A . n 
A 1 17  THR 17  17  17  THR THR A . n 
A 1 18  ALA 18  18  18  ALA ALA A . n 
A 1 19  SER 19  19  19  SER SER A . n 
A 1 20  ARG 20  20  20  ARG ARG A . n 
A 1 21  VAL 21  21  21  VAL VAL A . n 
A 1 22  ALA 22  22  22  ALA ALA A . n 
A 1 23  ASP 23  23  23  ASP ASP A . n 
A 1 24  VAL 24  24  24  VAL VAL A . n 
A 1 25  MET 25  25  25  MET MET A . n 
A 1 26  THR 26  26  26  THR THR A . n 
A 1 27  LYS 27  27  27  LYS LYS A . n 
A 1 28  THR 28  28  ?   ?   ?   A . n 
A 1 29  LYS 29  29  ?   ?   ?   A . n 
A 1 30  SER 30  30  ?   ?   ?   A . n 
A 1 31  GLY 31  31  ?   ?   ?   A . n 
A 1 32  TYR 32  32  ?   ?   ?   A . n 
A 1 33  ALA 33  33  33  ALA ALA A . n 
A 1 34  ALA 34  34  34  ALA ALA A . n 
A 1 35  SER 35  35  35  SER SER A . n 
A 1 36  ARG 36  36  36  ARG ARG A . n 
A 1 37  GLN 37  37  37  GLN GLN A . n 
A 1 38  ASN 38  38  38  ASN ASN A . n 
A 1 39  TYR 39  39  39  TYR TYR A . n 
A 1 40  MET 40  40  40  MET MET A . n 
A 1 41  ALA 41  41  41  ALA ALA A . n 
A 1 42  GLU 42  42  42  GLU GLU A . n 
A 1 43  LEU 43  43  43  LEU LEU A . n 
A 1 44  ILE 44  44  44  ILE ILE A . n 
A 1 45  CYS 45  45  45  CYS CYS A . n 
A 1 46  GLN 46  46  46  GLN GLN A . n 
A 1 47  ARG 47  47  47  ARG ARG A . n 
A 1 48  LEU 48  48  48  LEU LEU A . n 
A 1 49  THR 49  49  49  THR THR A . n 
A 1 50  GLY 50  50  50  GLY GLY A . n 
A 1 51  THR 51  51  51  THR THR A . n 
A 1 52  GLN 52  52  52  GLN GLN A . n 
A 1 53  GLU 53  53  53  GLU GLU A . n 
A 1 54  ILE 54  54  54  ILE ILE A . n 
A 1 55  ARG 55  55  ?   ?   ?   A . n 
A 1 56  PHE 56  56  ?   ?   ?   A . n 
A 1 57  SER 57  57  ?   ?   ?   A . n 
A 1 58  ASN 58  58  58  ASN ASN A . n 
A 1 59  ALA 59  59  59  ALA ALA A . n 
A 1 60  ALA 60  60  60  ALA ALA A . n 
A 1 61  MET 61  61  61  MET MET A . n 
A 1 62  GLN 62  62  62  GLN GLN A . n 
A 1 63  ARG 63  63  63  ARG ARG A . n 
A 1 64  GLY 64  64  64  GLY GLY A . n 
A 1 65  THR 65  65  65  THR THR A . n 
A 1 66  GLU 66  66  66  GLU GLU A . n 
A 1 67  LEU 67  67  67  LEU LEU A . n 
A 1 68  GLU 68  68  68  GLU GLU A . n 
A 1 69  PRO 69  69  69  PRO PRO A . n 
A 1 70  HIS 70  70  70  HIS HIS A . n 
A 1 71  ALA 71  71  71  ALA ALA A . n 
A 1 72  ARG 72  72  72  ARG ARG A . n 
A 1 73  ALA 73  73  73  ALA ALA A . n 
A 1 74  ARG 74  74  74  ARG ARG A . n 
A 1 75  TYR 75  75  75  TYR TYR A . n 
A 1 76  ILE 76  76  76  ILE ILE A . n 
A 1 77  ILE 77  77  77  ILE ILE A . n 
A 1 78  GLU 78  78  78  GLU GLU A . n 
A 1 79  THR 79  79  79  THR THR A . n 
A 1 80  GLY 80  80  80  GLY GLY A . n 
A 1 81  GLU 81  81  81  GLU GLU A . n 
A 1 82  ILE 82  82  82  ILE ILE A . n 
A 1 83  VAL 83  83  83  VAL VAL A . n 
A 1 84  THR 84  84  84  THR THR A . n 
A 1 85  GLU 85  85  85  GLU GLU A . n 
A 1 86  VAL 86  86  86  VAL VAL A . n 
A 1 87  GLY 87  87  87  GLY GLY A . n 
A 1 88  LEU 88  88  88  LEU LEU A . n 
A 1 89  ILE 89  89  89  ILE ILE A . n 
A 1 90  ASP 90  90  90  ASP ASP A . n 
A 1 91  HIS 91  91  91  HIS HIS A . n 
A 1 92  PRO 92  92  92  PRO PRO A . n 
A 1 93  THR 93  93  93  THR THR A . n 
A 1 94  ILE 94  94  94  ILE ILE A . n 
A 1 95  ALA 95  95  95  ALA ALA A . n 
A 1 96  GLY 96  96  96  GLY GLY A . n 
A 1 97  PHE 97  97  97  PHE PHE A . n 
A 1 98  GLY 98  98  98  GLY GLY A . n 
A 1 99  ALA 99  99  99  ALA ALA A . n 
A 1 100 SER 100 100 100 SER SER A . n 
A 1 101 PRO 101 101 101 PRO PRO A . n 
A 1 102 ASP 102 102 102 ASP ASP A . n 
A 1 103 GLY 103 103 103 GLY GLY A . n 
A 1 104 LEU 104 104 104 LEU LEU A . n 
A 1 105 VAL 105 105 105 VAL VAL A . n 
A 1 106 GLY 106 106 106 GLY GLY A . n 
A 1 107 ASP 107 107 107 ASP ASP A . n 
A 1 108 THR 108 108 108 THR THR A . n 
A 1 109 GLY 109 109 109 GLY GLY A . n 
A 1 110 LEU 110 110 110 LEU LEU A . n 
A 1 111 ILE 111 111 111 ILE ILE A . n 
A 1 112 GLU 112 112 112 GLU GLU A . n 
A 1 113 ILE 113 113 113 ILE ILE A . n 
A 1 114 LYS 114 114 114 LYS LYS A . n 
A 1 115 CYS 115 115 115 CYS CYS A . n 
A 1 116 PRO 116 116 116 PRO PRO A . n 
A 1 117 ASN 117 117 117 ASN ASN A . n 
A 1 118 THR 118 118 118 THR THR A . n 
A 1 119 TRP 119 119 119 TRP TRP A . n 
A 1 120 THR 120 120 120 THR THR A . n 
A 1 121 HIS 121 121 121 HIS HIS A . n 
A 1 122 ILE 122 122 122 ILE ILE A . n 
A 1 123 GLU 123 123 123 GLU GLU A . n 
A 1 124 THR 124 124 124 THR THR A . n 
A 1 125 ILE 125 125 125 ILE ILE A . n 
A 1 126 LYS 126 126 126 LYS LYS A . n 
A 1 127 THR 127 127 127 THR THR A . n 
A 1 128 GLY 128 128 128 GLY GLY A . n 
A 1 129 LYS 129 129 129 LYS LYS A . n 
A 1 130 PRO 130 130 130 PRO PRO A . n 
A 1 131 LYS 131 131 131 LYS LYS A . n 
A 1 132 PRO 132 132 132 PRO PRO A . n 
A 1 133 GLU 133 133 133 GLU GLU A . n 
A 1 134 TYR 134 134 134 TYR TYR A . n 
A 1 135 ILE 135 135 135 ILE ILE A . n 
A 1 136 LYS 136 136 136 LYS LYS A . n 
A 1 137 GLN 137 137 137 GLN GLN A . n 
A 1 138 MET 138 138 138 MET MET A . n 
A 1 139 GLN 139 139 139 GLN GLN A . n 
A 1 140 THR 140 140 140 THR THR A . n 
A 1 141 GLN 141 141 141 GLN GLN A . n 
A 1 142 MET 142 142 142 MET MET A . n 
A 1 143 ALA 143 143 143 ALA ALA A . n 
A 1 144 CYS 144 144 144 CYS CYS A . n 
A 1 145 THR 145 145 145 THR THR A . n 
A 1 146 GLY 146 146 146 GLY GLY A . n 
A 1 147 ARG 147 147 147 ARG ARG A . n 
A 1 148 GLN 148 148 148 GLN GLN A . n 
A 1 149 TRP 149 149 149 TRP TRP A . n 
A 1 150 CYS 150 150 150 CYS CYS A . n 
A 1 151 ASP 151 151 151 ASP ASP A . n 
A 1 152 PHE 152 152 152 PHE PHE A . n 
A 1 153 VAL 153 153 153 VAL VAL A . n 
A 1 154 SER 154 154 154 SER SER A . n 
A 1 155 TYR 155 155 155 TYR TYR A . n 
A 1 156 ASP 156 156 156 ASP ASP A . n 
A 1 157 ASP 157 157 157 ASP ASP A . n 
A 1 158 ARG 158 158 158 ARG ARG A . n 
A 1 159 LEU 159 159 159 LEU LEU A . n 
A 1 160 PRO 160 160 160 PRO PRO A . n 
A 1 161 ASP 161 161 161 ASP ASP A . n 
A 1 162 ASP 162 162 162 ASP ASP A . n 
A 1 163 MET 163 163 163 MET MET A . n 
A 1 164 GLN 164 164 164 GLN GLN A . n 
A 1 165 TYR 165 165 165 TYR TYR A . n 
A 1 166 PHE 166 166 166 PHE PHE A . n 
A 1 167 CYS 167 167 167 CYS CYS A . n 
A 1 168 THR 168 168 168 THR THR A . n 
A 1 169 ARG 169 169 169 ARG ARG A . n 
A 1 170 ILE 170 170 170 ILE ILE A . n 
A 1 171 GLU 171 171 171 GLU GLU A . n 
A 1 172 ARG 172 172 172 ARG ARG A . n 
A 1 173 ASP 173 173 173 ASP ASP A . n 
A 1 174 ASP 174 174 174 ASP ASP A . n 
A 1 175 ALA 175 175 175 ALA ALA A . n 
A 1 176 LEU 176 176 176 LEU LEU A . n 
A 1 177 ILE 177 177 177 ILE ILE A . n 
A 1 178 ALA 178 178 178 ALA ALA A . n 
A 1 179 GLU 179 179 179 GLU GLU A . n 
A 1 180 ILE 180 180 180 ILE ILE A . n 
A 1 181 GLU 181 181 181 GLU GLU A . n 
A 1 182 THR 182 182 182 THR THR A . n 
A 1 183 GLU 183 183 183 GLU GLU A . n 
A 1 184 VAL 184 184 184 VAL VAL A . n 
A 1 185 SER 185 185 185 SER SER A . n 
A 1 186 ALA 186 186 186 ALA ALA A . n 
A 1 187 PHE 187 187 187 PHE PHE A . n 
A 1 188 LEU 188 188 188 LEU LEU A . n 
A 1 189 ALA 189 189 189 ALA ALA A . n 
A 1 190 GLU 190 190 190 GLU GLU A . n 
A 1 191 LEU 191 191 191 LEU LEU A . n 
A 1 192 GLU 192 192 192 GLU GLU A . n 
A 1 193 ALA 193 193 193 ALA ALA A . n 
A 1 194 GLU 194 194 194 GLU GLU A . n 
A 1 195 ILE 195 195 195 ILE ILE A . n 
A 1 196 GLU 196 196 196 GLU GLU A . n 
A 1 197 TYR 197 197 197 TYR TYR A . n 
A 1 198 LEU 198 198 198 LEU LEU A . n 
A 1 199 LYS 199 199 199 LYS LYS A . n 
A 1 200 ARG 200 200 200 ARG ARG A . n 
A 1 201 LYS 201 201 201 LYS LYS A . n 
A 1 202 ALA 202 202 202 ALA ALA A . n 
A 1 203 ALA 203 203 203 ALA ALA A . n 
A 1 204 LYS 204 204 204 LYS LYS A . n 
A 1 205 LEU 205 205 205 LEU LEU A . n 
A 1 206 ALA 206 206 206 ALA ALA A . n 
A 1 207 ALA 207 207 ?   ?   ?   A . n 
A 1 208 ALA 208 208 ?   ?   ?   A . n 
A 1 209 LEU 209 209 ?   ?   ?   A . n 
A 1 210 GLU 210 210 ?   ?   ?   A . n 
A 1 211 HIS 211 211 ?   ?   ?   A . n 
A 1 212 HIS 212 212 ?   ?   ?   A . n 
A 1 213 HIS 213 213 ?   ?   ?   A . n 
A 1 214 HIS 214 214 ?   ?   ?   A . n 
A 1 215 HIS 215 215 ?   ?   ?   A . n 
A 1 216 HIS 216 216 ?   ?   ?   A . n 
B 2 1   DT  1   210 210 DT  TD  B . n 
B 2 2   DT  2   211 211 DT  TD  B . n 
B 2 3   DT  3   212 212 DT  TD  B . n 
B 2 4   DT  4   213 213 DT  TD  B . n 
# 
loop_
_pdbx_nonpoly_scheme.asym_id 
_pdbx_nonpoly_scheme.entity_id 
_pdbx_nonpoly_scheme.mon_id 
_pdbx_nonpoly_scheme.ndb_seq_num 
_pdbx_nonpoly_scheme.pdb_seq_num 
_pdbx_nonpoly_scheme.auth_seq_num 
_pdbx_nonpoly_scheme.pdb_mon_id 
_pdbx_nonpoly_scheme.auth_mon_id 
_pdbx_nonpoly_scheme.pdb_strand_id 
_pdbx_nonpoly_scheme.pdb_ins_code 
C 3 MG 1 220 220 MG MG A . 
D 3 MG 1 221 221 MG MG A . 
# 
_pdbx_struct_assembly.id                   1 
_pdbx_struct_assembly.details              author_and_software_defined_assembly 
_pdbx_struct_assembly.method_details       PISA 
_pdbx_struct_assembly.oligomeric_details   hexameric 
_pdbx_struct_assembly.oligomeric_count     6 
# 
_pdbx_struct_assembly_gen.assembly_id       1 
_pdbx_struct_assembly_gen.oper_expression   1,2,3 
_pdbx_struct_assembly_gen.asym_id_list      A,B,C,D 
# 
loop_
_pdbx_struct_assembly_prop.biol_id 
_pdbx_struct_assembly_prop.type 
_pdbx_struct_assembly_prop.value 
_pdbx_struct_assembly_prop.details 
1 'ABSA (A^2)' 7270  ? 
1 MORE         -132  ? 
1 'SSA (A^2)'  29520 ? 
# 
loop_
_pdbx_struct_oper_list.id 
_pdbx_struct_oper_list.type 
_pdbx_struct_oper_list.name 
_pdbx_struct_oper_list.symmetry_operation 
_pdbx_struct_oper_list.matrix[1][1] 
_pdbx_struct_oper_list.matrix[1][2] 
_pdbx_struct_oper_list.matrix[1][3] 
_pdbx_struct_oper_list.vector[1] 
_pdbx_struct_oper_list.matrix[2][1] 
_pdbx_struct_oper_list.matrix[2][2] 
_pdbx_struct_oper_list.matrix[2][3] 
_pdbx_struct_oper_list.vector[2] 
_pdbx_struct_oper_list.matrix[3][1] 
_pdbx_struct_oper_list.matrix[3][2] 
_pdbx_struct_oper_list.matrix[3][3] 
_pdbx_struct_oper_list.vector[3] 
1 'identity operation'         1_555 x,y,z       1.0000000000 0.0000000000  0.0000000000  0.0000000000  0.0000000000  1.0000000000  0.0000000000  0.0000000000  0.0000000000  0.0000000000  1.0000000000  0.0000000000  
2 'crystal symmetry operation' 2_565 -y,x-y+1,z  0.6498071818 -0.4134962419 -0.6377863940 19.6457104996 -0.7490952315 -0.2061205228 -0.6295797521 28.1802675733 0.1288679965  0.8868681909  -0.4436866591 24.3956974450 
3 'crystal symmetry operation' 3_455 -x+y-1,-x,z 0.6498071818 -0.7490952315 0.1288679965  5.1999556353  -0.4134962419 -0.2061205228 0.8868681909  -7.7038091134 -0.6377863940 -0.6295797521 -0.4436866591 41.0955382235 
# 
loop_
_pdbx_struct_conn_angle.id 
_pdbx_struct_conn_angle.ptnr1_label_atom_id 
_pdbx_struct_conn_angle.ptnr1_label_alt_id 
_pdbx_struct_conn_angle.ptnr1_label_asym_id 
_pdbx_struct_conn_angle.ptnr1_label_comp_id 
_pdbx_struct_conn_angle.ptnr1_label_seq_id 
_pdbx_struct_conn_angle.ptnr1_auth_atom_id 
_pdbx_struct_conn_angle.ptnr1_auth_asym_id 
_pdbx_struct_conn_angle.ptnr1_auth_comp_id 
_pdbx_struct_conn_angle.ptnr1_auth_seq_id 
_pdbx_struct_conn_angle.ptnr1_PDB_ins_code 
_pdbx_struct_conn_angle.ptnr1_symmetry 
_pdbx_struct_conn_angle.ptnr2_label_atom_id 
_pdbx_struct_conn_angle.ptnr2_label_alt_id 
_pdbx_struct_conn_angle.ptnr2_label_asym_id 
_pdbx_struct_conn_angle.ptnr2_label_comp_id 
_pdbx_struct_conn_angle.ptnr2_label_seq_id 
_pdbx_struct_conn_angle.ptnr2_auth_atom_id 
_pdbx_struct_conn_angle.ptnr2_auth_asym_id 
_pdbx_struct_conn_angle.ptnr2_auth_comp_id 
_pdbx_struct_conn_angle.ptnr2_auth_seq_id 
_pdbx_struct_conn_angle.ptnr2_PDB_ins_code 
_pdbx_struct_conn_angle.ptnr2_symmetry 
_pdbx_struct_conn_angle.ptnr3_label_atom_id 
_pdbx_struct_conn_angle.ptnr3_label_alt_id 
_pdbx_struct_conn_angle.ptnr3_label_asym_id 
_pdbx_struct_conn_angle.ptnr3_label_comp_id 
_pdbx_struct_conn_angle.ptnr3_label_seq_id 
_pdbx_struct_conn_angle.ptnr3_auth_atom_id 
_pdbx_struct_conn_angle.ptnr3_auth_asym_id 
_pdbx_struct_conn_angle.ptnr3_auth_comp_id 
_pdbx_struct_conn_angle.ptnr3_auth_seq_id 
_pdbx_struct_conn_angle.ptnr3_PDB_ins_code 
_pdbx_struct_conn_angle.ptnr3_symmetry 
_pdbx_struct_conn_angle.value 
_pdbx_struct_conn_angle.value_esd 
1 O   ? A SER 100 ? A SER 100 ? 1_555 MG ? D MG . ? A MG 221 ? 1_555 OD1 ? A ASP 102 ? A ASP 102 ? 1_555 113.3 ? 
2 OD2 ? A ASP 102 ? A ASP 102 ? 1_555 MG ? C MG . ? A MG 220 ? 1_555 OE2 ? A GLU 112 ? A GLU 112 ? 1_555 80.7  ? 
3 OD2 ? A ASP 102 ? A ASP 102 ? 1_555 MG ? C MG . ? A MG 220 ? 1_555 O   ? A ILE 113 ? A ILE 113 ? 1_555 91.9  ? 
4 OE2 ? A GLU 112 ? A GLU 112 ? 1_555 MG ? C MG . ? A MG 220 ? 1_555 O   ? A ILE 113 ? A ILE 113 ? 1_555 99.7  ? 
5 OD2 ? A ASP 102 ? A ASP 102 ? 1_555 MG ? C MG . ? A MG 220 ? 1_555 OP1 ? B DT  2   ? B DT  211 ? 1_555 105.5 ? 
6 OE2 ? A GLU 112 ? A GLU 112 ? 1_555 MG ? C MG . ? A MG 220 ? 1_555 OP1 ? B DT  2   ? B DT  211 ? 1_555 100.2 ? 
7 O   ? A ILE 113 ? A ILE 113 ? 1_555 MG ? C MG . ? A MG 220 ? 1_555 OP1 ? B DT  2   ? B DT  211 ? 1_555 155.4 ? 
# 
loop_
_pdbx_audit_revision_history.ordinal 
_pdbx_audit_revision_history.data_content_type 
_pdbx_audit_revision_history.major_revision 
_pdbx_audit_revision_history.minor_revision 
_pdbx_audit_revision_history.revision_date 
1 'Structure model' 1 0 2012-02-15 
2 'Structure model' 1 1 2023-11-01 
# 
_pdbx_audit_revision_details.ordinal             1 
_pdbx_audit_revision_details.revision_ordinal    1 
_pdbx_audit_revision_details.data_content_type   'Structure model' 
_pdbx_audit_revision_details.provider            repository 
_pdbx_audit_revision_details.type                'Initial release' 
_pdbx_audit_revision_details.description         ? 
_pdbx_audit_revision_details.details             ? 
# 
loop_
_pdbx_audit_revision_group.ordinal 
_pdbx_audit_revision_group.revision_ordinal 
_pdbx_audit_revision_group.data_content_type 
_pdbx_audit_revision_group.group 
1 2 'Structure model' 'Data collection'        
2 2 'Structure model' 'Database references'    
3 2 'Structure model' 'Derived calculations'   
4 2 'Structure model' 'Refinement description' 
# 
loop_
_pdbx_audit_revision_category.ordinal 
_pdbx_audit_revision_category.revision_ordinal 
_pdbx_audit_revision_category.data_content_type 
_pdbx_audit_revision_category.category 
1 2 'Structure model' chem_comp_atom                
2 2 'Structure model' chem_comp_bond                
3 2 'Structure model' database_2                    
4 2 'Structure model' pdbx_initial_refinement_model 
5 2 'Structure model' pdbx_struct_conn_angle        
6 2 'Structure model' struct_conn                   
7 2 'Structure model' struct_ref_seq_dif            
8 2 'Structure model' struct_site                   
# 
loop_
_pdbx_audit_revision_item.ordinal 
_pdbx_audit_revision_item.revision_ordinal 
_pdbx_audit_revision_item.data_content_type 
_pdbx_audit_revision_item.item 
1  2 'Structure model' '_database_2.pdbx_DOI'                        
2  2 'Structure model' '_database_2.pdbx_database_accession'         
3  2 'Structure model' '_pdbx_struct_conn_angle.ptnr1_auth_asym_id'  
4  2 'Structure model' '_pdbx_struct_conn_angle.ptnr1_auth_comp_id'  
5  2 'Structure model' '_pdbx_struct_conn_angle.ptnr1_auth_seq_id'   
6  2 'Structure model' '_pdbx_struct_conn_angle.ptnr1_label_asym_id' 
7  2 'Structure model' '_pdbx_struct_conn_angle.ptnr1_label_atom_id' 
8  2 'Structure model' '_pdbx_struct_conn_angle.ptnr1_label_comp_id' 
9  2 'Structure model' '_pdbx_struct_conn_angle.ptnr1_label_seq_id'  
10 2 'Structure model' '_pdbx_struct_conn_angle.ptnr2_auth_seq_id'   
11 2 'Structure model' '_pdbx_struct_conn_angle.ptnr2_label_asym_id' 
12 2 'Structure model' '_pdbx_struct_conn_angle.ptnr3_auth_asym_id'  
13 2 'Structure model' '_pdbx_struct_conn_angle.ptnr3_auth_comp_id'  
14 2 'Structure model' '_pdbx_struct_conn_angle.ptnr3_auth_seq_id'   
15 2 'Structure model' '_pdbx_struct_conn_angle.ptnr3_label_asym_id' 
16 2 'Structure model' '_pdbx_struct_conn_angle.ptnr3_label_atom_id' 
17 2 'Structure model' '_pdbx_struct_conn_angle.ptnr3_label_comp_id' 
18 2 'Structure model' '_pdbx_struct_conn_angle.ptnr3_label_seq_id'  
19 2 'Structure model' '_pdbx_struct_conn_angle.value'               
20 2 'Structure model' '_struct_conn.pdbx_dist_value'                
21 2 'Structure model' '_struct_conn.ptnr1_auth_asym_id'             
22 2 'Structure model' '_struct_conn.ptnr1_auth_comp_id'             
23 2 'Structure model' '_struct_conn.ptnr1_auth_seq_id'              
24 2 'Structure model' '_struct_conn.ptnr1_label_asym_id'            
25 2 'Structure model' '_struct_conn.ptnr1_label_atom_id'            
26 2 'Structure model' '_struct_conn.ptnr1_label_comp_id'            
27 2 'Structure model' '_struct_conn.ptnr1_label_seq_id'             
28 2 'Structure model' '_struct_conn.ptnr2_auth_asym_id'             
29 2 'Structure model' '_struct_conn.ptnr2_auth_comp_id'             
30 2 'Structure model' '_struct_conn.ptnr2_auth_seq_id'              
31 2 'Structure model' '_struct_conn.ptnr2_label_asym_id'            
32 2 'Structure model' '_struct_conn.ptnr2_label_atom_id'            
33 2 'Structure model' '_struct_conn.ptnr2_label_comp_id'            
34 2 'Structure model' '_struct_conn.ptnr2_label_seq_id'             
35 2 'Structure model' '_struct_ref_seq_dif.details'                 
36 2 'Structure model' '_struct_site.pdbx_auth_asym_id'              
37 2 'Structure model' '_struct_site.pdbx_auth_comp_id'              
38 2 'Structure model' '_struct_site.pdbx_auth_seq_id'               
# 
loop_
_software.name 
_software.classification 
_software.version 
_software.citation_id 
_software.pdbx_ordinal 
CrystalClear 'data collection' .        ? 1 
PHASER       phasing           .        ? 2 
REFMAC       refinement        5.5.0044 ? 3 
HKL-2000     'data reduction'  .        ? 4 
HKL-2000     'data scaling'    .        ? 5 
# 
loop_
_pdbx_validate_rmsd_angle.id 
_pdbx_validate_rmsd_angle.PDB_model_num 
_pdbx_validate_rmsd_angle.auth_atom_id_1 
_pdbx_validate_rmsd_angle.auth_asym_id_1 
_pdbx_validate_rmsd_angle.auth_comp_id_1 
_pdbx_validate_rmsd_angle.auth_seq_id_1 
_pdbx_validate_rmsd_angle.PDB_ins_code_1 
_pdbx_validate_rmsd_angle.label_alt_id_1 
_pdbx_validate_rmsd_angle.auth_atom_id_2 
_pdbx_validate_rmsd_angle.auth_asym_id_2 
_pdbx_validate_rmsd_angle.auth_comp_id_2 
_pdbx_validate_rmsd_angle.auth_seq_id_2 
_pdbx_validate_rmsd_angle.PDB_ins_code_2 
_pdbx_validate_rmsd_angle.label_alt_id_2 
_pdbx_validate_rmsd_angle.auth_atom_id_3 
_pdbx_validate_rmsd_angle.auth_asym_id_3 
_pdbx_validate_rmsd_angle.auth_comp_id_3 
_pdbx_validate_rmsd_angle.auth_seq_id_3 
_pdbx_validate_rmsd_angle.PDB_ins_code_3 
_pdbx_validate_rmsd_angle.label_alt_id_3 
_pdbx_validate_rmsd_angle.angle_value 
_pdbx_validate_rmsd_angle.angle_target_value 
_pdbx_validate_rmsd_angle.angle_deviation 
_pdbx_validate_rmsd_angle.angle_standard_deviation 
_pdbx_validate_rmsd_angle.linker_flag 
1 1 "O4'" B DT 211 ? ? "C1'" B DT 211 ? ? N1    B DT 211 ? ? 110.90 108.30 2.60  0.30 N 
2 1 "C3'" B DT 212 ? ? "C2'" B DT 212 ? ? "C1'" B DT 212 ? ? 97.49  102.40 -4.91 0.80 N 
3 1 "O4'" B DT 212 ? ? "C1'" B DT 212 ? ? N1    B DT 212 ? ? 116.18 108.30 7.88  0.30 N 
# 
_pdbx_validate_torsion.id              1 
_pdbx_validate_torsion.PDB_model_num   1 
_pdbx_validate_torsion.auth_comp_id    GLU 
_pdbx_validate_torsion.auth_asym_id    A 
_pdbx_validate_torsion.auth_seq_id     6 
_pdbx_validate_torsion.PDB_ins_code    ? 
_pdbx_validate_torsion.label_alt_id    ? 
_pdbx_validate_torsion.phi             53.93 
_pdbx_validate_torsion.psi             -68.77 
# 
loop_
_pdbx_unobs_or_zero_occ_residues.id 
_pdbx_unobs_or_zero_occ_residues.PDB_model_num 
_pdbx_unobs_or_zero_occ_residues.polymer_flag 
_pdbx_unobs_or_zero_occ_residues.occupancy_flag 
_pdbx_unobs_or_zero_occ_residues.auth_asym_id 
_pdbx_unobs_or_zero_occ_residues.auth_comp_id 
_pdbx_unobs_or_zero_occ_residues.auth_seq_id 
_pdbx_unobs_or_zero_occ_residues.PDB_ins_code 
_pdbx_unobs_or_zero_occ_residues.label_asym_id 
_pdbx_unobs_or_zero_occ_residues.label_comp_id 
_pdbx_unobs_or_zero_occ_residues.label_seq_id 
1  1 Y 1 A MET 1   ? A MET 1   
2  1 Y 1 A GLU 2   ? A GLU 2   
3  1 Y 1 A GLN 3   ? A GLN 3   
4  1 Y 1 A ARG 4   ? A ARG 4   
5  1 Y 1 A THR 28  ? A THR 28  
6  1 Y 1 A LYS 29  ? A LYS 29  
7  1 Y 1 A SER 30  ? A SER 30  
8  1 Y 1 A GLY 31  ? A GLY 31  
9  1 Y 1 A TYR 32  ? A TYR 32  
10 1 Y 1 A ARG 55  ? A ARG 55  
11 1 Y 1 A PHE 56  ? A PHE 56  
12 1 Y 1 A SER 57  ? A SER 57  
13 1 Y 1 A ALA 207 ? A ALA 207 
14 1 Y 1 A ALA 208 ? A ALA 208 
15 1 Y 1 A LEU 209 ? A LEU 209 
16 1 Y 1 A GLU 210 ? A GLU 210 
17 1 Y 1 A HIS 211 ? A HIS 211 
18 1 Y 1 A HIS 212 ? A HIS 212 
19 1 Y 1 A HIS 213 ? A HIS 213 
20 1 Y 1 A HIS 214 ? A HIS 214 
21 1 Y 1 A HIS 215 ? A HIS 215 
22 1 Y 1 A HIS 216 ? A HIS 216 
# 
loop_
_chem_comp_atom.comp_id 
_chem_comp_atom.atom_id 
_chem_comp_atom.type_symbol 
_chem_comp_atom.pdbx_aromatic_flag 
_chem_comp_atom.pdbx_stereo_config 
_chem_comp_atom.pdbx_ordinal 
ALA N      N  N N 1   
ALA CA     C  N S 2   
ALA C      C  N N 3   
ALA O      O  N N 4   
ALA CB     C  N N 5   
ALA OXT    O  N N 6   
ALA H      H  N N 7   
ALA H2     H  N N 8   
ALA HA     H  N N 9   
ALA HB1    H  N N 10  
ALA HB2    H  N N 11  
ALA HB3    H  N N 12  
ALA HXT    H  N N 13  
ARG N      N  N N 14  
ARG CA     C  N S 15  
ARG C      C  N N 16  
ARG O      O  N N 17  
ARG CB     C  N N 18  
ARG CG     C  N N 19  
ARG CD     C  N N 20  
ARG NE     N  N N 21  
ARG CZ     C  N N 22  
ARG NH1    N  N N 23  
ARG NH2    N  N N 24  
ARG OXT    O  N N 25  
ARG H      H  N N 26  
ARG H2     H  N N 27  
ARG HA     H  N N 28  
ARG HB2    H  N N 29  
ARG HB3    H  N N 30  
ARG HG2    H  N N 31  
ARG HG3    H  N N 32  
ARG HD2    H  N N 33  
ARG HD3    H  N N 34  
ARG HE     H  N N 35  
ARG HH11   H  N N 36  
ARG HH12   H  N N 37  
ARG HH21   H  N N 38  
ARG HH22   H  N N 39  
ARG HXT    H  N N 40  
ASN N      N  N N 41  
ASN CA     C  N S 42  
ASN C      C  N N 43  
ASN O      O  N N 44  
ASN CB     C  N N 45  
ASN CG     C  N N 46  
ASN OD1    O  N N 47  
ASN ND2    N  N N 48  
ASN OXT    O  N N 49  
ASN H      H  N N 50  
ASN H2     H  N N 51  
ASN HA     H  N N 52  
ASN HB2    H  N N 53  
ASN HB3    H  N N 54  
ASN HD21   H  N N 55  
ASN HD22   H  N N 56  
ASN HXT    H  N N 57  
ASP N      N  N N 58  
ASP CA     C  N S 59  
ASP C      C  N N 60  
ASP O      O  N N 61  
ASP CB     C  N N 62  
ASP CG     C  N N 63  
ASP OD1    O  N N 64  
ASP OD2    O  N N 65  
ASP OXT    O  N N 66  
ASP H      H  N N 67  
ASP H2     H  N N 68  
ASP HA     H  N N 69  
ASP HB2    H  N N 70  
ASP HB3    H  N N 71  
ASP HD2    H  N N 72  
ASP HXT    H  N N 73  
CYS N      N  N N 74  
CYS CA     C  N R 75  
CYS C      C  N N 76  
CYS O      O  N N 77  
CYS CB     C  N N 78  
CYS SG     S  N N 79  
CYS OXT    O  N N 80  
CYS H      H  N N 81  
CYS H2     H  N N 82  
CYS HA     H  N N 83  
CYS HB2    H  N N 84  
CYS HB3    H  N N 85  
CYS HG     H  N N 86  
CYS HXT    H  N N 87  
DT  OP3    O  N N 88  
DT  P      P  N N 89  
DT  OP1    O  N N 90  
DT  OP2    O  N N 91  
DT  "O5'"  O  N N 92  
DT  "C5'"  C  N N 93  
DT  "C4'"  C  N R 94  
DT  "O4'"  O  N N 95  
DT  "C3'"  C  N S 96  
DT  "O3'"  O  N N 97  
DT  "C2'"  C  N N 98  
DT  "C1'"  C  N R 99  
DT  N1     N  N N 100 
DT  C2     C  N N 101 
DT  O2     O  N N 102 
DT  N3     N  N N 103 
DT  C4     C  N N 104 
DT  O4     O  N N 105 
DT  C5     C  N N 106 
DT  C7     C  N N 107 
DT  C6     C  N N 108 
DT  HOP3   H  N N 109 
DT  HOP2   H  N N 110 
DT  "H5'"  H  N N 111 
DT  "H5''" H  N N 112 
DT  "H4'"  H  N N 113 
DT  "H3'"  H  N N 114 
DT  "HO3'" H  N N 115 
DT  "H2'"  H  N N 116 
DT  "H2''" H  N N 117 
DT  "H1'"  H  N N 118 
DT  H3     H  N N 119 
DT  H71    H  N N 120 
DT  H72    H  N N 121 
DT  H73    H  N N 122 
DT  H6     H  N N 123 
GLN N      N  N N 124 
GLN CA     C  N S 125 
GLN C      C  N N 126 
GLN O      O  N N 127 
GLN CB     C  N N 128 
GLN CG     C  N N 129 
GLN CD     C  N N 130 
GLN OE1    O  N N 131 
GLN NE2    N  N N 132 
GLN OXT    O  N N 133 
GLN H      H  N N 134 
GLN H2     H  N N 135 
GLN HA     H  N N 136 
GLN HB2    H  N N 137 
GLN HB3    H  N N 138 
GLN HG2    H  N N 139 
GLN HG3    H  N N 140 
GLN HE21   H  N N 141 
GLN HE22   H  N N 142 
GLN HXT    H  N N 143 
GLU N      N  N N 144 
GLU CA     C  N S 145 
GLU C      C  N N 146 
GLU O      O  N N 147 
GLU CB     C  N N 148 
GLU CG     C  N N 149 
GLU CD     C  N N 150 
GLU OE1    O  N N 151 
GLU OE2    O  N N 152 
GLU OXT    O  N N 153 
GLU H      H  N N 154 
GLU H2     H  N N 155 
GLU HA     H  N N 156 
GLU HB2    H  N N 157 
GLU HB3    H  N N 158 
GLU HG2    H  N N 159 
GLU HG3    H  N N 160 
GLU HE2    H  N N 161 
GLU HXT    H  N N 162 
GLY N      N  N N 163 
GLY CA     C  N N 164 
GLY C      C  N N 165 
GLY O      O  N N 166 
GLY OXT    O  N N 167 
GLY H      H  N N 168 
GLY H2     H  N N 169 
GLY HA2    H  N N 170 
GLY HA3    H  N N 171 
GLY HXT    H  N N 172 
HIS N      N  N N 173 
HIS CA     C  N S 174 
HIS C      C  N N 175 
HIS O      O  N N 176 
HIS CB     C  N N 177 
HIS CG     C  Y N 178 
HIS ND1    N  Y N 179 
HIS CD2    C  Y N 180 
HIS CE1    C  Y N 181 
HIS NE2    N  Y N 182 
HIS OXT    O  N N 183 
HIS H      H  N N 184 
HIS H2     H  N N 185 
HIS HA     H  N N 186 
HIS HB2    H  N N 187 
HIS HB3    H  N N 188 
HIS HD1    H  N N 189 
HIS HD2    H  N N 190 
HIS HE1    H  N N 191 
HIS HE2    H  N N 192 
HIS HXT    H  N N 193 
ILE N      N  N N 194 
ILE CA     C  N S 195 
ILE C      C  N N 196 
ILE O      O  N N 197 
ILE CB     C  N S 198 
ILE CG1    C  N N 199 
ILE CG2    C  N N 200 
ILE CD1    C  N N 201 
ILE OXT    O  N N 202 
ILE H      H  N N 203 
ILE H2     H  N N 204 
ILE HA     H  N N 205 
ILE HB     H  N N 206 
ILE HG12   H  N N 207 
ILE HG13   H  N N 208 
ILE HG21   H  N N 209 
ILE HG22   H  N N 210 
ILE HG23   H  N N 211 
ILE HD11   H  N N 212 
ILE HD12   H  N N 213 
ILE HD13   H  N N 214 
ILE HXT    H  N N 215 
LEU N      N  N N 216 
LEU CA     C  N S 217 
LEU C      C  N N 218 
LEU O      O  N N 219 
LEU CB     C  N N 220 
LEU CG     C  N N 221 
LEU CD1    C  N N 222 
LEU CD2    C  N N 223 
LEU OXT    O  N N 224 
LEU H      H  N N 225 
LEU H2     H  N N 226 
LEU HA     H  N N 227 
LEU HB2    H  N N 228 
LEU HB3    H  N N 229 
LEU HG     H  N N 230 
LEU HD11   H  N N 231 
LEU HD12   H  N N 232 
LEU HD13   H  N N 233 
LEU HD21   H  N N 234 
LEU HD22   H  N N 235 
LEU HD23   H  N N 236 
LEU HXT    H  N N 237 
LYS N      N  N N 238 
LYS CA     C  N S 239 
LYS C      C  N N 240 
LYS O      O  N N 241 
LYS CB     C  N N 242 
LYS CG     C  N N 243 
LYS CD     C  N N 244 
LYS CE     C  N N 245 
LYS NZ     N  N N 246 
LYS OXT    O  N N 247 
LYS H      H  N N 248 
LYS H2     H  N N 249 
LYS HA     H  N N 250 
LYS HB2    H  N N 251 
LYS HB3    H  N N 252 
LYS HG2    H  N N 253 
LYS HG3    H  N N 254 
LYS HD2    H  N N 255 
LYS HD3    H  N N 256 
LYS HE2    H  N N 257 
LYS HE3    H  N N 258 
LYS HZ1    H  N N 259 
LYS HZ2    H  N N 260 
LYS HZ3    H  N N 261 
LYS HXT    H  N N 262 
MET N      N  N N 263 
MET CA     C  N S 264 
MET C      C  N N 265 
MET O      O  N N 266 
MET CB     C  N N 267 
MET CG     C  N N 268 
MET SD     S  N N 269 
MET CE     C  N N 270 
MET OXT    O  N N 271 
MET H      H  N N 272 
MET H2     H  N N 273 
MET HA     H  N N 274 
MET HB2    H  N N 275 
MET HB3    H  N N 276 
MET HG2    H  N N 277 
MET HG3    H  N N 278 
MET HE1    H  N N 279 
MET HE2    H  N N 280 
MET HE3    H  N N 281 
MET HXT    H  N N 282 
MG  MG     MG N N 283 
PHE N      N  N N 284 
PHE CA     C  N S 285 
PHE C      C  N N 286 
PHE O      O  N N 287 
PHE CB     C  N N 288 
PHE CG     C  Y N 289 
PHE CD1    C  Y N 290 
PHE CD2    C  Y N 291 
PHE CE1    C  Y N 292 
PHE CE2    C  Y N 293 
PHE CZ     C  Y N 294 
PHE OXT    O  N N 295 
PHE H      H  N N 296 
PHE H2     H  N N 297 
PHE HA     H  N N 298 
PHE HB2    H  N N 299 
PHE HB3    H  N N 300 
PHE HD1    H  N N 301 
PHE HD2    H  N N 302 
PHE HE1    H  N N 303 
PHE HE2    H  N N 304 
PHE HZ     H  N N 305 
PHE HXT    H  N N 306 
PRO N      N  N N 307 
PRO CA     C  N S 308 
PRO C      C  N N 309 
PRO O      O  N N 310 
PRO CB     C  N N 311 
PRO CG     C  N N 312 
PRO CD     C  N N 313 
PRO OXT    O  N N 314 
PRO H      H  N N 315 
PRO HA     H  N N 316 
PRO HB2    H  N N 317 
PRO HB3    H  N N 318 
PRO HG2    H  N N 319 
PRO HG3    H  N N 320 
PRO HD2    H  N N 321 
PRO HD3    H  N N 322 
PRO HXT    H  N N 323 
SER N      N  N N 324 
SER CA     C  N S 325 
SER C      C  N N 326 
SER O      O  N N 327 
SER CB     C  N N 328 
SER OG     O  N N 329 
SER OXT    O  N N 330 
SER H      H  N N 331 
SER H2     H  N N 332 
SER HA     H  N N 333 
SER HB2    H  N N 334 
SER HB3    H  N N 335 
SER HG     H  N N 336 
SER HXT    H  N N 337 
THR N      N  N N 338 
THR CA     C  N S 339 
THR C      C  N N 340 
THR O      O  N N 341 
THR CB     C  N R 342 
THR OG1    O  N N 343 
THR CG2    C  N N 344 
THR OXT    O  N N 345 
THR H      H  N N 346 
THR H2     H  N N 347 
THR HA     H  N N 348 
THR HB     H  N N 349 
THR HG1    H  N N 350 
THR HG21   H  N N 351 
THR HG22   H  N N 352 
THR HG23   H  N N 353 
THR HXT    H  N N 354 
TRP N      N  N N 355 
TRP CA     C  N S 356 
TRP C      C  N N 357 
TRP O      O  N N 358 
TRP CB     C  N N 359 
TRP CG     C  Y N 360 
TRP CD1    C  Y N 361 
TRP CD2    C  Y N 362 
TRP NE1    N  Y N 363 
TRP CE2    C  Y N 364 
TRP CE3    C  Y N 365 
TRP CZ2    C  Y N 366 
TRP CZ3    C  Y N 367 
TRP CH2    C  Y N 368 
TRP OXT    O  N N 369 
TRP H      H  N N 370 
TRP H2     H  N N 371 
TRP HA     H  N N 372 
TRP HB2    H  N N 373 
TRP HB3    H  N N 374 
TRP HD1    H  N N 375 
TRP HE1    H  N N 376 
TRP HE3    H  N N 377 
TRP HZ2    H  N N 378 
TRP HZ3    H  N N 379 
TRP HH2    H  N N 380 
TRP HXT    H  N N 381 
TYR N      N  N N 382 
TYR CA     C  N S 383 
TYR C      C  N N 384 
TYR O      O  N N 385 
TYR CB     C  N N 386 
TYR CG     C  Y N 387 
TYR CD1    C  Y N 388 
TYR CD2    C  Y N 389 
TYR CE1    C  Y N 390 
TYR CE2    C  Y N 391 
TYR CZ     C  Y N 392 
TYR OH     O  N N 393 
TYR OXT    O  N N 394 
TYR H      H  N N 395 
TYR H2     H  N N 396 
TYR HA     H  N N 397 
TYR HB2    H  N N 398 
TYR HB3    H  N N 399 
TYR HD1    H  N N 400 
TYR HD2    H  N N 401 
TYR HE1    H  N N 402 
TYR HE2    H  N N 403 
TYR HH     H  N N 404 
TYR HXT    H  N N 405 
VAL N      N  N N 406 
VAL CA     C  N S 407 
VAL C      C  N N 408 
VAL O      O  N N 409 
VAL CB     C  N N 410 
VAL CG1    C  N N 411 
VAL CG2    C  N N 412 
VAL OXT    O  N N 413 
VAL H      H  N N 414 
VAL H2     H  N N 415 
VAL HA     H  N N 416 
VAL HB     H  N N 417 
VAL HG11   H  N N 418 
VAL HG12   H  N N 419 
VAL HG13   H  N N 420 
VAL HG21   H  N N 421 
VAL HG22   H  N N 422 
VAL HG23   H  N N 423 
VAL HXT    H  N N 424 
# 
loop_
_chem_comp_bond.comp_id 
_chem_comp_bond.atom_id_1 
_chem_comp_bond.atom_id_2 
_chem_comp_bond.value_order 
_chem_comp_bond.pdbx_aromatic_flag 
_chem_comp_bond.pdbx_stereo_config 
_chem_comp_bond.pdbx_ordinal 
ALA N     CA     sing N N 1   
ALA N     H      sing N N 2   
ALA N     H2     sing N N 3   
ALA CA    C      sing N N 4   
ALA CA    CB     sing N N 5   
ALA CA    HA     sing N N 6   
ALA C     O      doub N N 7   
ALA C     OXT    sing N N 8   
ALA CB    HB1    sing N N 9   
ALA CB    HB2    sing N N 10  
ALA CB    HB3    sing N N 11  
ALA OXT   HXT    sing N N 12  
ARG N     CA     sing N N 13  
ARG N     H      sing N N 14  
ARG N     H2     sing N N 15  
ARG CA    C      sing N N 16  
ARG CA    CB     sing N N 17  
ARG CA    HA     sing N N 18  
ARG C     O      doub N N 19  
ARG C     OXT    sing N N 20  
ARG CB    CG     sing N N 21  
ARG CB    HB2    sing N N 22  
ARG CB    HB3    sing N N 23  
ARG CG    CD     sing N N 24  
ARG CG    HG2    sing N N 25  
ARG CG    HG3    sing N N 26  
ARG CD    NE     sing N N 27  
ARG CD    HD2    sing N N 28  
ARG CD    HD3    sing N N 29  
ARG NE    CZ     sing N N 30  
ARG NE    HE     sing N N 31  
ARG CZ    NH1    sing N N 32  
ARG CZ    NH2    doub N N 33  
ARG NH1   HH11   sing N N 34  
ARG NH1   HH12   sing N N 35  
ARG NH2   HH21   sing N N 36  
ARG NH2   HH22   sing N N 37  
ARG OXT   HXT    sing N N 38  
ASN N     CA     sing N N 39  
ASN N     H      sing N N 40  
ASN N     H2     sing N N 41  
ASN CA    C      sing N N 42  
ASN CA    CB     sing N N 43  
ASN CA    HA     sing N N 44  
ASN C     O      doub N N 45  
ASN C     OXT    sing N N 46  
ASN CB    CG     sing N N 47  
ASN CB    HB2    sing N N 48  
ASN CB    HB3    sing N N 49  
ASN CG    OD1    doub N N 50  
ASN CG    ND2    sing N N 51  
ASN ND2   HD21   sing N N 52  
ASN ND2   HD22   sing N N 53  
ASN OXT   HXT    sing N N 54  
ASP N     CA     sing N N 55  
ASP N     H      sing N N 56  
ASP N     H2     sing N N 57  
ASP CA    C      sing N N 58  
ASP CA    CB     sing N N 59  
ASP CA    HA     sing N N 60  
ASP C     O      doub N N 61  
ASP C     OXT    sing N N 62  
ASP CB    CG     sing N N 63  
ASP CB    HB2    sing N N 64  
ASP CB    HB3    sing N N 65  
ASP CG    OD1    doub N N 66  
ASP CG    OD2    sing N N 67  
ASP OD2   HD2    sing N N 68  
ASP OXT   HXT    sing N N 69  
CYS N     CA     sing N N 70  
CYS N     H      sing N N 71  
CYS N     H2     sing N N 72  
CYS CA    C      sing N N 73  
CYS CA    CB     sing N N 74  
CYS CA    HA     sing N N 75  
CYS C     O      doub N N 76  
CYS C     OXT    sing N N 77  
CYS CB    SG     sing N N 78  
CYS CB    HB2    sing N N 79  
CYS CB    HB3    sing N N 80  
CYS SG    HG     sing N N 81  
CYS OXT   HXT    sing N N 82  
DT  OP3   P      sing N N 83  
DT  OP3   HOP3   sing N N 84  
DT  P     OP1    doub N N 85  
DT  P     OP2    sing N N 86  
DT  P     "O5'"  sing N N 87  
DT  OP2   HOP2   sing N N 88  
DT  "O5'" "C5'"  sing N N 89  
DT  "C5'" "C4'"  sing N N 90  
DT  "C5'" "H5'"  sing N N 91  
DT  "C5'" "H5''" sing N N 92  
DT  "C4'" "O4'"  sing N N 93  
DT  "C4'" "C3'"  sing N N 94  
DT  "C4'" "H4'"  sing N N 95  
DT  "O4'" "C1'"  sing N N 96  
DT  "C3'" "O3'"  sing N N 97  
DT  "C3'" "C2'"  sing N N 98  
DT  "C3'" "H3'"  sing N N 99  
DT  "O3'" "HO3'" sing N N 100 
DT  "C2'" "C1'"  sing N N 101 
DT  "C2'" "H2'"  sing N N 102 
DT  "C2'" "H2''" sing N N 103 
DT  "C1'" N1     sing N N 104 
DT  "C1'" "H1'"  sing N N 105 
DT  N1    C2     sing N N 106 
DT  N1    C6     sing N N 107 
DT  C2    O2     doub N N 108 
DT  C2    N3     sing N N 109 
DT  N3    C4     sing N N 110 
DT  N3    H3     sing N N 111 
DT  C4    O4     doub N N 112 
DT  C4    C5     sing N N 113 
DT  C5    C7     sing N N 114 
DT  C5    C6     doub N N 115 
DT  C7    H71    sing N N 116 
DT  C7    H72    sing N N 117 
DT  C7    H73    sing N N 118 
DT  C6    H6     sing N N 119 
GLN N     CA     sing N N 120 
GLN N     H      sing N N 121 
GLN N     H2     sing N N 122 
GLN CA    C      sing N N 123 
GLN CA    CB     sing N N 124 
GLN CA    HA     sing N N 125 
GLN C     O      doub N N 126 
GLN C     OXT    sing N N 127 
GLN CB    CG     sing N N 128 
GLN CB    HB2    sing N N 129 
GLN CB    HB3    sing N N 130 
GLN CG    CD     sing N N 131 
GLN CG    HG2    sing N N 132 
GLN CG    HG3    sing N N 133 
GLN CD    OE1    doub N N 134 
GLN CD    NE2    sing N N 135 
GLN NE2   HE21   sing N N 136 
GLN NE2   HE22   sing N N 137 
GLN OXT   HXT    sing N N 138 
GLU N     CA     sing N N 139 
GLU N     H      sing N N 140 
GLU N     H2     sing N N 141 
GLU CA    C      sing N N 142 
GLU CA    CB     sing N N 143 
GLU CA    HA     sing N N 144 
GLU C     O      doub N N 145 
GLU C     OXT    sing N N 146 
GLU CB    CG     sing N N 147 
GLU CB    HB2    sing N N 148 
GLU CB    HB3    sing N N 149 
GLU CG    CD     sing N N 150 
GLU CG    HG2    sing N N 151 
GLU CG    HG3    sing N N 152 
GLU CD    OE1    doub N N 153 
GLU CD    OE2    sing N N 154 
GLU OE2   HE2    sing N N 155 
GLU OXT   HXT    sing N N 156 
GLY N     CA     sing N N 157 
GLY N     H      sing N N 158 
GLY N     H2     sing N N 159 
GLY CA    C      sing N N 160 
GLY CA    HA2    sing N N 161 
GLY CA    HA3    sing N N 162 
GLY C     O      doub N N 163 
GLY C     OXT    sing N N 164 
GLY OXT   HXT    sing N N 165 
HIS N     CA     sing N N 166 
HIS N     H      sing N N 167 
HIS N     H2     sing N N 168 
HIS CA    C      sing N N 169 
HIS CA    CB     sing N N 170 
HIS CA    HA     sing N N 171 
HIS C     O      doub N N 172 
HIS C     OXT    sing N N 173 
HIS CB    CG     sing N N 174 
HIS CB    HB2    sing N N 175 
HIS CB    HB3    sing N N 176 
HIS CG    ND1    sing Y N 177 
HIS CG    CD2    doub Y N 178 
HIS ND1   CE1    doub Y N 179 
HIS ND1   HD1    sing N N 180 
HIS CD2   NE2    sing Y N 181 
HIS CD2   HD2    sing N N 182 
HIS CE1   NE2    sing Y N 183 
HIS CE1   HE1    sing N N 184 
HIS NE2   HE2    sing N N 185 
HIS OXT   HXT    sing N N 186 
ILE N     CA     sing N N 187 
ILE N     H      sing N N 188 
ILE N     H2     sing N N 189 
ILE CA    C      sing N N 190 
ILE CA    CB     sing N N 191 
ILE CA    HA     sing N N 192 
ILE C     O      doub N N 193 
ILE C     OXT    sing N N 194 
ILE CB    CG1    sing N N 195 
ILE CB    CG2    sing N N 196 
ILE CB    HB     sing N N 197 
ILE CG1   CD1    sing N N 198 
ILE CG1   HG12   sing N N 199 
ILE CG1   HG13   sing N N 200 
ILE CG2   HG21   sing N N 201 
ILE CG2   HG22   sing N N 202 
ILE CG2   HG23   sing N N 203 
ILE CD1   HD11   sing N N 204 
ILE CD1   HD12   sing N N 205 
ILE CD1   HD13   sing N N 206 
ILE OXT   HXT    sing N N 207 
LEU N     CA     sing N N 208 
LEU N     H      sing N N 209 
LEU N     H2     sing N N 210 
LEU CA    C      sing N N 211 
LEU CA    CB     sing N N 212 
LEU CA    HA     sing N N 213 
LEU C     O      doub N N 214 
LEU C     OXT    sing N N 215 
LEU CB    CG     sing N N 216 
LEU CB    HB2    sing N N 217 
LEU CB    HB3    sing N N 218 
LEU CG    CD1    sing N N 219 
LEU CG    CD2    sing N N 220 
LEU CG    HG     sing N N 221 
LEU CD1   HD11   sing N N 222 
LEU CD1   HD12   sing N N 223 
LEU CD1   HD13   sing N N 224 
LEU CD2   HD21   sing N N 225 
LEU CD2   HD22   sing N N 226 
LEU CD2   HD23   sing N N 227 
LEU OXT   HXT    sing N N 228 
LYS N     CA     sing N N 229 
LYS N     H      sing N N 230 
LYS N     H2     sing N N 231 
LYS CA    C      sing N N 232 
LYS CA    CB     sing N N 233 
LYS CA    HA     sing N N 234 
LYS C     O      doub N N 235 
LYS C     OXT    sing N N 236 
LYS CB    CG     sing N N 237 
LYS CB    HB2    sing N N 238 
LYS CB    HB3    sing N N 239 
LYS CG    CD     sing N N 240 
LYS CG    HG2    sing N N 241 
LYS CG    HG3    sing N N 242 
LYS CD    CE     sing N N 243 
LYS CD    HD2    sing N N 244 
LYS CD    HD3    sing N N 245 
LYS CE    NZ     sing N N 246 
LYS CE    HE2    sing N N 247 
LYS CE    HE3    sing N N 248 
LYS NZ    HZ1    sing N N 249 
LYS NZ    HZ2    sing N N 250 
LYS NZ    HZ3    sing N N 251 
LYS OXT   HXT    sing N N 252 
MET N     CA     sing N N 253 
MET N     H      sing N N 254 
MET N     H2     sing N N 255 
MET CA    C      sing N N 256 
MET CA    CB     sing N N 257 
MET CA    HA     sing N N 258 
MET C     O      doub N N 259 
MET C     OXT    sing N N 260 
MET CB    CG     sing N N 261 
MET CB    HB2    sing N N 262 
MET CB    HB3    sing N N 263 
MET CG    SD     sing N N 264 
MET CG    HG2    sing N N 265 
MET CG    HG3    sing N N 266 
MET SD    CE     sing N N 267 
MET CE    HE1    sing N N 268 
MET CE    HE2    sing N N 269 
MET CE    HE3    sing N N 270 
MET OXT   HXT    sing N N 271 
PHE N     CA     sing N N 272 
PHE N     H      sing N N 273 
PHE N     H2     sing N N 274 
PHE CA    C      sing N N 275 
PHE CA    CB     sing N N 276 
PHE CA    HA     sing N N 277 
PHE C     O      doub N N 278 
PHE C     OXT    sing N N 279 
PHE CB    CG     sing N N 280 
PHE CB    HB2    sing N N 281 
PHE CB    HB3    sing N N 282 
PHE CG    CD1    doub Y N 283 
PHE CG    CD2    sing Y N 284 
PHE CD1   CE1    sing Y N 285 
PHE CD1   HD1    sing N N 286 
PHE CD2   CE2    doub Y N 287 
PHE CD2   HD2    sing N N 288 
PHE CE1   CZ     doub Y N 289 
PHE CE1   HE1    sing N N 290 
PHE CE2   CZ     sing Y N 291 
PHE CE2   HE2    sing N N 292 
PHE CZ    HZ     sing N N 293 
PHE OXT   HXT    sing N N 294 
PRO N     CA     sing N N 295 
PRO N     CD     sing N N 296 
PRO N     H      sing N N 297 
PRO CA    C      sing N N 298 
PRO CA    CB     sing N N 299 
PRO CA    HA     sing N N 300 
PRO C     O      doub N N 301 
PRO C     OXT    sing N N 302 
PRO CB    CG     sing N N 303 
PRO CB    HB2    sing N N 304 
PRO CB    HB3    sing N N 305 
PRO CG    CD     sing N N 306 
PRO CG    HG2    sing N N 307 
PRO CG    HG3    sing N N 308 
PRO CD    HD2    sing N N 309 
PRO CD    HD3    sing N N 310 
PRO OXT   HXT    sing N N 311 
SER N     CA     sing N N 312 
SER N     H      sing N N 313 
SER N     H2     sing N N 314 
SER CA    C      sing N N 315 
SER CA    CB     sing N N 316 
SER CA    HA     sing N N 317 
SER C     O      doub N N 318 
SER C     OXT    sing N N 319 
SER CB    OG     sing N N 320 
SER CB    HB2    sing N N 321 
SER CB    HB3    sing N N 322 
SER OG    HG     sing N N 323 
SER OXT   HXT    sing N N 324 
THR N     CA     sing N N 325 
THR N     H      sing N N 326 
THR N     H2     sing N N 327 
THR CA    C      sing N N 328 
THR CA    CB     sing N N 329 
THR CA    HA     sing N N 330 
THR C     O      doub N N 331 
THR C     OXT    sing N N 332 
THR CB    OG1    sing N N 333 
THR CB    CG2    sing N N 334 
THR CB    HB     sing N N 335 
THR OG1   HG1    sing N N 336 
THR CG2   HG21   sing N N 337 
THR CG2   HG22   sing N N 338 
THR CG2   HG23   sing N N 339 
THR OXT   HXT    sing N N 340 
TRP N     CA     sing N N 341 
TRP N     H      sing N N 342 
TRP N     H2     sing N N 343 
TRP CA    C      sing N N 344 
TRP CA    CB     sing N N 345 
TRP CA    HA     sing N N 346 
TRP C     O      doub N N 347 
TRP C     OXT    sing N N 348 
TRP CB    CG     sing N N 349 
TRP CB    HB2    sing N N 350 
TRP CB    HB3    sing N N 351 
TRP CG    CD1    doub Y N 352 
TRP CG    CD2    sing Y N 353 
TRP CD1   NE1    sing Y N 354 
TRP CD1   HD1    sing N N 355 
TRP CD2   CE2    doub Y N 356 
TRP CD2   CE3    sing Y N 357 
TRP NE1   CE2    sing Y N 358 
TRP NE1   HE1    sing N N 359 
TRP CE2   CZ2    sing Y N 360 
TRP CE3   CZ3    doub Y N 361 
TRP CE3   HE3    sing N N 362 
TRP CZ2   CH2    doub Y N 363 
TRP CZ2   HZ2    sing N N 364 
TRP CZ3   CH2    sing Y N 365 
TRP CZ3   HZ3    sing N N 366 
TRP CH2   HH2    sing N N 367 
TRP OXT   HXT    sing N N 368 
TYR N     CA     sing N N 369 
TYR N     H      sing N N 370 
TYR N     H2     sing N N 371 
TYR CA    C      sing N N 372 
TYR CA    CB     sing N N 373 
TYR CA    HA     sing N N 374 
TYR C     O      doub N N 375 
TYR C     OXT    sing N N 376 
TYR CB    CG     sing N N 377 
TYR CB    HB2    sing N N 378 
TYR CB    HB3    sing N N 379 
TYR CG    CD1    doub Y N 380 
TYR CG    CD2    sing Y N 381 
TYR CD1   CE1    sing Y N 382 
TYR CD1   HD1    sing N N 383 
TYR CD2   CE2    doub Y N 384 
TYR CD2   HD2    sing N N 385 
TYR CE1   CZ     doub Y N 386 
TYR CE1   HE1    sing N N 387 
TYR CE2   CZ     sing Y N 388 
TYR CE2   HE2    sing N N 389 
TYR CZ    OH     sing N N 390 
TYR OH    HH     sing N N 391 
TYR OXT   HXT    sing N N 392 
VAL N     CA     sing N N 393 
VAL N     H      sing N N 394 
VAL N     H2     sing N N 395 
VAL CA    C      sing N N 396 
VAL CA    CB     sing N N 397 
VAL CA    HA     sing N N 398 
VAL C     O      doub N N 399 
VAL C     OXT    sing N N 400 
VAL CB    CG1    sing N N 401 
VAL CB    CG2    sing N N 402 
VAL CB    HB     sing N N 403 
VAL CG1   HG11   sing N N 404 
VAL CG1   HG12   sing N N 405 
VAL CG1   HG13   sing N N 406 
VAL CG2   HG21   sing N N 407 
VAL CG2   HG22   sing N N 408 
VAL CG2   HG23   sing N N 409 
VAL OXT   HXT    sing N N 410 
# 
_pdbx_entity_nonpoly.entity_id   3 
_pdbx_entity_nonpoly.name        'MAGNESIUM ION' 
_pdbx_entity_nonpoly.comp_id     MG 
# 
_pdbx_initial_refinement_model.id               1 
_pdbx_initial_refinement_model.entity_id_list   ? 
_pdbx_initial_refinement_model.type             'experimental model' 
_pdbx_initial_refinement_model.source_name      PDB 
_pdbx_initial_refinement_model.accession_code   3SYY 
_pdbx_initial_refinement_model.details          ? 
# 
